data_4LN2
# 
_entry.id   4LN2 
# 
_audit_conform.dict_name       mmcif_pdbx.dic 
_audit_conform.dict_version    5.381 
_audit_conform.dict_location   http://mmcif.pdb.org/dictionaries/ascii/mmcif_pdbx.dic 
# 
loop_
_database_2.database_id 
_database_2.database_code 
_database_2.pdbx_database_accession 
_database_2.pdbx_DOI 
PDB   4LN2         pdb_00004ln2 10.2210/pdb4ln2/pdb 
RCSB  RCSB080835   ?            ?                   
WWPDB D_1000080835 ?            ?                   
# 
loop_
_pdbx_database_related.db_name 
_pdbx_database_related.db_id 
_pdbx_database_related.details 
_pdbx_database_related.content_type 
PDB 4LNP . unspecified 
PDB 2MOX . unspecified 
# 
_pdbx_database_status.status_code                     REL 
_pdbx_database_status.entry_id                        4LN2 
_pdbx_database_status.recvd_initial_deposition_date   2013-07-11 
_pdbx_database_status.deposit_site                    RCSB 
_pdbx_database_status.process_site                    PDBJ 
_pdbx_database_status.methods_development_category    ? 
_pdbx_database_status.status_code_sf                  REL 
_pdbx_database_status.status_code_mr                  ? 
_pdbx_database_status.SG_entry                        ? 
_pdbx_database_status.status_code_cs                  ? 
_pdbx_database_status.pdb_format_compatible           Y 
_pdbx_database_status.status_code_nmr_data            ? 
# 
loop_
_audit_author.name 
_audit_author.pdbx_ordinal 
'Zhao, D.'  1 
'Li, F.'    2 
'Wu, J.'    3 
'Shi, Y.'   4 
'Zhang, Z.' 5 
'Gong, Q.'  6 
# 
_citation.id                        primary 
_citation.title                     
'Structural investigation of the interaction between the tandem SH3 domains of c-Cbl-associated protein and vinculin' 
_citation.journal_abbrev            J.Struct.Biol. 
_citation.journal_volume            187 
_citation.page_first                194 
_citation.page_last                 205 
_citation.year                      2014 
_citation.journal_id_ASTM           JSBIEM 
_citation.country                   US 
_citation.journal_id_ISSN           1047-8477 
_citation.journal_id_CSD            0803 
_citation.book_publisher            ? 
_citation.pdbx_database_id_PubMed   24878663 
_citation.pdbx_database_id_DOI      10.1016/j.jsb.2014.05.009 
# 
loop_
_citation_author.citation_id 
_citation_author.name 
_citation_author.ordinal 
_citation_author.identifier_ORCID 
primary 'Zhao, D.'  1  ? 
primary 'Wang, X.'  2  ? 
primary 'Peng, J.'  3  ? 
primary 'Wang, C.'  4  ? 
primary 'Li, F.'    5  ? 
primary 'Sun, Q.'   6  ? 
primary 'Zhang, Y.' 7  ? 
primary 'Zhang, J.' 8  ? 
primary 'Cai, G.'   9  ? 
primary 'Zuo, X.'   10 ? 
primary 'Wu, J.'    11 ? 
primary 'Shi, Y.'   12 ? 
primary 'Zhang, Z.' 13 ? 
primary 'Gong, Q.'  14 ? 
# 
_cell.entry_id           4LN2 
_cell.length_a           28.870 
_cell.length_b           45.850 
_cell.length_c           52.860 
_cell.angle_alpha        90.00 
_cell.angle_beta         90.00 
_cell.angle_gamma        90.00 
_cell.Z_PDB              4 
_cell.pdbx_unique_axis   ? 
_cell.length_a_esd       ? 
_cell.length_b_esd       ? 
_cell.length_c_esd       ? 
_cell.angle_alpha_esd    ? 
_cell.angle_beta_esd     ? 
_cell.angle_gamma_esd    ? 
# 
_symmetry.entry_id                         4LN2 
_symmetry.space_group_name_H-M             'P 21 21 21' 
_symmetry.pdbx_full_space_group_name_H-M   ? 
_symmetry.cell_setting                     ? 
_symmetry.Int_Tables_number                19 
_symmetry.space_group_name_Hall            ? 
# 
loop_
_entity.id 
_entity.type 
_entity.src_method 
_entity.pdbx_description 
_entity.formula_weight 
_entity.pdbx_number_of_molecules 
_entity.pdbx_ec 
_entity.pdbx_mutation 
_entity.pdbx_fragment 
_entity.details 
1 polymer man 'Sorbin and SH3 domain-containing protein 1' 7970.064 1   ? ? 'UNP residues 866-930' ? 
2 polymer man 'proline rich peptide'                       1188.390 1   ? ? 'UNP residues 857-867' ? 
3 water   nat water                                        18.015   121 ? ? ?                      ? 
# 
_entity_name_com.entity_id   1 
_entity_name_com.name        'Ponsin, SH3 domain protein 5, SH3P12, c-Cbl-associated protein, CAP' 
# 
loop_
_entity_poly.entity_id 
_entity_poly.type 
_entity_poly.nstd_linkage 
_entity_poly.nstd_monomer 
_entity_poly.pdbx_seq_one_letter_code 
_entity_poly.pdbx_seq_one_letter_code_can 
_entity_poly.pdbx_strand_id 
_entity_poly.pdbx_target_identifier 
1 'polypeptide(L)' no no QHMVLEYGEAIAKFNFNGDTQVEMSFRKGERITLLRQVDENWYEGRIPGTSRQGIFPITYVDVIKRPL 
QHMVLEYGEAIAKFNFNGDTQVEMSFRKGERITLLRQVDENWYEGRIPGTSRQGIFPITYVDVIKRPL A ? 
2 'polypeptide(L)' no no ELAPPKPPLPE                                                          ELAPPKPPLPE B ? 
# 
loop_
_entity_poly_seq.entity_id 
_entity_poly_seq.num 
_entity_poly_seq.mon_id 
_entity_poly_seq.hetero 
1 1  GLN n 
1 2  HIS n 
1 3  MET n 
1 4  VAL n 
1 5  LEU n 
1 6  GLU n 
1 7  TYR n 
1 8  GLY n 
1 9  GLU n 
1 10 ALA n 
1 11 ILE n 
1 12 ALA n 
1 13 LYS n 
1 14 PHE n 
1 15 ASN n 
1 16 PHE n 
1 17 ASN n 
1 18 GLY n 
1 19 ASP n 
1 20 THR n 
1 21 GLN n 
1 22 VAL n 
1 23 GLU n 
1 24 MET n 
1 25 SER n 
1 26 PHE n 
1 27 ARG n 
1 28 LYS n 
1 29 GLY n 
1 30 GLU n 
1 31 ARG n 
1 32 ILE n 
1 33 THR n 
1 34 LEU n 
1 35 LEU n 
1 36 ARG n 
1 37 GLN n 
1 38 VAL n 
1 39 ASP n 
1 40 GLU n 
1 41 ASN n 
1 42 TRP n 
1 43 TYR n 
1 44 GLU n 
1 45 GLY n 
1 46 ARG n 
1 47 ILE n 
1 48 PRO n 
1 49 GLY n 
1 50 THR n 
1 51 SER n 
1 52 ARG n 
1 53 GLN n 
1 54 GLY n 
1 55 ILE n 
1 56 PHE n 
1 57 PRO n 
1 58 ILE n 
1 59 THR n 
1 60 TYR n 
1 61 VAL n 
1 62 ASP n 
1 63 VAL n 
1 64 ILE n 
1 65 LYS n 
1 66 ARG n 
1 67 PRO n 
1 68 LEU n 
2 1  GLU n 
2 2  LEU n 
2 3  ALA n 
2 4  PRO n 
2 5  PRO n 
2 6  LYS n 
2 7  PRO n 
2 8  PRO n 
2 9  LEU n 
2 10 PRO n 
2 11 GLU n 
# 
loop_
_entity_src_gen.entity_id 
_entity_src_gen.pdbx_src_id 
_entity_src_gen.pdbx_alt_source_flag 
_entity_src_gen.pdbx_seq_type 
_entity_src_gen.pdbx_beg_seq_num 
_entity_src_gen.pdbx_end_seq_num 
_entity_src_gen.gene_src_common_name 
_entity_src_gen.gene_src_genus 
_entity_src_gen.pdbx_gene_src_gene 
_entity_src_gen.gene_src_species 
_entity_src_gen.gene_src_strain 
_entity_src_gen.gene_src_tissue 
_entity_src_gen.gene_src_tissue_fraction 
_entity_src_gen.gene_src_details 
_entity_src_gen.pdbx_gene_src_fragment 
_entity_src_gen.pdbx_gene_src_scientific_name 
_entity_src_gen.pdbx_gene_src_ncbi_taxonomy_id 
_entity_src_gen.pdbx_gene_src_variant 
_entity_src_gen.pdbx_gene_src_cell_line 
_entity_src_gen.pdbx_gene_src_atcc 
_entity_src_gen.pdbx_gene_src_organ 
_entity_src_gen.pdbx_gene_src_organelle 
_entity_src_gen.pdbx_gene_src_cell 
_entity_src_gen.pdbx_gene_src_cellular_location 
_entity_src_gen.host_org_common_name 
_entity_src_gen.pdbx_host_org_scientific_name 
_entity_src_gen.pdbx_host_org_ncbi_taxonomy_id 
_entity_src_gen.host_org_genus 
_entity_src_gen.pdbx_host_org_gene 
_entity_src_gen.pdbx_host_org_organ 
_entity_src_gen.host_org_species 
_entity_src_gen.pdbx_host_org_tissue 
_entity_src_gen.pdbx_host_org_tissue_fraction 
_entity_src_gen.pdbx_host_org_strain 
_entity_src_gen.pdbx_host_org_variant 
_entity_src_gen.pdbx_host_org_cell_line 
_entity_src_gen.pdbx_host_org_atcc 
_entity_src_gen.pdbx_host_org_culture_collection 
_entity_src_gen.pdbx_host_org_cell 
_entity_src_gen.pdbx_host_org_organelle 
_entity_src_gen.pdbx_host_org_cellular_location 
_entity_src_gen.pdbx_host_org_vector_type 
_entity_src_gen.pdbx_host_org_vector 
_entity_src_gen.host_org_details 
_entity_src_gen.expression_system_id 
_entity_src_gen.plasmid_name 
_entity_src_gen.plasmid_details 
_entity_src_gen.pdbx_description 
1 1 sample ? ? ? human ? 'KIAA0894, KIAA1296, SH3D5, SORBS1' ? ? ? ? ? ? 'Homo sapiens' 9606 ? ? ? ? ? ? ? ? 'Escherichia coli' 
562 ? ? ? ? ? ? ? ? ? ? ? ? ? ? ? ? ? ? ? ? ? 
2 1 sample ? ? ? human ? VCL                                 ? ? ? ? ? ? 'Homo sapiens' 9606 ? ? ? ? ? ? ? ? 'Escherichia coli' 
562 ? ? ? ? ? ? ? ? ? ? ? ? ? ? ? ? ? ? ? ? ? 
# 
loop_
_struct_ref.id 
_struct_ref.db_name 
_struct_ref.db_code 
_struct_ref.pdbx_db_accession 
_struct_ref.entity_id 
_struct_ref.pdbx_seq_one_letter_code 
_struct_ref.pdbx_align_begin 
_struct_ref.pdbx_db_isoform 
1 UNP SRBS1_HUMAN Q9BX66 1 VLEYGEAIAKFNFNGDTQVEMSFRKGERITLLRQVDENWYEGRIPGTSRQGIFPITYVDVIKRPL 866 ? 
2 UNP VINC_HUMAN  P18206 2 ELAPPKPPLPE                                                       857 ? 
# 
loop_
_struct_ref_seq.align_id 
_struct_ref_seq.ref_id 
_struct_ref_seq.pdbx_PDB_id_code 
_struct_ref_seq.pdbx_strand_id 
_struct_ref_seq.seq_align_beg 
_struct_ref_seq.pdbx_seq_align_beg_ins_code 
_struct_ref_seq.seq_align_end 
_struct_ref_seq.pdbx_seq_align_end_ins_code 
_struct_ref_seq.pdbx_db_accession 
_struct_ref_seq.db_align_beg 
_struct_ref_seq.pdbx_db_align_beg_ins_code 
_struct_ref_seq.db_align_end 
_struct_ref_seq.pdbx_db_align_end_ins_code 
_struct_ref_seq.pdbx_auth_seq_align_beg 
_struct_ref_seq.pdbx_auth_seq_align_end 
1 1 4LN2 A 4 ? 68 ? Q9BX66 866 ? 930 ? 866 930 
2 2 4LN2 B 1 ? 11 ? P18206 857 ? 867 ? 857 867 
# 
loop_
_struct_ref_seq_dif.align_id 
_struct_ref_seq_dif.pdbx_pdb_id_code 
_struct_ref_seq_dif.mon_id 
_struct_ref_seq_dif.pdbx_pdb_strand_id 
_struct_ref_seq_dif.seq_num 
_struct_ref_seq_dif.pdbx_pdb_ins_code 
_struct_ref_seq_dif.pdbx_seq_db_name 
_struct_ref_seq_dif.pdbx_seq_db_accession_code 
_struct_ref_seq_dif.db_mon_id 
_struct_ref_seq_dif.pdbx_seq_db_seq_num 
_struct_ref_seq_dif.details 
_struct_ref_seq_dif.pdbx_auth_seq_num 
_struct_ref_seq_dif.pdbx_ordinal 
1 4LN2 GLN A 1 ? UNP Q9BX66 ? ? 'expression tag' 863 1 
1 4LN2 HIS A 2 ? UNP Q9BX66 ? ? 'expression tag' 864 2 
1 4LN2 MET A 3 ? UNP Q9BX66 ? ? 'expression tag' 865 3 
# 
loop_
_chem_comp.id 
_chem_comp.type 
_chem_comp.mon_nstd_flag 
_chem_comp.name 
_chem_comp.pdbx_synonyms 
_chem_comp.formula 
_chem_comp.formula_weight 
ALA 'L-peptide linking' y ALANINE         ? 'C3 H7 N O2'     89.093  
ARG 'L-peptide linking' y ARGININE        ? 'C6 H15 N4 O2 1' 175.209 
ASN 'L-peptide linking' y ASPARAGINE      ? 'C4 H8 N2 O3'    132.118 
ASP 'L-peptide linking' y 'ASPARTIC ACID' ? 'C4 H7 N O4'     133.103 
GLN 'L-peptide linking' y GLUTAMINE       ? 'C5 H10 N2 O3'   146.144 
GLU 'L-peptide linking' y 'GLUTAMIC ACID' ? 'C5 H9 N O4'     147.129 
GLY 'peptide linking'   y GLYCINE         ? 'C2 H5 N O2'     75.067  
HIS 'L-peptide linking' y HISTIDINE       ? 'C6 H10 N3 O2 1' 156.162 
HOH non-polymer         . WATER           ? 'H2 O'           18.015  
ILE 'L-peptide linking' y ISOLEUCINE      ? 'C6 H13 N O2'    131.173 
LEU 'L-peptide linking' y LEUCINE         ? 'C6 H13 N O2'    131.173 
LYS 'L-peptide linking' y LYSINE          ? 'C6 H15 N2 O2 1' 147.195 
MET 'L-peptide linking' y METHIONINE      ? 'C5 H11 N O2 S'  149.211 
PHE 'L-peptide linking' y PHENYLALANINE   ? 'C9 H11 N O2'    165.189 
PRO 'L-peptide linking' y PROLINE         ? 'C5 H9 N O2'     115.130 
SER 'L-peptide linking' y SERINE          ? 'C3 H7 N O3'     105.093 
THR 'L-peptide linking' y THREONINE       ? 'C4 H9 N O3'     119.119 
TRP 'L-peptide linking' y TRYPTOPHAN      ? 'C11 H12 N2 O2'  204.225 
TYR 'L-peptide linking' y TYROSINE        ? 'C9 H11 N O3'    181.189 
VAL 'L-peptide linking' y VALINE          ? 'C5 H11 N O2'    117.146 
# 
_exptl.entry_id          4LN2 
_exptl.method            'X-RAY DIFFRACTION' 
_exptl.crystals_number   1 
# 
_exptl_crystal.id                    1 
_exptl_crystal.density_meas          ? 
_exptl_crystal.density_Matthews      1.91 
_exptl_crystal.density_percent_sol   35.60 
_exptl_crystal.description           ? 
_exptl_crystal.F_000                 ? 
_exptl_crystal.preparation           ? 
# 
_exptl_crystal_grow.crystal_id      1 
_exptl_crystal_grow.method          EVAPORATION 
_exptl_crystal_grow.temp            ? 
_exptl_crystal_grow.temp_details    ? 
_exptl_crystal_grow.pH              ? 
_exptl_crystal_grow.pdbx_pH_range   ? 
_exptl_crystal_grow.pdbx_details    EVAPORATION 
# 
_diffrn.id                     1 
_diffrn.ambient_temp           77 
_diffrn.ambient_temp_details   ? 
_diffrn.crystal_id             1 
# 
_diffrn_detector.diffrn_id              1 
_diffrn_detector.detector               CCD 
_diffrn_detector.type                   'ADSC QUANTUM 315r' 
_diffrn_detector.pdbx_collection_date   2012-05-07 
_diffrn_detector.details                ? 
# 
_diffrn_radiation.diffrn_id                        1 
_diffrn_radiation.wavelength_id                    1 
_diffrn_radiation.pdbx_monochromatic_or_laue_m_l   M 
_diffrn_radiation.monochromator                    ? 
_diffrn_radiation.pdbx_diffrn_protocol             'SINGLE WAVELENGTH' 
_diffrn_radiation.pdbx_scattering_type             x-ray 
# 
_diffrn_radiation_wavelength.id           1 
_diffrn_radiation_wavelength.wavelength   . 
_diffrn_radiation_wavelength.wt           1.0 
# 
_diffrn_source.diffrn_id                   1 
_diffrn_source.source                      SYNCHROTRON 
_diffrn_source.type                        'SSRF BEAMLINE BL17U' 
_diffrn_source.pdbx_synchrotron_site       SSRF 
_diffrn_source.pdbx_synchrotron_beamline   BL17U 
_diffrn_source.pdbx_wavelength             ? 
_diffrn_source.pdbx_wavelength_list        ? 
# 
_reflns.pdbx_diffrn_id               1 
_reflns.pdbx_ordinal                 1 
_reflns.entry_id                     4LN2 
_reflns.observed_criterion_sigma_I   ? 
_reflns.observed_criterion_sigma_F   ? 
_reflns.d_resolution_low             34.64 
_reflns.d_resolution_high            1.00 
_reflns.number_obs                   36766 
_reflns.number_all                   38774 
_reflns.percent_possible_obs         ? 
_reflns.pdbx_Rmerge_I_obs            ? 
_reflns.pdbx_Rsym_value              ? 
_reflns.pdbx_netI_over_sigmaI        ? 
_reflns.B_iso_Wilson_estimate        ? 
_reflns.pdbx_redundancy              ? 
_reflns.R_free_details               ? 
_reflns.limit_h_max                  ? 
_reflns.limit_h_min                  ? 
_reflns.limit_k_max                  ? 
_reflns.limit_k_min                  ? 
_reflns.limit_l_max                  ? 
_reflns.limit_l_min                  ? 
_reflns.observed_criterion_F_max     ? 
_reflns.observed_criterion_F_min     ? 
_reflns.pdbx_chi_squared             ? 
_reflns.pdbx_scaling_rejects         ? 
# 
_refine.pdbx_refine_id                           'X-RAY DIFFRACTION' 
_refine.entry_id                                 4LN2 
_refine.pdbx_diffrn_id                           1 
_refine.pdbx_TLS_residual_ADP_flag               ? 
_refine.ls_number_reflns_obs                     36766 
_refine.ls_number_reflns_all                     ? 
_refine.pdbx_ls_sigma_I                          ? 
_refine.pdbx_ls_sigma_F                          . 
_refine.pdbx_data_cutoff_high_absF               ? 
_refine.pdbx_data_cutoff_low_absF                ? 
_refine.pdbx_data_cutoff_high_rms_absF           ? 
_refine.ls_d_res_low                             26.43 
_refine.ls_d_res_high                            1.00 
_refine.ls_percent_reflns_obs                    99.53 
_refine.ls_R_factor_obs                          0.13995 
_refine.ls_R_factor_all                          ? 
_refine.ls_R_factor_R_work                       0.13932 
_refine.ls_R_factor_R_free                       0.15188 
_refine.ls_R_factor_R_free_error                 ? 
_refine.ls_R_factor_R_free_error_details         ? 
_refine.ls_percent_reflns_R_free                 5.0 
_refine.ls_number_reflns_R_free                  1945 
_refine.ls_number_parameters                     ? 
_refine.ls_number_restraints                     ? 
_refine.occupancy_min                            ? 
_refine.occupancy_max                            ? 
_refine.correlation_coeff_Fo_to_Fc               0.973 
_refine.correlation_coeff_Fo_to_Fc_free          0.970 
_refine.B_iso_mean                               9.226 
_refine.aniso_B[1][1]                            0.01 
_refine.aniso_B[2][2]                            -0.03 
_refine.aniso_B[3][3]                            0.02 
_refine.aniso_B[1][2]                            0.00 
_refine.aniso_B[1][3]                            -0.00 
_refine.aniso_B[2][3]                            0.00 
_refine.solvent_model_details                    MASK 
_refine.solvent_model_param_ksol                 ? 
_refine.solvent_model_param_bsol                 ? 
_refine.pdbx_solvent_vdw_probe_radii             1.20 
_refine.pdbx_solvent_ion_probe_radii             0.80 
_refine.pdbx_solvent_shrinkage_radii             0.80 
_refine.pdbx_ls_cross_valid_method               THROUGHOUT 
_refine.details                                  'HYDROGENS HAVE BEEN ADDED IN THE RIDING POSITIONS' 
_refine.pdbx_starting_model                      2o9S 
_refine.pdbx_method_to_determine_struct          'MOLECULAR REPLACEMENT' 
_refine.pdbx_isotropic_thermal_model             ? 
_refine.pdbx_stereochemistry_target_values       'MAXIMUM LIKELIHOOD' 
_refine.pdbx_stereochem_target_val_spec_case     ? 
_refine.pdbx_R_Free_selection_details            RANDOM 
_refine.pdbx_overall_ESU_R                       0.023 
_refine.pdbx_overall_ESU_R_Free                  0.023 
_refine.overall_SU_ML                            0.014 
_refine.pdbx_overall_phase_error                 ? 
_refine.overall_SU_B                             0.551 
_refine.overall_SU_R_Cruickshank_DPI             ? 
_refine.pdbx_overall_SU_R_free_Cruickshank_DPI   ? 
_refine.pdbx_overall_SU_R_Blow_DPI               ? 
_refine.pdbx_overall_SU_R_free_Blow_DPI          ? 
_refine.ls_redundancy_reflns_obs                 ? 
_refine.B_iso_min                                ? 
_refine.B_iso_max                                ? 
_refine.overall_SU_R_free                        ? 
_refine.ls_wR_factor_R_free                      ? 
_refine.ls_wR_factor_R_work                      ? 
_refine.overall_FOM_free_R_set                   ? 
_refine.overall_FOM_work_R_set                   ? 
# 
_refine_hist.pdbx_refine_id                   'X-RAY DIFFRACTION' 
_refine_hist.cycle_id                         LAST 
_refine_hist.pdbx_number_atoms_protein        615 
_refine_hist.pdbx_number_atoms_nucleic_acid   0 
_refine_hist.pdbx_number_atoms_ligand         0 
_refine_hist.number_atoms_solvent             121 
_refine_hist.number_atoms_total               736 
_refine_hist.d_res_high                       1.00 
_refine_hist.d_res_low                        26.43 
# 
loop_
_refine_ls_restr.type 
_refine_ls_restr.dev_ideal 
_refine_ls_restr.dev_ideal_target 
_refine_ls_restr.weight 
_refine_ls_restr.number 
_refine_ls_restr.pdbx_refine_id 
_refine_ls_restr.pdbx_restraint_function 
r_bond_refined_d             0.006  0.019  ? 682  'X-RAY DIFFRACTION' ? 
r_bond_other_d               0.001  0.020  ? 651  'X-RAY DIFFRACTION' ? 
r_angle_refined_deg          1.335  1.997  ? 931  'X-RAY DIFFRACTION' ? 
r_angle_other_deg            0.696  3.000  ? 1502 'X-RAY DIFFRACTION' ? 
r_dihedral_angle_1_deg       6.839  5.000  ? 84   'X-RAY DIFFRACTION' ? 
r_dihedral_angle_2_deg       33.568 22.941 ? 34   'X-RAY DIFFRACTION' ? 
r_dihedral_angle_3_deg       9.534  15.000 ? 115  'X-RAY DIFFRACTION' ? 
r_dihedral_angle_4_deg       17.051 15.000 ? 8    'X-RAY DIFFRACTION' ? 
r_chiral_restr               0.070  0.200  ? 96   'X-RAY DIFFRACTION' ? 
r_gen_planes_refined         0.006  0.021  ? 791  'X-RAY DIFFRACTION' ? 
r_gen_planes_other           0.002  0.020  ? 157  'X-RAY DIFFRACTION' ? 
r_nbd_refined                ?      ?      ? ?    'X-RAY DIFFRACTION' ? 
r_nbd_other                  ?      ?      ? ?    'X-RAY DIFFRACTION' ? 
r_nbtor_refined              ?      ?      ? ?    'X-RAY DIFFRACTION' ? 
r_nbtor_other                ?      ?      ? ?    'X-RAY DIFFRACTION' ? 
r_xyhbond_nbd_refined        ?      ?      ? ?    'X-RAY DIFFRACTION' ? 
r_xyhbond_nbd_other          ?      ?      ? ?    'X-RAY DIFFRACTION' ? 
r_metal_ion_refined          ?      ?      ? ?    'X-RAY DIFFRACTION' ? 
r_metal_ion_other            ?      ?      ? ?    'X-RAY DIFFRACTION' ? 
r_symmetry_vdw_refined       ?      ?      ? ?    'X-RAY DIFFRACTION' ? 
r_symmetry_vdw_other         ?      ?      ? ?    'X-RAY DIFFRACTION' ? 
r_symmetry_hbond_refined     ?      ?      ? ?    'X-RAY DIFFRACTION' ? 
r_symmetry_hbond_other       ?      ?      ? ?    'X-RAY DIFFRACTION' ? 
r_symmetry_metal_ion_refined ?      ?      ? ?    'X-RAY DIFFRACTION' ? 
r_symmetry_metal_ion_other   ?      ?      ? ?    'X-RAY DIFFRACTION' ? 
r_mcbond_it                  2.703  0.743  ? 330  'X-RAY DIFFRACTION' ? 
r_mcbond_other               2.707  0.743  ? 329  'X-RAY DIFFRACTION' ? 
r_mcangle_it                 3.005  1.122  ? 416  'X-RAY DIFFRACTION' ? 
r_mcangle_other              8.075  1.181  ? 407  'X-RAY DIFFRACTION' ? 
r_scbond_it                  6.890  0.833  ? 352  'X-RAY DIFFRACTION' ? 
r_scbond_other               8.915  0.912  ? 346  'X-RAY DIFFRACTION' ? 
r_scangle_it                 ?      ?      ? ?    'X-RAY DIFFRACTION' ? 
r_scangle_other              11.106 1.314  ? 508  'X-RAY DIFFRACTION' ? 
r_long_range_B_refined       13.533 8.434  ? 841  'X-RAY DIFFRACTION' ? 
r_long_range_B_other         12.754 7.323  ? 761  'X-RAY DIFFRACTION' ? 
r_rigid_bond_restr           1.908  3.000  ? 1333 'X-RAY DIFFRACTION' ? 
r_sphericity_free            26.540 5.000  ? 21   'X-RAY DIFFRACTION' ? 
r_sphericity_bonded          10.879 5.000  ? 1414 'X-RAY DIFFRACTION' ? 
# 
_refine_ls_shell.pdbx_refine_id                   'X-RAY DIFFRACTION' 
_refine_ls_shell.pdbx_total_number_of_bins_used   20 
_refine_ls_shell.d_res_high                       0.998 
_refine_ls_shell.d_res_low                        1.024 
_refine_ls_shell.number_reflns_R_work             2543 
_refine_ls_shell.R_factor_R_work                  0.201 
_refine_ls_shell.percent_reflns_obs               94.51 
_refine_ls_shell.R_factor_R_free                  0.207 
_refine_ls_shell.R_factor_R_free_error            ? 
_refine_ls_shell.percent_reflns_R_free            ? 
_refine_ls_shell.number_reflns_R_free             126 
_refine_ls_shell.number_reflns_all                ? 
_refine_ls_shell.R_factor_all                     ? 
_refine_ls_shell.redundancy_reflns_obs            ? 
_refine_ls_shell.number_reflns_obs                ? 
# 
_struct.entry_id                  4LN2 
_struct.title                     'The second SH3 domain from CAP/Ponsin in complex with proline rich peptide from Vinculin' 
_struct.pdbx_model_details        ? 
_struct.pdbx_CASP_flag            ? 
_struct.pdbx_model_type_details   ? 
# 
_struct_keywords.entry_id        4LN2 
_struct_keywords.pdbx_keywords   'SIGNALING PROTEIN' 
_struct_keywords.text            'sh3 domain, cell migration, focal adhesion, SIGNALING PROTEIN' 
# 
loop_
_struct_asym.id 
_struct_asym.pdbx_blank_PDB_chainid_flag 
_struct_asym.pdbx_modified 
_struct_asym.entity_id 
_struct_asym.details 
A N N 1 ? 
B N N 2 ? 
C N N 3 ? 
D N N 3 ? 
# 
_struct_biol.id        1 
_struct_biol.details   ? 
# 
_struct_sheet.id               A 
_struct_sheet.type             ? 
_struct_sheet.number_strands   5 
_struct_sheet.details          ? 
# 
loop_
_struct_sheet_order.sheet_id 
_struct_sheet_order.range_id_1 
_struct_sheet_order.range_id_2 
_struct_sheet_order.offset 
_struct_sheet_order.sense 
A 1 2 ? anti-parallel 
A 2 3 ? anti-parallel 
A 3 4 ? anti-parallel 
A 4 5 ? anti-parallel 
# 
loop_
_struct_sheet_range.sheet_id 
_struct_sheet_range.id 
_struct_sheet_range.beg_label_comp_id 
_struct_sheet_range.beg_label_asym_id 
_struct_sheet_range.beg_label_seq_id 
_struct_sheet_range.pdbx_beg_PDB_ins_code 
_struct_sheet_range.end_label_comp_id 
_struct_sheet_range.end_label_asym_id 
_struct_sheet_range.end_label_seq_id 
_struct_sheet_range.pdbx_end_PDB_ins_code 
_struct_sheet_range.beg_auth_comp_id 
_struct_sheet_range.beg_auth_asym_id 
_struct_sheet_range.beg_auth_seq_id 
_struct_sheet_range.end_auth_comp_id 
_struct_sheet_range.end_auth_asym_id 
_struct_sheet_range.end_auth_seq_id 
A 1 GLN A 53 ? PRO A 57 ? GLN A 915 PRO A 919 
A 2 TRP A 42 ? ARG A 46 ? TRP A 904 ARG A 908 
A 3 ARG A 31 ? GLN A 37 ? ARG A 893 GLN A 899 
A 4 GLY A 8  ? ALA A 12 ? GLY A 870 ALA A 874 
A 5 VAL A 61 ? LYS A 65 ? VAL A 923 LYS A 927 
# 
loop_
_pdbx_struct_sheet_hbond.sheet_id 
_pdbx_struct_sheet_hbond.range_id_1 
_pdbx_struct_sheet_hbond.range_id_2 
_pdbx_struct_sheet_hbond.range_1_label_atom_id 
_pdbx_struct_sheet_hbond.range_1_label_comp_id 
_pdbx_struct_sheet_hbond.range_1_label_asym_id 
_pdbx_struct_sheet_hbond.range_1_label_seq_id 
_pdbx_struct_sheet_hbond.range_1_PDB_ins_code 
_pdbx_struct_sheet_hbond.range_1_auth_atom_id 
_pdbx_struct_sheet_hbond.range_1_auth_comp_id 
_pdbx_struct_sheet_hbond.range_1_auth_asym_id 
_pdbx_struct_sheet_hbond.range_1_auth_seq_id 
_pdbx_struct_sheet_hbond.range_2_label_atom_id 
_pdbx_struct_sheet_hbond.range_2_label_comp_id 
_pdbx_struct_sheet_hbond.range_2_label_asym_id 
_pdbx_struct_sheet_hbond.range_2_label_seq_id 
_pdbx_struct_sheet_hbond.range_2_PDB_ins_code 
_pdbx_struct_sheet_hbond.range_2_auth_atom_id 
_pdbx_struct_sheet_hbond.range_2_auth_comp_id 
_pdbx_struct_sheet_hbond.range_2_auth_asym_id 
_pdbx_struct_sheet_hbond.range_2_auth_seq_id 
A 1 2 O GLY A 54 ? O GLY A 916 N GLY A 45 ? N GLY A 907 
A 2 3 O ARG A 46 ? O ARG A 908 N THR A 33 ? N THR A 895 
A 3 4 O ILE A 32 ? O ILE A 894 N ALA A 10 ? N ALA A 872 
A 4 5 N ILE A 11 ? N ILE A 873 O ASP A 62 ? O ASP A 924 
# 
_atom_sites.entry_id                    4LN2 
_atom_sites.fract_transf_matrix[1][1]   -0.03363111 
_atom_sites.fract_transf_matrix[1][2]   0.00256090 
_atom_sites.fract_transf_matrix[1][3]   -0.00788551 
_atom_sites.fract_transf_matrix[2][1]   0.00513996 
_atom_sites.fract_transf_matrix[2][2]   0.01006812 
_atom_sites.fract_transf_matrix[2][3]   -0.01865181 
_atom_sites.fract_transf_matrix[3][1]   0.00079199 
_atom_sites.fract_transf_matrix[3][2]   -0.01672326 
_atom_sites.fract_transf_matrix[3][3]   -0.00880885 
_atom_sites.fract_transf_vector[1]      0.379684 
_atom_sites.fract_transf_vector[2]      -0.007770 
_atom_sites.fract_transf_vector[3]      -0.098536 
# 
loop_
_atom_type.symbol 
C 
N 
O 
S 
# 
loop_
_atom_site.group_PDB 
_atom_site.id 
_atom_site.type_symbol 
_atom_site.label_atom_id 
_atom_site.label_alt_id 
_atom_site.label_comp_id 
_atom_site.label_asym_id 
_atom_site.label_entity_id 
_atom_site.label_seq_id 
_atom_site.pdbx_PDB_ins_code 
_atom_site.Cartn_x 
_atom_site.Cartn_y 
_atom_site.Cartn_z 
_atom_site.occupancy 
_atom_site.B_iso_or_equiv 
_atom_site.pdbx_formal_charge 
_atom_site.auth_seq_id 
_atom_site.auth_comp_id 
_atom_site.auth_asym_id 
_atom_site.auth_atom_id 
_atom_site.pdbx_PDB_model_num 
ATOM   1   N N   . MET A 1 3  ? 15.780  -1.785  -7.829  1.00 28.70  ? 865  MET A N   1 
ATOM   2   C CA  . MET A 1 3  ? 16.686  -2.078  -6.675  1.00 25.77  ? 865  MET A CA  1 
ATOM   3   C C   . MET A 1 3  ? 16.155  -3.180  -5.750  1.00 21.87  ? 865  MET A C   1 
ATOM   4   O O   . MET A 1 3  ? 16.943  -3.884  -5.117  1.00 21.47  ? 865  MET A O   1 
ATOM   5   C CB  . MET A 1 3  ? 16.943  -0.803  -5.866  1.00 25.68  ? 865  MET A CB  1 
ATOM   6   N N   . VAL A 1 4  ? 14.831  -3.314  -5.666  1.00 18.84  ? 866  VAL A N   1 
ATOM   7   C CA  . VAL A 1 4  ? 14.192  -4.338  -4.835  1.00 14.97  ? 866  VAL A CA  1 
ATOM   8   C C   . VAL A 1 4  ? 14.459  -5.742  -5.396  1.00 14.07  ? 866  VAL A C   1 
ATOM   9   O O   . VAL A 1 4  ? 14.267  -5.992  -6.583  1.00 16.58  ? 866  VAL A O   1 
ATOM   10  C CB  . VAL A 1 4  ? 12.669  -4.074  -4.718  1.00 15.57  ? 866  VAL A CB  1 
ATOM   11  C CG1 . VAL A 1 4  ? 11.923  -5.270  -4.132  1.00 14.10  ? 866  VAL A CG1 1 
ATOM   12  C CG2 . VAL A 1 4  ? 12.427  -2.828  -3.874  1.00 15.47  ? 866  VAL A CG2 1 
ATOM   13  N N   . LEU A 1 5  ? 14.908  -6.643  -4.523  1.00 11.23  ? 867  LEU A N   1 
ATOM   14  C CA  . LEU A 1 5  ? 15.214  -8.025  -4.870  1.00 10.98  ? 867  LEU A CA  1 
ATOM   15  C C   . LEU A 1 5  ? 14.113  -9.004  -4.464  1.00 9.14   ? 867  LEU A C   1 
ATOM   16  O O   . LEU A 1 5  ? 13.975  -10.056 -5.088  1.00 9.30   ? 867  LEU A O   1 
ATOM   17  C CB  . LEU A 1 5  ? 16.523  -8.425  -4.210  1.00 12.81  ? 867  LEU A CB  1 
ATOM   18  C CG  . LEU A 1 5  ? 17.731  -7.595  -4.656  1.00 15.14  ? 867  LEU A CG  1 
ATOM   19  C CD1 . LEU A 1 5  ? 18.959  -8.004  -3.862  1.00 16.75  ? 867  LEU A CD1 1 
ATOM   20  C CD2 . LEU A 1 5  ? 17.995  -7.725  -6.151  1.00 18.43  ? 867  LEU A CD2 1 
ATOM   21  N N   . GLU A 1 6  ? 13.348  -8.666  -3.420  1.00 8.21   ? 868  GLU A N   1 
ATOM   22  C CA  . GLU A 1 6  ? 12.227  -9.499  -2.982  1.00 7.53   ? 868  GLU A CA  1 
ATOM   23  C C   . GLU A 1 6  ? 11.069  -8.574  -2.649  1.00 6.45   ? 868  GLU A C   1 
ATOM   24  O O   . GLU A 1 6  ? 11.213  -7.649  -1.847  1.00 7.90   ? 868  GLU A O   1 
ATOM   25  C CB  . GLU A 1 6  ? 12.573  -10.338 -1.744  1.00 8.34   ? 868  GLU A CB  1 
ATOM   26  C CG  . GLU A 1 6  ? 13.840  -11.164 -1.904  1.00 9.38   ? 868  GLU A CG  1 
ATOM   27  C CD  . GLU A 1 6  ? 14.155  -12.066 -0.727  1.00 11.81  ? 868  GLU A CD  1 
ATOM   28  O OE1 . GLU A 1 6  ? 13.311  -12.268 0.166   1.00 15.58  ? 868  GLU A OE1 1 
ATOM   29  O OE2 . GLU A 1 6  ? 15.290  -12.579 -0.697  1.00 15.58  ? 868  GLU A OE2 1 
ATOM   30  N N   . TYR A 1 7  ? 9.919   -8.824  -3.261  1.00 5.69   ? 869  TYR A N   1 
ATOM   31  C CA  . TYR A 1 7  ? 8.711   -8.119  -2.886  1.00 5.38   ? 869  TYR A CA  1 
ATOM   32  C C   . TYR A 1 7  ? 8.253   -8.566  -1.506  1.00 5.33   ? 869  TYR A C   1 
ATOM   33  O O   . TYR A 1 7  ? 8.511   -9.691  -1.065  1.00 7.28   ? 869  TYR A O   1 
ATOM   34  C CB  . TYR A 1 7  ? 7.599   -8.378  -3.897  1.00 5.32   ? 869  TYR A CB  1 
ATOM   35  C CG  . TYR A 1 7  ? 7.835   -7.815  -5.278  1.00 5.94   ? 869  TYR A CG  1 
ATOM   36  C CD1 . TYR A 1 7  ? 8.483   -6.595  -5.474  1.00 6.41   ? 869  TYR A CD1 1 
ATOM   37  C CD2 . TYR A 1 7  ? 7.353   -8.476  -6.395  1.00 7.60   ? 869  TYR A CD2 1 
ATOM   38  C CE1 . TYR A 1 7  ? 8.648   -6.066  -6.738  1.00 7.87   ? 869  TYR A CE1 1 
ATOM   39  C CE2 . TYR A 1 7  ? 7.525   -7.956  -7.666  1.00 9.61   ? 869  TYR A CE2 1 
ATOM   40  C CZ  . TYR A 1 7  ? 8.175   -6.752  -7.833  1.00 10.11  ? 869  TYR A CZ  1 
ATOM   41  O OH  . TYR A 1 7  ? 8.361   -6.217  -9.085  1.00 13.59  ? 869  TYR A OH  1 
ATOM   42  N N   . GLY A 1 8  ? 7.562   -7.667  -0.822  1.00 5.13   ? 870  GLY A N   1 
ATOM   43  C CA  . GLY A 1 8  ? 6.945   -7.983  0.452   1.00 5.61   ? 870  GLY A CA  1 
ATOM   44  C C   . GLY A 1 8  ? 5.453   -8.224  0.296   1.00 4.71   ? 870  GLY A C   1 
ATOM   45  O O   . GLY A 1 8  ? 4.938   -8.340  -0.815  1.00 4.82   ? 870  GLY A O   1 
ATOM   46  N N   . GLU A 1 9  ? 4.747   -8.287  1.417   1.00 4.65   ? 871  GLU A N   1 
ATOM   47  C CA  . GLU A 1 9  ? 3.296   -8.354  1.375   1.00 4.48   ? 871  GLU A CA  1 
ATOM   48  C C   . GLU A 1 9  ? 2.717   -7.875  2.702   1.00 4.53   ? 871  GLU A C   1 
ATOM   49  O O   . GLU A 1 9  ? 3.412   -7.754  3.718   1.00 4.75   ? 871  GLU A O   1 
ATOM   50  C CB  . GLU A 1 9  ? 2.759   -9.738  0.970   1.00 4.93   ? 871  GLU A CB  1 
ATOM   51  C CG  . GLU A 1 9  ? 3.051   -10.875 1.939   1.00 5.43   ? 871  GLU A CG  1 
ATOM   52  C CD  . GLU A 1 9  ? 2.574   -12.223 1.433   1.00 5.64   ? 871  GLU A CD  1 
ATOM   53  O OE1 . GLU A 1 9  ? 1.605   -12.256 0.619   1.00 5.84   ? 871  GLU A OE1 1 
ATOM   54  O OE2 . GLU A 1 9  ? 3.161   -13.248 1.849   1.00 6.02   ? 871  GLU A OE2 1 
ATOM   55  N N   . ALA A 1 10 ? 1.430   -7.581  2.649   1.00 4.94   ? 872  ALA A N   1 
ATOM   56  C CA  . ALA A 1 10 ? 0.697   -7.006  3.769   1.00 4.82   ? 872  ALA A CA  1 
ATOM   57  C C   . ALA A 1 10 ? -0.769  -7.368  3.631   1.00 4.87   ? 872  ALA A C   1 
ATOM   58  O O   . ALA A 1 10 ? -1.226  -7.750  2.549   1.00 5.26   ? 872  ALA A O   1 
ATOM   59  C CB  . ALA A 1 10 ? 0.861   -5.495  3.792   1.00 5.08   ? 872  ALA A CB  1 
ATOM   60  N N   . ILE A 1 11 ? -1.512  -7.199  4.725   1.00 5.08   ? 873  ILE A N   1 
ATOM   61  C CA  . ILE A 1 11 ? -2.973  -7.271  4.690   1.00 5.13   ? 873  ILE A CA  1 
ATOM   62  C C   . ILE A 1 11 ? -3.511  -5.950  5.221   1.00 4.73   ? 873  ILE A C   1 
ATOM   63  O O   . ILE A 1 11 ? -3.105  -5.477  6.287   1.00 5.33   ? 873  ILE A O   1 
ATOM   64  C CB  . ILE A 1 11 ? -3.539  -8.482  5.485   1.00 6.39   ? 873  ILE A CB  1 
ATOM   65  C CG1 . ILE A 1 11 ? -3.147  -9.803  4.813   1.00 7.36   ? 873  ILE A CG1 1 
ATOM   66  C CG2 . ILE A 1 11 ? -5.058  -8.411  5.555   1.00 7.13   ? 873  ILE A CG2 1 
ATOM   67  C CD1 . ILE A 1 11 ? -3.462  -11.054 5.619   1.00 8.26   ? 873  ILE A CD1 1 
ATOM   68  N N   . ALA A 1 12 ? -4.448  -5.353  4.494   1.00 4.74   ? 874  ALA A N   1 
ATOM   69  C CA  . ALA A 1 12 ? -5.031  -4.101  4.926   1.00 4.55   ? 874  ALA A CA  1 
ATOM   70  C C   . ALA A 1 12 ? -5.715  -4.247  6.283   1.00 4.51   ? 874  ALA A C   1 
ATOM   71  O O   . ALA A 1 12 ? -6.486  -5.186  6.508   1.00 4.92   ? 874  ALA A O   1 
ATOM   72  C CB  . ALA A 1 12 ? -6.047  -3.614  3.902   1.00 4.76   ? 874  ALA A CB  1 
ATOM   73  N N   . LYS A 1 13 ? -5.460  -3.288  7.178   1.00 4.75   ? 875  LYS A N   1 
ATOM   74  C CA  . LYS A 1 13 ? -6.076  -3.275  8.511   1.00 5.01   ? 875  LYS A CA  1 
ATOM   75  C C   . LYS A 1 13 ? -6.999  -2.075  8.725   1.00 4.87   ? 875  LYS A C   1 
ATOM   76  O O   . LYS A 1 13 ? -7.662  -1.996  9.757   1.00 5.83   ? 875  LYS A O   1 
ATOM   77  C CB  . LYS A 1 13 ? -5.032  -3.360  9.623   1.00 6.19   ? 875  LYS A CB  1 
ATOM   78  C CG  . LYS A 1 13 ? -4.118  -2.172  9.742   1.00 7.19   ? 875  LYS A CG  1 
ATOM   79  C CD  . LYS A 1 13 ? -3.058  -2.453  10.787  1.00 8.87   ? 875  LYS A CD  1 
ATOM   80  C CE  . LYS A 1 13 ? -2.144  -1.272  11.026  1.00 10.59  ? 875  LYS A CE  1 
ATOM   81  N NZ  . LYS A 1 13 ? -1.144  -1.587  12.085  1.00 14.21  ? 875  LYS A NZ  1 
ATOM   82  N N   . PHE A 1 14 ? -7.011  -1.140  7.776   1.00 4.52   ? 876  PHE A N   1 
ATOM   83  C CA  . PHE A 1 14 ? -7.958  -0.027  7.727   1.00 4.61   ? 876  PHE A CA  1 
ATOM   84  C C   . PHE A 1 14 ? -8.432  0.094   6.284   1.00 4.64   ? 876  PHE A C   1 
ATOM   85  O O   . PHE A 1 14 ? -7.762  -0.350  5.346   1.00 5.84   ? 876  PHE A O   1 
ATOM   86  C CB  . PHE A 1 14 ? -7.297  1.294   8.154   1.00 4.74   ? 876  PHE A CB  1 
ATOM   87  C CG  . PHE A 1 14 ? -6.976  1.361   9.620   1.00 4.60   ? 876  PHE A CG  1 
ATOM   88  C CD1 . PHE A 1 14 ? -7.987  1.587   10.538  1.00 4.91   ? 876  PHE A CD1 1 
ATOM   89  C CD2 . PHE A 1 14 ? -5.674  1.208   10.089  1.00 5.11   ? 876  PHE A CD2 1 
ATOM   90  C CE1 . PHE A 1 14 ? -7.715  1.659   11.896  1.00 5.26   ? 876  PHE A CE1 1 
ATOM   91  C CE2 . PHE A 1 14 ? -5.395  1.286   11.449  1.00 5.55   ? 876  PHE A CE2 1 
ATOM   92  C CZ  . PHE A 1 14 ? -6.417  1.514   12.351  1.00 5.62   ? 876  PHE A CZ  1 
ATOM   93  N N   . ASN A 1 15 ? -9.596  0.702   6.113   1.00 4.93   ? 877  ASN A N   1 
ATOM   94  C CA  . ASN A 1 15 ? -10.109 1.029   4.792   1.00 5.26   ? 877  ASN A CA  1 
ATOM   95  C C   . ASN A 1 15 ? -9.401  2.278   4.284   1.00 5.45   ? 877  ASN A C   1 
ATOM   96  O O   . ASN A 1 15 ? -9.223  3.236   5.029   1.00 7.46   ? 877  ASN A O   1 
ATOM   97  C CB  . ASN A 1 15 ? -11.618 1.259   4.867   1.00 5.19   ? 877  ASN A CB  1 
ATOM   98  C CG  . ASN A 1 15 ? -12.355 0.000   5.277   1.00 4.93   ? 877  ASN A CG  1 
ATOM   99  O OD1 . ASN A 1 15 ? -12.159 -1.050  4.666   1.00 5.22   ? 877  ASN A OD1 1 
ATOM   100 N ND2 . ASN A 1 15 ? -13.190 0.086   6.305   1.00 5.57   ? 877  ASN A ND2 1 
ATOM   101 N N   . PHE A 1 16 ? -8.979  2.255   3.021   1.00 5.57   ? 878  PHE A N   1 
ATOM   102 C CA  . PHE A 1 16 ? -8.255  3.383   2.427   1.00 5.55   ? 878  PHE A CA  1 
ATOM   103 C C   . PHE A 1 16 ? -8.919  3.812   1.129   1.00 5.77   ? 878  PHE A C   1 
ATOM   104 O O   . PHE A 1 16 ? -9.054  3.015   0.201   1.00 6.20   ? 878  PHE A O   1 
ATOM   105 C CB  . PHE A 1 16 ? -6.793  3.024   2.143   1.00 5.50   ? 878  PHE A CB  1 
ATOM   106 C CG  . PHE A 1 16 ? -6.023  4.149   1.498   1.00 5.33   ? 878  PHE A CG  1 
ATOM   107 C CD1 . PHE A 1 16 ? -5.934  5.398   2.114   1.00 5.71   ? 878  PHE A CD1 1 
ATOM   108 C CD2 . PHE A 1 16 ? -5.397  3.970   0.269   1.00 5.83   ? 878  PHE A CD2 1 
ATOM   109 C CE1 . PHE A 1 16 ? -5.244  6.444   1.516   1.00 6.56   ? 878  PHE A CE1 1 
ATOM   110 C CE2 . PHE A 1 16 ? -4.703  5.008   -0.326  1.00 6.44   ? 878  PHE A CE2 1 
ATOM   111 C CZ  . PHE A 1 16 ? -4.629  6.247   0.294   1.00 6.49   ? 878  PHE A CZ  1 
ATOM   112 N N   . ASN A 1 17 ? -9.326  5.072   1.068   1.00 7.08   ? 879  ASN A N   1 
ATOM   113 C CA  . ASN A 1 17 ? -9.815  5.673   -0.160  1.00 8.76   ? 879  ASN A CA  1 
ATOM   114 C C   . ASN A 1 17 ? -8.752  6.608   -0.723  1.00 10.57  ? 879  ASN A C   1 
ATOM   115 O O   . ASN A 1 17 ? -8.444  7.641   -0.119  1.00 13.62  ? 879  ASN A O   1 
ATOM   116 C CB  . ASN A 1 17 ? -11.113 6.432   0.102   1.00 9.87   ? 879  ASN A CB  1 
ATOM   117 C CG  . ASN A 1 17 ? -12.253 5.509   0.487   1.00 10.84  ? 879  ASN A CG  1 
ATOM   118 O OD1 . ASN A 1 17 ? -12.499 4.506   -0.179  1.00 12.41  ? 879  ASN A OD1 1 
ATOM   119 N ND2 . ASN A 1 17 ? -12.956 5.842   1.561   1.00 13.03  ? 879  ASN A ND2 1 
ATOM   120 N N   A GLY A 1 18 ? -8.169  6.214   -1.852  0.50 10.85  ? 880  GLY A N   1 
ATOM   121 N N   B GLY A 1 18 ? -8.210  6.239   -1.886  0.50 11.90  ? 880  GLY A N   1 
ATOM   122 C CA  A GLY A 1 18 ? -7.202  7.041   -2.553  0.50 12.44  ? 880  GLY A CA  1 
ATOM   123 C CA  B GLY A 1 18 ? -7.172  7.011   -2.572  0.50 14.63  ? 880  GLY A CA  1 
ATOM   124 C C   A GLY A 1 18 ? -7.942  8.181   -3.219  0.50 15.49  ? 880  GLY A C   1 
ATOM   125 C C   B GLY A 1 18 ? -7.753  8.080   -3.481  0.50 16.65  ? 880  GLY A C   1 
ATOM   126 O O   A GLY A 1 18 ? -9.055  8.002   -3.712  0.50 18.44  ? 880  GLY A O   1 
ATOM   127 O O   B GLY A 1 18 ? -8.458  7.778   -4.447  0.50 20.08  ? 880  GLY A O   1 
ATOM   128 N N   A ASP A 1 19 ? -7.346  9.361   -3.218  0.50 17.15  ? 881  ASP A N   1 
ATOM   129 N N   B ASP A 1 19 ? -7.433  9.335   -3.184  0.50 15.73  ? 881  ASP A N   1 
ATOM   130 C CA  A ASP A 1 19 ? -7.997  10.516  -3.815  0.50 18.86  ? 881  ASP A CA  1 
ATOM   131 C CA  B ASP A 1 19 ? -8.054  10.479  -3.849  0.50 18.35  ? 881  ASP A CA  1 
ATOM   132 C C   A ASP A 1 19 ? -7.435  10.874  -5.189  0.50 17.53  ? 881  ASP A C   1 
ATOM   133 C C   B ASP A 1 19 ? -7.448  10.859  -5.205  0.50 17.12  ? 881  ASP A C   1 
ATOM   134 O O   A ASP A 1 19 ? -8.056  11.634  -5.929  0.50 20.64  ? 881  ASP A O   1 
ATOM   135 O O   B ASP A 1 19 ? -8.050  11.637  -5.945  0.50 20.46  ? 881  ASP A O   1 
ATOM   136 C CB  A ASP A 1 19 ? -7.885  11.721  -2.887  0.50 23.11  ? 881  ASP A CB  1 
ATOM   137 C CB  B ASP A 1 19 ? -8.003  11.698  -2.927  0.50 20.96  ? 881  ASP A CB  1 
ATOM   138 C CG  A ASP A 1 19 ? -8.892  12.800  -3.220  0.50 24.27  ? 881  ASP A CG  1 
ATOM   139 C CG  B ASP A 1 19 ? -8.837  11.517  -1.675  0.50 22.49  ? 881  ASP A CG  1 
ATOM   140 O OD1 A ASP A 1 19 ? -10.068 12.460  -3.471  0.50 27.01  ? 881  ASP A OD1 1 
ATOM   141 O OD1 B ASP A 1 19 ? -9.745  10.660  -1.680  0.50 23.85  ? 881  ASP A OD1 1 
ATOM   142 O OD2 A ASP A 1 19 ? -8.510  13.985  -3.231  0.50 25.46  ? 881  ASP A OD2 1 
ATOM   143 O OD2 B ASP A 1 19 ? -8.580  12.233  -0.683  0.50 25.59  ? 881  ASP A OD2 1 
ATOM   144 N N   . THR A 1 20 ? -6.266  10.334  -5.524  1.00 14.01  ? 882  THR A N   1 
ATOM   145 C CA  . THR A 1 20 ? -5.583  10.639  -6.790  1.00 11.97  ? 882  THR A CA  1 
ATOM   146 C C   . THR A 1 20 ? -5.162  9.369   -7.523  1.00 12.09  ? 882  THR A C   1 
ATOM   147 O O   . THR A 1 20 ? -5.168  8.285   -6.945  1.00 12.75  ? 882  THR A O   1 
ATOM   148 C CB  . THR A 1 20 ? -4.323  11.494  -6.550  1.00 11.58  ? 882  THR A CB  1 
ATOM   149 O OG1 . THR A 1 20 ? -3.326  10.699  -5.897  1.00 11.74  ? 882  THR A OG1 1 
ATOM   150 C CG2 . THR A 1 20 ? -4.644  12.713  -5.694  1.00 12.64  ? 882  THR A CG2 1 
ATOM   151 N N   . GLN A 1 21 ? -4.764  9.521   -8.786  1.00 11.96  ? 883  GLN A N   1 
ATOM   152 C CA  . GLN A 1 21 ? -4.401  8.383   -9.637  1.00 11.56  ? 883  GLN A CA  1 
ATOM   153 C C   . GLN A 1 21 ? -3.238  7.574   -9.068  1.00 10.57  ? 883  GLN A C   1 
ATOM   154 O O   . GLN A 1 21 ? -3.144  6.374   -9.315  1.00 11.97  ? 883  GLN A O   1 
ATOM   155 C CB  . GLN A 1 21 ? -4.059  8.856   -11.063 1.00 13.37  ? 883  GLN A CB  1 
ATOM   156 C CG  . GLN A 1 21 ? -3.750  7.738   -12.058 1.00 14.07  ? 883  GLN A CG  1 
ATOM   157 C CD  . GLN A 1 21 ? -2.312  7.243   -11.996 1.00 14.82  ? 883  GLN A CD  1 
ATOM   158 O OE1 . GLN A 1 21 ? -1.442  7.885   -11.406 1.00 16.50  ? 883  GLN A OE1 1 
ATOM   159 N NE2 . GLN A 1 21 ? -2.062  6.088   -12.598 1.00 19.17  ? 883  GLN A NE2 1 
ATOM   160 N N   . VAL A 1 22 ? -2.350  8.222   -8.316  1.00 9.23   ? 884  VAL A N   1 
ATOM   161 C CA  . VAL A 1 22 ? -1.170  7.526   -7.816  1.00 7.88   ? 884  VAL A CA  1 
ATOM   162 C C   . VAL A 1 22 ? -1.497  6.611   -6.633  1.00 7.02   ? 884  VAL A C   1 
ATOM   163 O O   . VAL A 1 22 ? -0.704  5.745   -6.319  1.00 7.28   ? 884  VAL A O   1 
ATOM   164 C CB  . VAL A 1 22 ? 0.003   8.477   -7.449  1.00 7.85   ? 884  VAL A CB  1 
ATOM   165 C CG1 . VAL A 1 22 ? 0.311   9.434   -8.592  1.00 9.57   ? 884  VAL A CG1 1 
ATOM   166 C CG2 . VAL A 1 22 ? -0.251  9.248   -6.165  1.00 7.61   ? 884  VAL A CG2 1 
ATOM   167 N N   . GLU A 1 23 ? -2.648  6.819   -5.993  1.00 7.13   ? 885  GLU A N   1 
ATOM   168 C CA  . GLU A 1 23 ? -3.037  6.080   -4.790  1.00 7.15   ? 885  GLU A CA  1 
ATOM   169 C C   . GLU A 1 23 ? -3.929  4.895   -5.137  1.00 7.39   ? 885  GLU A C   1 
ATOM   170 O O   . GLU A 1 23 ? -4.770  4.982   -6.023  1.00 11.77  ? 885  GLU A O   1 
ATOM   171 C CB  . GLU A 1 23 ? -3.778  7.002   -3.826  1.00 7.38   ? 885  GLU A CB  1 
ATOM   172 C CG  . GLU A 1 23 ? -2.932  8.165   -3.355  1.00 7.78   ? 885  GLU A CG  1 
ATOM   173 C CD  . GLU A 1 23 ? -3.753  9.214   -2.658  1.00 8.90   ? 885  GLU A CD  1 
ATOM   174 O OE1 . GLU A 1 23 ? -3.993  9.047   -1.451  1.00 12.21  ? 885  GLU A OE1 1 
ATOM   175 O OE2 . GLU A 1 23 ? -4.144  10.204  -3.307  1.00 13.02  ? 885  GLU A OE2 1 
ATOM   176 N N   . MET A 1 24 ? -3.749  3.797   -4.413  1.00 5.98   ? 886  MET A N   1 
ATOM   177 C CA  . MET A 1 24 ? -4.543  2.592   -4.610  1.00 5.67   ? 886  MET A CA  1 
ATOM   178 C C   . MET A 1 24 ? -5.488  2.386   -3.430  1.00 5.60   ? 886  MET A C   1 
ATOM   179 O O   . MET A 1 24 ? -5.048  2.097   -2.320  1.00 6.40   ? 886  MET A O   1 
ATOM   180 C CB  . MET A 1 24 ? -3.628  1.378   -4.754  1.00 5.99   ? 886  MET A CB  1 
ATOM   181 C CG  . MET A 1 24 ? -4.401  0.094   -4.982  1.00 6.47   ? 886  MET A CG  1 
ATOM   182 S SD  . MET A 1 24 ? -3.360  -1.366  -5.205  1.00 7.94   ? 886  MET A SD  1 
ATOM   183 C CE  . MET A 1 24 ? -2.528  -1.508  -3.632  1.00 9.73   ? 886  MET A CE  1 
ATOM   184 N N   . SER A 1 25 ? -6.788  2.487   -3.689  1.00 6.04   ? 887  SER A N   1 
ATOM   185 C CA  . SER A 1 25 ? -7.794  2.236   -2.669  1.00 6.15   ? 887  SER A CA  1 
ATOM   186 C C   . SER A 1 25 ? -7.912  0.750   -2.365  1.00 5.73   ? 887  SER A C   1 
ATOM   187 O O   . SER A 1 25 ? -7.669  -0.094  -3.229  1.00 6.59   ? 887  SER A O   1 
ATOM   188 C CB  . SER A 1 25 ? -9.163  2.735   -3.131  1.00 7.51   ? 887  SER A CB  1 
ATOM   189 O OG  . SER A 1 25 ? -9.132  4.121   -3.409  1.00 9.34   ? 887  SER A OG  1 
ATOM   190 N N   . PHE A 1 26 ? -8.346  0.452   -1.151  1.00 5.41   ? 888  PHE A N   1 
ATOM   191 C CA  . PHE A 1 26 ? -8.623  -0.924  -0.740  1.00 5.09   ? 888  PHE A CA  1 
ATOM   192 C C   . PHE A 1 26 ? -9.476  -0.926  0.518   1.00 4.92   ? 888  PHE A C   1 
ATOM   193 O O   . PHE A 1 26 ? -9.651  0.103   1.190   1.00 5.26   ? 888  PHE A O   1 
ATOM   194 C CB  . PHE A 1 26 ? -7.334  -1.735  -0.515  1.00 4.90   ? 888  PHE A CB  1 
ATOM   195 C CG  . PHE A 1 26 ? -6.352  -1.069  0.414   1.00 4.90   ? 888  PHE A CG  1 
ATOM   196 C CD1 . PHE A 1 26 ? -6.553  -1.049  1.790   1.00 5.26   ? 888  PHE A CD1 1 
ATOM   197 C CD2 . PHE A 1 26 ? -5.230  -0.450  -0.092  1.00 5.51   ? 888  PHE A CD2 1 
ATOM   198 C CE1 . PHE A 1 26 ? -5.642  -0.430  2.638   1.00 5.29   ? 888  PHE A CE1 1 
ATOM   199 C CE2 . PHE A 1 26 ? -4.314  0.166   0.750   1.00 5.74   ? 888  PHE A CE2 1 
ATOM   200 C CZ  . PHE A 1 26 ? -4.514  0.170   2.116   1.00 5.58   ? 888  PHE A CZ  1 
ATOM   201 N N   . ARG A 1 27 ? -9.994  -2.115  0.817   1.00 5.13   ? 889  ARG A N   1 
ATOM   202 C CA  . ARG A 1 27 ? -10.729 -2.377  2.043   1.00 5.34   ? 889  ARG A CA  1 
ATOM   203 C C   . ARG A 1 27 ? -9.922  -3.249  2.991   1.00 4.87   ? 889  ARG A C   1 
ATOM   204 O O   . ARG A 1 27 ? -9.040  -4.015  2.579   1.00 5.34   ? 889  ARG A O   1 
ATOM   205 C CB  . ARG A 1 27 ? -12.053 -3.092  1.753   1.00 5.44   ? 889  ARG A CB  1 
ATOM   206 C CG  . ARG A 1 27 ? -12.904 -2.458  0.656   1.00 6.14   ? 889  ARG A CG  1 
ATOM   207 C CD  . ARG A 1 27 ? -13.190 -0.989  0.894   1.00 6.61   ? 889  ARG A CD  1 
ATOM   208 N NE  . ARG A 1 27 ? -14.066 -0.779  2.038   1.00 6.91   ? 889  ARG A NE  1 
ATOM   209 C CZ  . ARG A 1 27 ? -14.365 0.420   2.530   1.00 7.75   ? 889  ARG A CZ  1 
ATOM   210 N NH1 . ARG A 1 27 ? -13.863 1.514   1.972   1.00 8.48   ? 889  ARG A NH1 1 
ATOM   211 N NH2 . ARG A 1 27 ? -15.167 0.521   3.576   1.00 9.25   ? 889  ARG A NH2 1 
ATOM   212 N N   . LYS A 1 28 ? -10.273 -3.152  4.270   1.00 4.99   ? 890  LYS A N   1 
ATOM   213 C CA  . LYS A 1 28 ? -9.748  -4.063  5.276   1.00 4.77   ? 890  LYS A CA  1 
ATOM   214 C C   . LYS A 1 28 ? -9.810  -5.488  4.757   1.00 4.76   ? 890  LYS A C   1 
ATOM   215 O O   . LYS A 1 28 ? -10.809 -5.911  4.168   1.00 5.39   ? 890  LYS A O   1 
ATOM   216 C CB  . LYS A 1 28 ? -10.566 -3.974  6.561   1.00 5.01   ? 890  LYS A CB  1 
ATOM   217 C CG  . LYS A 1 28 ? -10.431 -2.638  7.280   1.00 5.10   ? 890  LYS A CG  1 
ATOM   218 C CD  . LYS A 1 28 ? -11.519 -2.408  8.319   1.00 5.46   ? 890  LYS A CD  1 
ATOM   219 C CE  . LYS A 1 28 ? -11.510 -3.454  9.415   1.00 5.65   ? 890  LYS A CE  1 
ATOM   220 N NZ  . LYS A 1 28 ? -12.465 -3.063  10.485  1.00 6.01   ? 890  LYS A NZ  1 
ATOM   221 N N   . GLY A 1 29 ? -8.736  -6.226  4.977   1.00 4.81   ? 891  GLY A N   1 
ATOM   222 C CA  . GLY A 1 29 ? -8.688  -7.629  4.626   1.00 5.07   ? 891  GLY A CA  1 
ATOM   223 C C   . GLY A 1 29 ? -8.035  -7.944  3.292   1.00 5.29   ? 891  GLY A C   1 
ATOM   224 O O   . GLY A 1 29 ? -7.699  -9.096  3.031   1.00 6.45   ? 891  GLY A O   1 
ATOM   225 N N   . GLU A 1 30 ? -7.864  -6.954  2.424   1.00 5.32   ? 892  GLU A N   1 
ATOM   226 C CA  . GLU A 1 30 ? -7.250  -7.213  1.127   1.00 5.05   ? 892  GLU A CA  1 
ATOM   227 C C   . GLU A 1 30 ? -5.751  -7.454  1.312   1.00 4.84   ? 892  GLU A C   1 
ATOM   228 O O   . GLU A 1 30 ? -5.044  -6.702  1.979   1.00 5.43   ? 892  GLU A O   1 
ATOM   229 C CB  . GLU A 1 30 ? -7.489  -6.062  0.155   1.00 5.68   ? 892  GLU A CB  1 
ATOM   230 C CG  . GLU A 1 30 ? -8.956  -5.884  -0.222  1.00 6.65   ? 892  GLU A CG  1 
ATOM   231 C CD  . GLU A 1 30 ? -9.157  -4.943  -1.400  1.00 7.73   ? 892  GLU A CD  1 
ATOM   232 O OE1 . GLU A 1 30 ? -8.563  -5.194  -2.467  1.00 102.23 ? 892  GLU A OE1 1 
ATOM   233 O OE2 . GLU A 1 30 ? -9.906  -3.957  -1.287  1.00 8.22   ? 892  GLU A OE2 1 
ATOM   234 N N   . ARG A 1 31 ? -5.277  -8.536  0.703   1.00 5.07   ? 893  ARG A N   1 
ATOM   235 C CA  . ARG A 1 31 ? -3.856  -8.843  0.625   1.00 4.92   ? 893  ARG A CA  1 
ATOM   236 C C   . ARG A 1 31 ? -3.215  -8.002  -0.474  1.00 4.71   ? 893  ARG A C   1 
ATOM   237 O O   . ARG A 1 31 ? -3.741  -7.897  -1.584  1.00 5.71   ? 893  ARG A O   1 
ATOM   238 C CB  . ARG A 1 31 ? -3.641  -10.329 0.360   1.00 5.16   ? 893  ARG A CB  1 
ATOM   239 C CG  . ARG A 1 31 ? -2.171  -10.727 0.294   1.00 5.48   ? 893  ARG A CG  1 
ATOM   240 C CD  . ARG A 1 31 ? -1.982  -12.225 0.086   1.00 6.25   ? 893  ARG A CD  1 
ATOM   241 N NE  . ARG A 1 31 ? -2.491  -13.003 1.214   1.00 6.72   ? 893  ARG A NE  1 
ATOM   242 C CZ  . ARG A 1 31 ? -1.831  -13.213 2.356   1.00 6.24   ? 893  ARG A CZ  1 
ATOM   243 N NH1 . ARG A 1 31 ? -0.592  -12.768 2.539   1.00 6.29   ? 893  ARG A NH1 1 
ATOM   244 N NH2 . ARG A 1 31 ? -2.415  -13.896 3.325   1.00 7.26   ? 893  ARG A NH2 1 
ATOM   245 N N   . ILE A 1 32 ? -2.058  -7.423  -0.156  1.00 4.54   ? 894  ILE A N   1 
ATOM   246 C CA  . ILE A 1 32 ? -1.358  -6.506  -1.039  1.00 4.56   ? 894  ILE A CA  1 
ATOM   247 C C   . ILE A 1 32 ? 0.101   -6.941  -1.133  1.00 4.62   ? 894  ILE A C   1 
ATOM   248 O O   . ILE A 1 32 ? 0.752   -7.157  -0.111  1.00 5.44   ? 894  ILE A O   1 
ATOM   249 C CB  . ILE A 1 32 ? -1.412  -5.065  -0.489  1.00 5.14   ? 894  ILE A CB  1 
ATOM   250 C CG1 . ILE A 1 32 ? -2.863  -4.597  -0.291  1.00 5.49   ? 894  ILE A CG1 1 
ATOM   251 C CG2 . ILE A 1 32 ? -0.648  -4.115  -1.402  1.00 6.13   ? 894  ILE A CG2 1 
ATOM   252 C CD1 . ILE A 1 32 ? -2.997  -3.409  0.630   1.00 6.60   ? 894  ILE A CD1 1 
ATOM   253 N N   . THR A 1 33 ? 0.618   -7.063  -2.353  1.00 4.49   ? 895  THR A N   1 
ATOM   254 C CA  . THR A 1 33 ? 2.051   -7.273  -2.556  1.00 4.46   ? 895  THR A CA  1 
ATOM   255 C C   . THR A 1 33 ? 2.749   -5.926  -2.481  1.00 4.47   ? 895  THR A C   1 
ATOM   256 O O   . THR A 1 33 ? 2.330   -4.953  -3.117  1.00 5.00   ? 895  THR A O   1 
ATOM   257 C CB  . THR A 1 33 ? 2.307   -7.957  -3.896  1.00 4.67   ? 895  THR A CB  1 
ATOM   258 O OG1 . THR A 1 33 ? 1.775   -9.277  -3.805  1.00 5.94   ? 895  THR A OG1 1 
ATOM   259 C CG2 . THR A 1 33 ? 3.788   -8.037  -4.219  1.00 5.22   ? 895  THR A CG2 1 
ATOM   260 N N   . LEU A 1 34 ? 3.801   -5.861  -1.665  1.00 4.58   ? 896  LEU A N   1 
ATOM   261 C CA  . LEU A 1 34 ? 4.563   -4.626  -1.467  1.00 4.72   ? 896  LEU A CA  1 
ATOM   262 C C   . LEU A 1 34 ? 5.723   -4.582  -2.449  1.00 5.02   ? 896  LEU A C   1 
ATOM   263 O O   . LEU A 1 34 ? 6.627   -5.421  -2.403  1.00 5.58   ? 896  LEU A O   1 
ATOM   264 C CB  . LEU A 1 34 ? 5.088   -4.523  -0.034  1.00 4.81   ? 896  LEU A CB  1 
ATOM   265 C CG  . LEU A 1 34 ? 4.029   -4.617  1.060   1.00 4.91   ? 896  LEU A CG  1 
ATOM   266 C CD1 . LEU A 1 34 ? 4.689   -4.507  2.426   1.00 5.37   ? 896  LEU A CD1 1 
ATOM   267 C CD2 . LEU A 1 34 ? 2.957   -3.554  0.886   1.00 5.05   ? 896  LEU A CD2 1 
ATOM   268 N N   . LEU A 1 35 ? 5.667   -3.612  -3.360  1.00 5.37   ? 897  LEU A N   1 
ATOM   269 C CA  . LEU A 1 35 ? 6.649   -3.482  -4.428  1.00 5.91   ? 897  LEU A CA  1 
ATOM   270 C C   . LEU A 1 35 ? 7.879   -2.685  -4.003  1.00 5.99   ? 897  LEU A C   1 
ATOM   271 O O   . LEU A 1 35 ? 8.997   -3.026  -4.395  1.00 7.16   ? 897  LEU A O   1 
ATOM   272 C CB  . LEU A 1 35 ? 6.010   -2.848  -5.662  1.00 6.31   ? 897  LEU A CB  1 
ATOM   273 C CG  . LEU A 1 35 ? 4.799   -3.607  -6.218  1.00 6.66   ? 897  LEU A CG  1 
ATOM   274 C CD1 . LEU A 1 35 ? 4.106   -2.778  -7.282  1.00 8.06   ? 897  LEU A CD1 1 
ATOM   275 C CD2 . LEU A 1 35 ? 5.188   -4.967  -6.781  1.00 6.81   ? 897  LEU A CD2 1 
ATOM   276 N N   . ARG A 1 36 ? 7.682   -1.634  -3.209  1.00 5.91   ? 898  ARG A N   1 
ATOM   277 C CA  . ARG A 1 36 ? 8.766   -0.813  -2.698  1.00 6.18   ? 898  ARG A CA  1 
ATOM   278 C C   . ARG A 1 36 ? 8.205   0.106   -1.629  1.00 5.71   ? 898  ARG A C   1 
ATOM   279 O O   . ARG A 1 36 ? 7.020   0.447   -1.657  1.00 6.27   ? 898  ARG A O   1 
ATOM   280 C CB  . ARG A 1 36 ? 9.395   0.048   -3.811  1.00 7.52   ? 898  ARG A CB  1 
ATOM   281 C CG  . ARG A 1 36 ? 8.444   1.066   -4.439  1.00 9.19   ? 898  ARG A CG  1 
ATOM   282 C CD  . ARG A 1 36 ? 9.095   1.914   -5.527  1.00 11.79  ? 898  ARG A CD  1 
ATOM   283 N NE  . ARG A 1 36 ? 8.136   2.864   -6.106  1.00 13.14  ? 898  ARG A NE  1 
ATOM   284 C CZ  . ARG A 1 36 ? 8.250   4.194   -6.113  1.00 15.08  ? 898  ARG A CZ  1 
ATOM   285 N NH1 . ARG A 1 36 ? 9.300   4.808   -5.574  1.00 16.96  ? 898  ARG A NH1 1 
ATOM   286 N NH2 . ARG A 1 36 ? 7.291   4.926   -6.671  1.00 17.12  ? 898  ARG A NH2 1 
ATOM   287 N N   . GLN A 1 37 ? 9.063   0.523   -0.703  1.00 6.14   ? 899  GLN A N   1 
ATOM   288 C CA  . GLN A 1 37 ? 8.735   1.613   0.194   1.00 6.18   ? 899  GLN A CA  1 
ATOM   289 C C   . GLN A 1 37 ? 9.112   2.915   -0.516  1.00 6.36   ? 899  GLN A C   1 
ATOM   290 O O   . GLN A 1 37 ? 10.268  3.107   -0.885  1.00 8.77   ? 899  GLN A O   1 
ATOM   291 C CB  . GLN A 1 37 ? 9.465   1.470   1.529   1.00 6.61   ? 899  GLN A CB  1 
ATOM   292 C CG  . GLN A 1 37 ? 8.888   2.399   2.570   1.00 7.48   ? 899  GLN A CG  1 
ATOM   293 C CD  . GLN A 1 37 ? 9.496   2.262   3.943   1.00 7.84   ? 899  GLN A CD  1 
ATOM   294 O OE1 . GLN A 1 37 ? 9.941   1.194   4.345   1.00 11.16  ? 899  GLN A OE1 1 
ATOM   295 N NE2 . GLN A 1 37 ? 9.507   3.351   4.679   1.00 8.46   ? 899  GLN A NE2 1 
ATOM   296 N N   . VAL A 1 38 ? 8.134   3.790   -0.724  1.00 5.91   ? 900  VAL A N   1 
ATOM   297 C CA  . VAL A 1 38 ? 8.346   5.014   -1.503  1.00 6.23   ? 900  VAL A CA  1 
ATOM   298 C C   . VAL A 1 38 ? 9.020   6.113   -0.677  1.00 6.24   ? 900  VAL A C   1 
ATOM   299 O O   . VAL A 1 38 ? 9.911   6.809   -1.160  1.00 7.87   ? 900  VAL A O   1 
ATOM   300 C CB  . VAL A 1 38 ? 7.004   5.522   -2.064  1.00 6.88   ? 900  VAL A CB  1 
ATOM   301 C CG1 . VAL A 1 38 ? 7.186   6.840   -2.812  1.00 7.79   ? 900  VAL A CG1 1 
ATOM   302 C CG2 . VAL A 1 38 ? 6.389   4.461   -2.965  1.00 7.55   ? 900  VAL A CG2 1 
ATOM   303 N N   . ASP A 1 39 ? 8.552   6.294   0.551   1.00 6.21   ? 901  ASP A N   1 
ATOM   304 C CA  . ASP A 1 39 ? 9.149   7.243   1.485   1.00 6.24   ? 901  ASP A CA  1 
ATOM   305 C C   . ASP A 1 39 ? 8.862   6.749   2.895   1.00 6.12   ? 901  ASP A C   1 
ATOM   306 O O   . ASP A 1 39 ? 8.495   5.587   3.090   1.00 7.09   ? 901  ASP A O   1 
ATOM   307 C CB  . ASP A 1 39 ? 8.681   8.693   1.207   1.00 5.96   ? 901  ASP A CB  1 
ATOM   308 C CG  . ASP A 1 39 ? 7.249   8.979   1.636   1.00 6.00   ? 901  ASP A CG  1 
ATOM   309 O OD1 . ASP A 1 39 ? 6.547   8.062   2.105   1.00 6.15   ? 901  ASP A OD1 1 
ATOM   310 O OD2 . ASP A 1 39 ? 6.842   10.155  1.498   1.00 7.30   ? 901  ASP A OD2 1 
ATOM   311 N N   . GLU A 1 40 ? 9.033   7.622   3.879   1.00 6.29   ? 902  GLU A N   1 
ATOM   312 C CA  . GLU A 1 40 ? 8.863   7.234   5.268   1.00 6.94   ? 902  GLU A CA  1 
ATOM   313 C C   . GLU A 1 40 ? 7.443   6.775   5.611   1.00 6.54   ? 902  GLU A C   1 
ATOM   314 O O   . GLU A 1 40 ? 7.249   6.095   6.618   1.00 8.53   ? 902  GLU A O   1 
ATOM   315 C CB  . GLU A 1 40 ? 9.239   8.407   6.178   1.00 7.31   ? 902  GLU A CB  1 
ATOM   316 C CG  . GLU A 1 40 ? 10.721  8.756   6.172   1.00 8.04   ? 902  GLU A CG  1 
ATOM   317 C CD  . GLU A 1 40 ? 11.169  9.681   5.051   1.00 9.90   ? 902  GLU A CD  1 
ATOM   318 O OE1 . GLU A 1 40 ? 12.339  10.118  5.095   1.00 15.08  ? 902  GLU A OE1 1 
ATOM   319 O OE2 . GLU A 1 40 ? 10.382  9.990   4.136   1.00 10.63  ? 902  GLU A OE2 1 
ATOM   320 N N   . ASN A 1 41 ? 6.465   7.174   4.790   1.00 5.52   ? 903  ASN A N   1 
ATOM   321 C CA  . ASN A 1 41 ? 5.051   6.987   5.100   1.00 5.46   ? 903  ASN A CA  1 
ATOM   322 C C   . ASN A 1 41 ? 4.236   6.152   4.129   1.00 5.34   ? 903  ASN A C   1 
ATOM   323 O O   . ASN A 1 41 ? 3.110   5.813   4.468   1.00 5.56   ? 903  ASN A O   1 
ATOM   324 C CB  . ASN A 1 41 ? 4.388   8.350   5.238   1.00 5.81   ? 903  ASN A CB  1 
ATOM   325 C CG  . ASN A 1 41 ? 4.969   9.130   6.388   1.00 7.20   ? 903  ASN A CG  1 
ATOM   326 O OD1 . ASN A 1 41 ? 5.103   8.614   7.496   1.00 9.40   ? 903  ASN A OD1 1 
ATOM   327 N ND2 . ASN A 1 41 ? 5.339   10.376  6.133   1.00 7.07   ? 903  ASN A ND2 1 
ATOM   328 N N   . TRP A 1 42 ? 4.768   5.819   2.943   1.00 4.96   ? 904  TRP A N   1 
ATOM   329 C CA  . TRP A 1 42 ? 3.986   5.177   1.890   1.00 4.74   ? 904  TRP A CA  1 
ATOM   330 C C   . TRP A 1 42 ? 4.699   3.974   1.309   1.00 4.69   ? 904  TRP A C   1 
ATOM   331 O O   . TRP A 1 42 ? 5.903   4.007   1.072   1.00 5.36   ? 904  TRP A O   1 
ATOM   332 C CB  . TRP A 1 42 ? 3.700   6.155   0.735   1.00 4.89   ? 904  TRP A CB  1 
ATOM   333 C CG  . TRP A 1 42 ? 2.892   7.353   1.124   1.00 4.82   ? 904  TRP A CG  1 
ATOM   334 C CD1 . TRP A 1 42 ? 3.350   8.469   1.753   1.00 4.94   ? 904  TRP A CD1 1 
ATOM   335 C CD2 . TRP A 1 42 ? 1.487   7.565   0.910   1.00 4.91   ? 904  TRP A CD2 1 
ATOM   336 N NE1 . TRP A 1 42 ? 2.326   9.351   1.955   1.00 5.28   ? 904  TRP A NE1 1 
ATOM   337 C CE2 . TRP A 1 42 ? 1.174   8.824   1.436   1.00 4.94   ? 904  TRP A CE2 1 
ATOM   338 C CE3 . TRP A 1 42 ? 0.477   6.825   0.286   1.00 5.17   ? 904  TRP A CE3 1 
ATOM   339 C CZ2 . TRP A 1 42 ? -0.118  9.353   1.384   1.00 5.55   ? 904  TRP A CZ2 1 
ATOM   340 C CZ3 . TRP A 1 42 ? -0.806  7.359   0.223   1.00 5.15   ? 904  TRP A CZ3 1 
ATOM   341 C CH2 . TRP A 1 42 ? -1.092  8.607   0.771   1.00 5.39   ? 904  TRP A CH2 1 
ATOM   342 N N   . TYR A 1 43 ? 3.912   2.929   1.039   1.00 4.65   ? 905  TYR A N   1 
ATOM   343 C CA  . TYR A 1 43 ? 4.305   1.826   0.167   1.00 4.63   ? 905  TYR A CA  1 
ATOM   344 C C   . TYR A 1 43 ? 3.677   1.997   -1.212  1.00 4.65   ? 905  TYR A C   1 
ATOM   345 O O   . TYR A 1 43 ? 2.593   2.564   -1.339  1.00 5.21   ? 905  TYR A O   1 
ATOM   346 C CB  . TYR A 1 43 ? 3.824   0.458   0.704   1.00 5.19   ? 905  TYR A CB  1 
ATOM   347 C CG  . TYR A 1 43 ? 4.721   -0.157  1.753   1.00 5.65   ? 905  TYR A CG  1 
ATOM   348 C CD1 . TYR A 1 43 ? 6.020   -0.517  1.442   1.00 5.92   ? 905  TYR A CD1 1 
ATOM   349 C CD2 . TYR A 1 43 ? 4.269   -0.408  3.038   1.00 6.40   ? 905  TYR A CD2 1 
ATOM   350 C CE1 . TYR A 1 43 ? 6.858   -1.094  2.381   1.00 6.79   ? 905  TYR A CE1 1 
ATOM   351 C CE2 . TYR A 1 43 ? 5.100   -0.993  3.988   1.00 7.24   ? 905  TYR A CE2 1 
ATOM   352 C CZ  . TYR A 1 43 ? 6.397   -1.323  3.655   1.00 7.49   ? 905  TYR A CZ  1 
ATOM   353 O OH  . TYR A 1 43 ? 7.214   -1.892  4.603   1.00 10.08  ? 905  TYR A OH  1 
ATOM   354 N N   . GLU A 1 44 ? 4.344   1.434   -2.228  1.00 4.90   ? 906  GLU A N   1 
ATOM   355 C CA  . GLU A 1 44 ? 3.703   1.110   -3.496  1.00 5.07   ? 906  GLU A CA  1 
ATOM   356 C C   . GLU A 1 44 ? 3.398   -0.372  -3.463  1.00 4.99   ? 906  GLU A C   1 
ATOM   357 O O   . GLU A 1 44 ? 4.267   -1.175  -3.102  1.00 5.61   ? 906  GLU A O   1 
ATOM   358 C CB  . GLU A 1 44 ? 4.620   1.426   -4.677  1.00 5.98   ? 906  GLU A CB  1 
ATOM   359 C CG  . GLU A 1 44 ? 3.917   1.277   -6.019  1.00 7.08   ? 906  GLU A CG  1 
ATOM   360 C CD  . GLU A 1 44 ? 4.843   1.296   -7.218  1.00 9.08   ? 906  GLU A CD  1 
ATOM   361 O OE1 . GLU A 1 44 ? 6.077   1.230   -7.040  1.00 11.07  ? 906  GLU A OE1 1 
ATOM   362 O OE2 . GLU A 1 44 ? 4.314   1.352   -8.353  1.00 12.75  ? 906  GLU A OE2 1 
ATOM   363 N N   . GLY A 1 45 ? 2.181   -0.746  -3.850  1.00 4.90   ? 907  GLY A N   1 
ATOM   364 C CA  . GLY A 1 45 ? 1.801   -2.141  -3.860  1.00 4.75   ? 907  GLY A CA  1 
ATOM   365 C C   . GLY A 1 45 ? 0.862   -2.456  -4.993  1.00 4.82   ? 907  GLY A C   1 
ATOM   366 O O   . GLY A 1 45 ? 0.477   -1.589  -5.772  1.00 5.75   ? 907  GLY A O   1 
ATOM   367 N N   . ARG A 1 46 ? 0.508   -3.729  -5.082  1.00 4.96   ? 908  ARG A N   1 
ATOM   368 C CA  . ARG A 1 46 ? -0.411  -4.206  -6.101  1.00 5.18   ? 908  ARG A CA  1 
ATOM   369 C C   . ARG A 1 46 ? -1.251  -5.333  -5.530  1.00 5.71   ? 908  ARG A C   1 
ATOM   370 O O   . ARG A 1 46 ? -0.836  -6.050  -4.625  1.00 6.75   ? 908  ARG A O   1 
ATOM   371 C CB  . ARG A 1 46 ? 0.314   -4.647  -7.363  1.00 6.00   ? 908  ARG A CB  1 
ATOM   372 C CG  . ARG A 1 46 ? 1.180   -5.833  -7.137  1.00 7.19   ? 908  ARG A CG  1 
ATOM   373 C CD  . ARG A 1 46 ? 1.909   -6.180  -8.402  1.00 8.34   ? 908  ARG A CD  1 
ATOM   374 N NE  . ARG A 1 46 ? 2.537   -7.482  -8.243  1.00 10.01  ? 908  ARG A NE  1 
ATOM   375 C CZ  . ARG A 1 46 ? 3.606   -7.906  -8.902  1.00 11.46  ? 908  ARG A CZ  1 
ATOM   376 N NH1 . ARG A 1 46 ? 4.229   -7.119  -9.771  1.00 11.43  ? 908  ARG A NH1 1 
ATOM   377 N NH2 . ARG A 1 46 ? 4.064   -9.126  -8.668  1.00 11.87  ? 908  ARG A NH2 1 
ATOM   378 N N   . ILE A 1 47 ? -2.451  -5.468  -6.063  1.00 5.99   ? 909  ILE A N   1 
ATOM   379 C CA  . ILE A 1 47 ? -3.345  -6.563  -5.681  1.00 6.66   ? 909  ILE A CA  1 
ATOM   380 C C   . ILE A 1 47 ? -2.979  -7.795  -6.514  1.00 6.90   ? 909  ILE A C   1 
ATOM   381 O O   . ILE A 1 47 ? -2.995  -7.733  -7.743  1.00 8.48   ? 909  ILE A O   1 
ATOM   382 C CB  . ILE A 1 47 ? -4.813  -6.162  -5.885  1.00 8.12   ? 909  ILE A CB  1 
ATOM   383 C CG1 . ILE A 1 47 ? -5.161  -4.934  -5.028  1.00 9.59   ? 909  ILE A CG1 1 
ATOM   384 C CG2 . ILE A 1 47 ? -5.745  -7.333  -5.587  1.00 9.31   ? 909  ILE A CG2 1 
ATOM   385 C CD1 . ILE A 1 47 ? -5.099  -5.143  -3.532  1.00 11.56  ? 909  ILE A CD1 1 
ATOM   386 N N   . PRO A 1 48 ? -2.617  -8.912  -5.857  1.00 6.88   ? 910  PRO A N   1 
ATOM   387 C CA  . PRO A 1 48 ? -2.157  -10.080 -6.619  1.00 7.79   ? 910  PRO A CA  1 
ATOM   388 C C   . PRO A 1 48 ? -3.113  -10.524 -7.719  1.00 9.18   ? 910  PRO A C   1 
ATOM   389 O O   . PRO A 1 48 ? -4.330  -10.541 -7.527  1.00 10.45  ? 910  PRO A O   1 
ATOM   390 C CB  . PRO A 1 48 ? -2.038  -11.168 -5.555  1.00 8.28   ? 910  PRO A CB  1 
ATOM   391 C CG  . PRO A 1 48 ? -1.766  -10.421 -4.295  1.00 7.61   ? 910  PRO A CG  1 
ATOM   392 C CD  . PRO A 1 48 ? -2.547  -9.148  -4.404  1.00 6.93   ? 910  PRO A CD  1 
ATOM   393 N N   . GLY A 1 49 ? -2.544  -10.886 -8.863  1.00 11.18  ? 911  GLY A N   1 
ATOM   394 C CA  . GLY A 1 49 ? -3.315  -11.353 -10.003 1.00 12.90  ? 911  GLY A CA  1 
ATOM   395 C C   . GLY A 1 49 ? -4.088  -10.286 -10.753 1.00 14.81  ? 911  GLY A C   1 
ATOM   396 O O   . GLY A 1 49 ? -4.921  -10.618 -11.590 1.00 19.45  ? 911  GLY A O   1 
ATOM   397 N N   . THR A 1 50 ? -3.814  -9.013  -10.474 1.00 14.04  ? 912  THR A N   1 
ATOM   398 C CA  . THR A 1 50 ? -4.524  -7.898  -11.100 1.00 14.96  ? 912  THR A CA  1 
ATOM   399 C C   . THR A 1 50 ? -3.590  -6.771  -11.520 1.00 18.36  ? 912  THR A C   1 
ATOM   400 O O   . THR A 1 50 ? -2.395  -6.786  -11.214 1.00 20.68  ? 912  THR A O   1 
ATOM   401 C CB  . THR A 1 50 ? -5.558  -7.243  -10.142 1.00 14.31  ? 912  THR A CB  1 
ATOM   402 O OG1 . THR A 1 50 ? -4.892  -6.341  -9.237  1.00 15.07  ? 912  THR A OG1 1 
ATOM   403 C CG2 . THR A 1 50 ? -6.341  -8.288  -9.368  1.00 12.21  ? 912  THR A CG2 1 
ATOM   404 N N   A SER A 1 51 ? -4.239  -5.752  -12.090 0.50 37.81  ? 913  SER A N   1 
ATOM   405 N N   B SER A 1 51 ? -4.088  -5.830  -12.317 0.50 17.44  ? 913  SER A N   1 
ATOM   406 C CA  A SER A 1 51 ? -3.663  -4.458  -12.401 0.50 11.92  ? 913  SER A CA  1 
ATOM   407 C CA  B SER A 1 51 ? -3.242  -4.761  -12.873 0.50 17.97  ? 913  SER A CA  1 
ATOM   408 C C   A SER A 1 51 ? -3.937  -3.346  -11.364 0.50 9.93   ? 913  SER A C   1 
ATOM   409 C C   B SER A 1 51 ? -3.334  -3.542  -11.980 0.50 12.43  ? 913  SER A C   1 
ATOM   410 O O   A SER A 1 51 ? -3.569  -2.200  -11.616 0.50 11.46  ? 913  SER A O   1 
ATOM   411 O O   B SER A 1 51 ? -2.872  -2.449  -12.316 0.50 13.68  ? 913  SER A O   1 
ATOM   412 C CB  A SER A 1 51 ? -4.207  -3.982  -13.748 0.50 16.42  ? 913  SER A CB  1 
ATOM   413 C CB  B SER A 1 51 ? -3.674  -4.403  -14.298 0.50 17.76  ? 913  SER A CB  1 
ATOM   414 O OG  A SER A 1 51 ? -5.614  -3.827  -13.686 0.50 16.44  ? 913  SER A OG  1 
ATOM   415 O OG  B SER A 1 51 ? -3.223  -5.378  -15.221 0.50 22.18  ? 913  SER A OG  1 
ATOM   416 N N   A ARG A 1 52 ? -4.588  -3.628  -10.235 0.50 9.31   ? 914  ARG A N   1 
ATOM   417 N N   B ARG A 1 52 ? -3.956  -3.754  -10.831 0.50 8.80   ? 914  ARG A N   1 
ATOM   418 C CA  A ARG A 1 52 ? -4.672  -2.600  -9.194  0.50 7.89   ? 914  ARG A CA  1 
ATOM   419 C CA  B ARG A 1 52 ? -4.248  -2.690  -9.899  0.50 8.23   ? 914  ARG A CA  1 
ATOM   420 C C   A ARG A 1 52 ? -3.245  -2.388  -8.662  0.50 7.70   ? 914  ARG A C   1 
ATOM   421 C C   B ARG A 1 52 ? -3.106  -2.437  -8.926  0.50 7.52   ? 914  ARG A C   1 
ATOM   422 O O   A ARG A 1 52 ? -2.652  -3.319  -8.124  0.50 7.55   ? 914  ARG A O   1 
ATOM   423 O O   B ARG A 1 52 ? -2.639  -3.351  -8.250  0.50 7.54   ? 914  ARG A O   1 
ATOM   424 C CB  A ARG A 1 52 ? -5.658  -2.992  -8.081  0.50 7.48   ? 914  ARG A CB  1 
ATOM   425 C CB  B ARG A 1 52 ? -5.484  -3.047  -9.112  0.50 8.48   ? 914  ARG A CB  1 
ATOM   426 C CG  A ARG A 1 52 ? -7.110  -3.030  -8.559  0.50 7.04   ? 914  ARG A CG  1 
ATOM   427 C CG  B ARG A 1 52 ? -5.853  -1.985  -8.111  0.50 8.49   ? 914  ARG A CG  1 
ATOM   428 C CD  A ARG A 1 52 ? -8.031  -3.704  -7.562  0.50 7.41   ? 914  ARG A CD  1 
ATOM   429 C CD  B ARG A 1 52 ? -7.120  -2.375  -7.403  0.50 9.39   ? 914  ARG A CD  1 
ATOM   430 N NE  A ARG A 1 52 ? -8.005  -3.028  -6.280  0.50 6.88   ? 914  ARG A NE  1 
ATOM   431 N NE  B ARG A 1 52 ? -8.269  -2.210  -8.279  0.50 9.15   ? 914  ARG A NE  1 
ATOM   432 C CZ  A ARG A 1 52 ? -8.412  -3.569  -5.145  0.50 5.80   ? 914  ARG A CZ  1 
ATOM   433 C CZ  B ARG A 1 52 ? -9.521  -2.387  -7.890  0.50 9.95   ? 914  ARG A CZ  1 
ATOM   434 N NH1 A ARG A 1 52 ? -8.879  -4.805  -5.108  0.50 6.56   ? 914  ARG A NH1 1 
ATOM   435 N NH1 B ARG A 1 52 ? -9.772  -2.737  -6.637  0.50 10.71  ? 914  ARG A NH1 1 
ATOM   436 N NH2 A ARG A 1 52 ? -8.318  -2.862  -4.044  0.50 4.07   ? 914  ARG A NH2 1 
ATOM   437 N NH2 B ARG A 1 52 ? -10.518 -2.213  -8.749  0.50 10.34  ? 914  ARG A NH2 1 
ATOM   438 N N   . GLN A 1 53 ? -2.691  -1.182  -8.843  1.00 7.65   ? 915  GLN A N   1 
ATOM   439 C CA  . GLN A 1 53 ? -1.385  -0.840  -8.312  1.00 6.69   ? 915  GLN A CA  1 
ATOM   440 C C   . GLN A 1 53 ? -1.358  0.634   -7.973  1.00 6.62   ? 915  GLN A C   1 
ATOM   441 O O   . GLN A 1 53 ? -1.940  1.457   -8.670  1.00 9.11   ? 915  GLN A O   1 
ATOM   442 C CB  . GLN A 1 53 ? -0.312  -1.150  -9.364  1.00 8.55   ? 915  GLN A CB  1 
ATOM   443 C CG  . GLN A 1 53 ? 1.117   -0.881  -8.923  1.00 9.19   ? 915  GLN A CG  1 
ATOM   444 C CD  . GLN A 1 53 ? 2.154   -1.453  -9.877  1.00 11.02  ? 915  GLN A CD  1 
ATOM   445 O OE1 . GLN A 1 53 ? 1.958   -2.516  -10.469 1.00 14.45  ? 915  GLN A OE1 1 
ATOM   446 N NE2 . GLN A 1 53 ? 3.280   -0.760  -10.009 1.00 12.39  ? 915  GLN A NE2 1 
ATOM   447 N N   . GLY A 1 54 ? -0.668  0.962   -6.892  1.00 5.51   ? 916  GLY A N   1 
ATOM   448 C CA  . GLY A 1 54 ? -0.480  2.352   -6.495  1.00 5.30   ? 916  GLY A CA  1 
ATOM   449 C C   . GLY A 1 54 ? -0.002  2.436   -5.067  1.00 4.93   ? 916  GLY A C   1 
ATOM   450 O O   . GLY A 1 54 ? 0.352   1.417   -4.457  1.00 5.69   ? 916  GLY A O   1 
ATOM   451 N N   . ILE A 1 55 ? 0.013   3.656   -4.532  1.00 4.75   ? 917  ILE A N   1 
ATOM   452 C CA  . ILE A 1 55 ? 0.560   3.874   -3.207  1.00 4.72   ? 917  ILE A CA  1 
ATOM   453 C C   . ILE A 1 55 ? -0.526  3.965   -2.141  1.00 4.67   ? 917  ILE A C   1 
ATOM   454 O O   . ILE A 1 55 ? -1.691  4.260   -2.415  1.00 5.21   ? 917  ILE A O   1 
ATOM   455 C CB  . ILE A 1 55 ? 1.500   5.107   -3.133  1.00 5.03   ? 917  ILE A CB  1 
ATOM   456 C CG1 . ILE A 1 55 ? 0.744   6.431   -3.334  1.00 5.29   ? 917  ILE A CG1 1 
ATOM   457 C CG2 . ILE A 1 55 ? 2.640   4.945   -4.134  1.00 5.72   ? 917  ILE A CG2 1 
ATOM   458 C CD1 . ILE A 1 55 ? 1.563   7.647   -2.946  1.00 5.85   ? 917  ILE A CD1 1 
ATOM   459 N N   . PHE A 1 56 ? -0.118  3.710   -0.908  1.00 4.57   ? 918  PHE A N   1 
ATOM   460 C CA  . PHE A 1 56 ? -1.013  3.785   0.239   1.00 4.62   ? 918  PHE A CA  1 
ATOM   461 C C   . PHE A 1 56 ? -0.170  3.952   1.504   1.00 4.44   ? 918  PHE A C   1 
ATOM   462 O O   . PHE A 1 56 ? 1.035   3.661   1.507   1.00 4.50   ? 918  PHE A O   1 
ATOM   463 C CB  . PHE A 1 56 ? -1.879  2.527   0.339   1.00 4.52   ? 918  PHE A CB  1 
ATOM   464 C CG  . PHE A 1 56 ? -1.077  1.287   0.289   1.00 4.98   ? 918  PHE A CG  1 
ATOM   465 C CD1 . PHE A 1 56 ? -0.536  0.745   1.435   1.00 5.92   ? 918  PHE A CD1 1 
ATOM   466 C CD2 . PHE A 1 56 ? -0.816  0.688   -0.932  1.00 5.77   ? 918  PHE A CD2 1 
ATOM   467 C CE1 . PHE A 1 56 ? 0.251   -0.388  1.367   1.00 7.19   ? 918  PHE A CE1 1 
ATOM   468 C CE2 . PHE A 1 56 ? -0.028  -0.432  -1.013  1.00 7.48   ? 918  PHE A CE2 1 
ATOM   469 C CZ  . PHE A 1 56 ? 0.506   -0.963  0.139   1.00 7.76   ? 918  PHE A CZ  1 
ATOM   470 N N   . PRO A 1 57 ? -0.798  4.402   2.599   1.00 4.45   ? 919  PRO A N   1 
ATOM   471 C CA  . PRO A 1 57 ? -0.021  4.652   3.810   1.00 4.61   ? 919  PRO A CA  1 
ATOM   472 C C   . PRO A 1 57 ? 0.384   3.362   4.511   1.00 4.48   ? 919  PRO A C   1 
ATOM   473 O O   . PRO A 1 57 ? -0.425  2.439   4.665   1.00 4.80   ? 919  PRO A O   1 
ATOM   474 C CB  . PRO A 1 57 ? -0.977  5.474   4.688   1.00 5.03   ? 919  PRO A CB  1 
ATOM   475 C CG  . PRO A 1 57 ? -2.003  6.030   3.739   1.00 5.18   ? 919  PRO A CG  1 
ATOM   476 C CD  . PRO A 1 57 ? -2.169  4.929   2.729   1.00 4.81   ? 919  PRO A CD  1 
ATOM   477 N N   . ILE A 1 58 ? 1.620   3.342   4.987   1.00 4.75   ? 920  ILE A N   1 
ATOM   478 C CA  . ILE A 1 58 ? 2.128   2.227   5.768   1.00 5.31   ? 920  ILE A CA  1 
ATOM   479 C C   . ILE A 1 58 ? 1.227   1.921   6.971   1.00 5.25   ? 920  ILE A C   1 
ATOM   480 O O   . ILE A 1 58 ? 1.001   0.747   7.297   1.00 5.86   ? 920  ILE A O   1 
ATOM   481 C CB  . ILE A 1 58 ? 3.582   2.512   6.205   1.00 6.29   ? 920  ILE A CB  1 
ATOM   482 C CG1 . ILE A 1 58 ? 4.501   2.625   4.974   1.00 6.55   ? 920  ILE A CG1 1 
ATOM   483 C CG2 . ILE A 1 58 ? 4.090   1.446   7.168   1.00 7.65   ? 920  ILE A CG2 1 
ATOM   484 C CD1 . ILE A 1 58 ? 5.890   3.166   5.274   1.00 7.55   ? 920  ILE A CD1 1 
ATOM   485 N N   . THR A 1 59 ? 0.702   2.960   7.618   1.00 5.09   ? 921  THR A N   1 
ATOM   486 C CA  . THR A 1 59 ? -0.119  2.782   8.805   1.00 5.46   ? 921  THR A CA  1 
ATOM   487 C C   . THR A 1 59 ? -1.468  2.101   8.517   1.00 5.38   ? 921  THR A C   1 
ATOM   488 O O   . THR A 1 59 ? -2.172  1.734   9.452   1.00 6.34   ? 921  THR A O   1 
ATOM   489 C CB  . THR A 1 59 ? -0.390  4.125   9.492   1.00 5.74   ? 921  THR A CB  1 
ATOM   490 O OG1 . THR A 1 59 ? -0.935  5.005   8.515   1.00 6.29   ? 921  THR A OG1 1 
ATOM   491 C CG2 . THR A 1 59 ? 0.894   4.707   10.092  1.00 6.29   ? 921  THR A CG2 1 
ATOM   492 N N   . TYR A 1 60 ? -1.838  1.918   7.245   1.00 4.64   ? 922  TYR A N   1 
ATOM   493 C CA  . TYR A 1 60 ? -3.124  1.313   6.931   1.00 4.62   ? 922  TYR A CA  1 
ATOM   494 C C   . TYR A 1 60 ? -3.035  -0.197  6.722   1.00 4.72   ? 922  TYR A C   1 
ATOM   495 O O   . TYR A 1 60 ? -4.067  -0.825  6.479   1.00 5.36   ? 922  TYR A O   1 
ATOM   496 C CB  . TYR A 1 60 ? -3.769  1.986   5.716   1.00 4.62   ? 922  TYR A CB  1 
ATOM   497 C CG  . TYR A 1 60 ? -4.447  3.312   5.990   1.00 4.70   ? 922  TYR A CG  1 
ATOM   498 C CD1 . TYR A 1 60 ? -3.783  4.361   6.632   1.00 5.02   ? 922  TYR A CD1 1 
ATOM   499 C CD2 . TYR A 1 60 ? -5.763  3.517   5.604   1.00 5.25   ? 922  TYR A CD2 1 
ATOM   500 C CE1 . TYR A 1 60 ? -4.413  5.578   6.847   1.00 5.46   ? 922  TYR A CE1 1 
ATOM   501 C CE2 . TYR A 1 60 ? -6.400  4.727   5.816   1.00 5.91   ? 922  TYR A CE2 1 
ATOM   502 C CZ  . TYR A 1 60 ? -5.726  5.752   6.434   1.00 5.70   ? 922  TYR A CZ  1 
ATOM   503 O OH  . TYR A 1 60 ? -6.387  6.944   6.622   1.00 7.40   ? 922  TYR A OH  1 
ATOM   504 N N   . VAL A 1 61 ? -1.840  -0.778  6.818   1.00 4.97   ? 923  VAL A N   1 
ATOM   505 C CA  . VAL A 1 61 ? -1.662  -2.190  6.578   1.00 5.17   ? 923  VAL A CA  1 
ATOM   506 C C   . VAL A 1 61 ? -0.868  -2.837  7.695   1.00 5.45   ? 923  VAL A C   1 
ATOM   507 O O   . VAL A 1 61 ? -0.105  -2.186  8.415   1.00 6.43   ? 923  VAL A O   1 
ATOM   508 C CB  . VAL A 1 61 ? -0.987  -2.471  5.202   1.00 5.48   ? 923  VAL A CB  1 
ATOM   509 C CG1 . VAL A 1 61 ? -1.759  -1.781  4.078   1.00 5.73   ? 923  VAL A CG1 1 
ATOM   510 C CG2 . VAL A 1 61 ? 0.481   -2.060  5.199   1.00 6.10   ? 923  VAL A CG2 1 
ATOM   511 N N   A ASP A 1 62 ? -1.065  -4.145  7.809   0.50 5.83   ? 924  ASP A N   1 
ATOM   512 N N   B ASP A 1 62 ? -1.083  -4.148  7.840   0.50 5.98   ? 924  ASP A N   1 
ATOM   513 C CA  A ASP A 1 62 ? -0.240  -4.978  8.650   0.50 6.42   ? 924  ASP A CA  1 
ATOM   514 C CA  B ASP A 1 62 ? -0.232  -5.003  8.660   0.50 7.31   ? 924  ASP A CA  1 
ATOM   515 C C   A ASP A 1 62 ? 0.809   -5.616  7.747   0.50 6.27   ? 924  ASP A C   1 
ATOM   516 C C   B ASP A 1 62 ? 0.814   -5.625  7.751   0.50 6.46   ? 924  ASP A C   1 
ATOM   517 O O   A ASP A 1 62 ? 0.477   -6.406  6.860   0.50 6.54   ? 924  ASP A O   1 
ATOM   518 O O   B ASP A 1 62 ? 0.484   -6.432  6.880   0.50 6.62   ? 924  ASP A O   1 
ATOM   519 C CB  A ASP A 1 62 ? -1.099  -6.035  9.319   0.50 8.00   ? 924  ASP A CB  1 
ATOM   520 C CB  B ASP A 1 62 ? -1.045  -6.108  9.327   0.50 9.52   ? 924  ASP A CB  1 
ATOM   521 C CG  A ASP A 1 62 ? -0.345  -6.819  10.351  0.50 8.67   ? 924  ASP A CG  1 
ATOM   522 C CG  B ASP A 1 62 ? -1.666  -5.665  10.625  0.50 12.34  ? 924  ASP A CG  1 
ATOM   523 O OD1 A ASP A 1 62 ? 0.562   -6.259  10.997  0.50 13.35  ? 924  ASP A OD1 1 
ATOM   524 O OD1 B ASP A 1 62 ? -0.940  -5.081  11.458  0.50 13.57  ? 924  ASP A OD1 1 
ATOM   525 O OD2 A ASP A 1 62 ? -0.664  -8.004  10.514  0.50 8.31   ? 924  ASP A OD2 1 
ATOM   526 O OD2 B ASP A 1 62 ? -2.879  -5.894  10.811  0.50 15.11  ? 924  ASP A OD2 1 
ATOM   527 N N   . VAL A 1 63 ? 2.067   -5.231  7.946   1.00 6.46   ? 925  VAL A N   1 
ATOM   528 C CA  . VAL A 1 63 ? 3.160   -5.711  7.115   1.00 6.32   ? 925  VAL A CA  1 
ATOM   529 C C   . VAL A 1 63 ? 3.528   -7.136  7.530   1.00 6.54   ? 925  VAL A C   1 
ATOM   530 O O   . VAL A 1 63 ? 3.849   -7.395  8.687   1.00 10.04  ? 925  VAL A O   1 
ATOM   531 C CB  . VAL A 1 63 ? 4.383   -4.773  7.206   1.00 7.26   ? 925  VAL A CB  1 
ATOM   532 C CG1 . VAL A 1 63 ? 5.552   -5.329  6.395   1.00 7.71   ? 925  VAL A CG1 1 
ATOM   533 C CG2 . VAL A 1 63 ? 4.009   -3.378  6.718   1.00 7.52   ? 925  VAL A CG2 1 
ATOM   534 N N   . ILE A 1 64 ? 3.466   -8.041  6.569   1.00 5.41   ? 926  ILE A N   1 
ATOM   535 C CA  . ILE A 1 64 ? 3.809   -9.438  6.769   1.00 5.34   ? 926  ILE A CA  1 
ATOM   536 C C   . ILE A 1 64 ? 5.280   -9.674  6.415   1.00 5.46   ? 926  ILE A C   1 
ATOM   537 O O   . ILE A 1 64 ? 5.983   -10.410 7.105   1.00 6.98   ? 926  ILE A O   1 
ATOM   538 C CB  . ILE A 1 64 ? 2.856   -10.308 5.928   1.00 5.68   ? 926  ILE A CB  1 
ATOM   539 C CG1 . ILE A 1 64 ? 1.438   -10.181 6.509   1.00 6.78   ? 926  ILE A CG1 1 
ATOM   540 C CG2 . ILE A 1 64 ? 3.315   -11.757 5.883   1.00 5.74   ? 926  ILE A CG2 1 
ATOM   541 C CD1 . ILE A 1 64 ? 0.337   -10.617 5.582   1.00 7.95   ? 926  ILE A CD1 1 
ATOM   542 N N   . LYS A 1 65 ? 5.725   -9.048  5.330   1.00 5.38   ? 927  LYS A N   1 
ATOM   543 C CA  . LYS A 1 65 ? 7.115   -9.107  4.881   1.00 5.38   ? 927  LYS A CA  1 
ATOM   544 C C   . LYS A 1 65 ? 7.439   -7.772  4.244   1.00 5.22   ? 927  LYS A C   1 
ATOM   545 O O   . LYS A 1 65 ? 6.693   -7.313  3.384   1.00 5.47   ? 927  LYS A O   1 
ATOM   546 C CB  . LYS A 1 65 ? 7.315   -10.227 3.850   1.00 5.46   ? 927  LYS A CB  1 
ATOM   547 C CG  . LYS A 1 65 ? 8.736   -10.312 3.308   1.00 6.05   ? 927  LYS A CG  1 
ATOM   548 C CD  . LYS A 1 65 ? 8.917   -11.426 2.297   1.00 6.83   ? 927  LYS A CD  1 
ATOM   549 C CE  . LYS A 1 65 ? 10.330  -11.430 1.737   1.00 7.76   ? 927  LYS A CE  1 
ATOM   550 N NZ  . LYS A 1 65 ? 10.630  -12.669 0.969   1.00 9.55   ? 927  LYS A NZ  1 
ATOM   551 N N   A ARG A 1 66 ? 8.538   -7.151  4.656   0.50 5.52   ? 928  ARG A N   1 
ATOM   552 N N   B ARG A 1 66 ? 8.538   -7.148  4.660   0.50 5.78   ? 928  ARG A N   1 
ATOM   553 C CA  A ARG A 1 66 ? 8.998   -5.925  4.014   0.50 5.82   ? 928  ARG A CA  1 
ATOM   554 C CA  B ARG A 1 66 ? 9.021   -5.935  4.002   0.50 6.29   ? 928  ARG A CA  1 
ATOM   555 C C   A ARG A 1 66 ? 9.651   -6.273  2.673   0.50 6.04   ? 928  ARG A C   1 
ATOM   556 C C   B ARG A 1 66 ? 9.635   -6.291  2.656   0.50 6.22   ? 928  ARG A C   1 
ATOM   557 O O   A ARG A 1 66 ? 10.283  -7.316  2.555   0.50 6.72   ? 928  ARG A O   1 
ATOM   558 O O   B ARG A 1 66 ? 10.251  -7.341  2.524   0.50 6.95   ? 928  ARG A O   1 
ATOM   559 C CB  A ARG A 1 66 ? 10.024  -5.220  4.903   0.50 5.58   ? 928  ARG A CB  1 
ATOM   560 C CB  B ARG A 1 66 ? 10.121  -5.274  4.825   0.50 6.86   ? 928  ARG A CB  1 
ATOM   561 C CG  A ARG A 1 66 ? 9.447   -4.615  6.176   0.50 5.86   ? 928  ARG A CG  1 
ATOM   562 C CG  B ARG A 1 66 ? 9.665   -4.531  6.063   0.50 7.91   ? 928  ARG A CG  1 
ATOM   563 C CD  A ARG A 1 66 ? 10.539  -4.236  7.168   0.50 5.97   ? 928  ARG A CD  1 
ATOM   564 C CD  B ARG A 1 66 ? 10.870  -4.056  6.861   0.50 10.12  ? 928  ARG A CD  1 
ATOM   565 N NE  A ARG A 1 66 ? 10.029  -3.424  8.270   0.50 6.24   ? 928  ARG A NE  1 
ATOM   566 N NE  B ARG A 1 66 ? 11.761  -3.194  6.085   0.50 11.38  ? 928  ARG A NE  1 
ATOM   567 C CZ  A ARG A 1 66 ? 10.168  -2.108  8.363   0.50 6.41   ? 928  ARG A CZ  1 
ATOM   568 C CZ  B ARG A 1 66 ? 11.794  -1.870  6.190   0.50 13.94  ? 928  ARG A CZ  1 
ATOM   569 N NH1 A ARG A 1 66 ? 10.819  -1.436  7.426   0.50 6.90   ? 928  ARG A NH1 1 
ATOM   570 N NH1 B ARG A 1 66 ? 10.988  -1.253  7.044   0.50 16.18  ? 928  ARG A NH1 1 
ATOM   571 N NH2 A ARG A 1 66 ? 9.654   -1.472  9.403   0.50 6.75   ? 928  ARG A NH2 1 
ATOM   572 N NH2 B ARG A 1 66 ? 12.634  -1.162  5.447   0.50 13.56  ? 928  ARG A NH2 1 
ATOM   573 N N   . PRO A 1 67 ? 9.517   -5.399  1.664   1.00 6.49   ? 929  PRO A N   1 
ATOM   574 C CA  . PRO A 1 67 ? 10.352  -5.584  0.478   1.00 7.09   ? 929  PRO A CA  1 
ATOM   575 C C   . PRO A 1 67 ? 11.830  -5.512  0.879   1.00 7.87   ? 929  PRO A C   1 
ATOM   576 O O   . PRO A 1 67 ? 12.188  -4.782  1.799   1.00 8.82   ? 929  PRO A O   1 
ATOM   577 C CB  . PRO A 1 67 ? 10.003  -4.392  -0.417  1.00 8.46   ? 929  PRO A CB  1 
ATOM   578 C CG  . PRO A 1 67 ? 8.797   -3.769  0.167   1.00 9.42   ? 929  PRO A CG  1 
ATOM   579 C CD  . PRO A 1 67 ? 8.725   -4.162  1.609   1.00 6.75   ? 929  PRO A CD  1 
ATOM   580 N N   . LEU A 1 68 ? 12.652  -6.301  0.204   1.00 9.19   ? 930  LEU A N   1 
ATOM   581 C CA  . LEU A 1 68 ? 14.087  -6.362  0.407   1.00 11.57  ? 930  LEU A CA  1 
ATOM   582 C C   . LEU A 1 68 ? 14.728  -5.840  -0.864  1.00 14.12  ? 930  LEU A C   1 
ATOM   583 O O   . LEU A 1 68 ? 14.469  -6.369  -1.943  1.00 13.06  ? 930  LEU A O   1 
ATOM   584 C CB  . LEU A 1 68 ? 14.512  -7.821  0.621   1.00 11.83  ? 930  LEU A CB  1 
ATOM   585 C CG  . LEU A 1 68 ? 15.948  -8.054  1.070   1.00 14.78  ? 930  LEU A CG  1 
ATOM   586 C CD1 . LEU A 1 68 ? 16.144  -7.531  2.481   1.00 17.17  ? 930  LEU A CD1 1 
ATOM   587 C CD2 . LEU A 1 68 ? 16.277  -9.536  1.003   1.00 17.90  ? 930  LEU A CD2 1 
ATOM   588 O OXT . LEU A 1 68 ? 15.483  -4.878  -0.856  1.00 90.29  ? 930  LEU A OXT 1 
ATOM   589 N N   . LEU B 2 2  ? -13.293 5.259   10.065  1.00 7.36   ? 858  LEU B N   1 
ATOM   590 C CA  . LEU B 2 2  ? -12.270 5.618   11.072  1.00 6.88   ? 858  LEU B CA  1 
ATOM   591 C C   . LEU B 2 2  ? -10.950 4.973   10.705  1.00 6.54   ? 858  LEU B C   1 
ATOM   592 O O   . LEU B 2 2  ? -10.874 3.762   10.540  1.00 7.17   ? 858  LEU B O   1 
ATOM   593 C CB  . LEU B 2 2  ? -12.700 5.160   12.454  1.00 7.88   ? 858  LEU B CB  1 
ATOM   594 C CG  . LEU B 2 2  ? -11.705 5.492   13.567  1.00 9.14   ? 858  LEU B CG  1 
ATOM   595 C CD1 . LEU B 2 2  ? -11.451 6.985   13.709  1.00 9.53   ? 858  LEU B CD1 1 
ATOM   596 C CD2 . LEU B 2 2  ? -12.212 4.908   14.869  1.00 10.71  ? 858  LEU B CD2 1 
ATOM   597 N N   . ALA B 2 3  ? -9.916  5.790   10.590  1.00 6.74   ? 859  ALA B N   1 
ATOM   598 C CA  . ALA B 2 3  ? -8.600  5.313   10.201  1.00 6.21   ? 859  ALA B CA  1 
ATOM   599 C C   . ALA B 2 3  ? -7.571  6.333   10.647  1.00 6.40   ? 859  ALA B C   1 
ATOM   600 O O   . ALA B 2 3  ? -7.926  7.464   10.986  1.00 6.93   ? 859  ALA B O   1 
ATOM   601 C CB  . ALA B 2 3  ? -8.534  5.107   8.693   1.00 7.15   ? 859  ALA B CB  1 
ATOM   602 N N   . PRO B 2 4  ? -6.285  5.956   10.657  1.00 6.42   ? 860  PRO B N   1 
ATOM   603 C CA  . PRO B 2 4  ? -5.257  6.930   10.999  1.00 6.72   ? 860  PRO B CA  1 
ATOM   604 C C   . PRO B 2 4  ? -5.282  8.122   10.035  1.00 6.51   ? 860  PRO B C   1 
ATOM   605 O O   . PRO B 2 4  ? -5.768  8.010   8.913   1.00 7.04   ? 860  PRO B O   1 
ATOM   606 C CB  . PRO B 2 4  ? -3.955  6.128   10.870  1.00 6.96   ? 860  PRO B CB  1 
ATOM   607 C CG  . PRO B 2 4  ? -4.371  4.709   11.082  1.00 7.17   ? 860  PRO B CG  1 
ATOM   608 C CD  . PRO B 2 4  ? -5.712  4.625   10.411  1.00 6.48   ? 860  PRO B CD  1 
ATOM   609 N N   . PRO B 2 5  ? -4.751  9.270   10.453  1.00 7.24   ? 861  PRO B N   1 
ATOM   610 C CA  . PRO B 2 5  ? -4.713  10.384  9.515   1.00 7.62   ? 861  PRO B CA  1 
ATOM   611 C C   . PRO B 2 5  ? -3.872  10.047  8.293   1.00 6.79   ? 861  PRO B C   1 
ATOM   612 O O   . PRO B 2 5  ? -2.882  9.318   8.389   1.00 8.28   ? 861  PRO B O   1 
ATOM   613 C CB  . PRO B 2 5  ? -4.057  11.504  10.324  1.00 9.02   ? 861  PRO B CB  1 
ATOM   614 C CG  . PRO B 2 5  ? -4.316  11.144  11.748  1.00 9.73   ? 861  PRO B CG  1 
ATOM   615 C CD  . PRO B 2 5  ? -4.223  9.649   11.770  1.00 8.47   ? 861  PRO B CD  1 
ATOM   616 N N   . LYS B 2 6  ? -4.269  10.580  7.148   1.00 6.60   ? 862  LYS B N   1 
ATOM   617 C CA  . LYS B 2 6  ? -3.524  10.352  5.924   1.00 6.96   ? 862  LYS B CA  1 
ATOM   618 C C   . LYS B 2 6  ? -2.221  11.153  5.977   1.00 6.22   ? 862  LYS B C   1 
ATOM   619 O O   . LYS B 2 6  ? -2.258  12.370  6.188   1.00 6.48   ? 862  LYS B O   1 
ATOM   620 C CB  . LYS B 2 6  ? -4.352  10.803  4.739   1.00 8.84   ? 862  LYS B CB  1 
ATOM   621 C CG  . LYS B 2 6  ? -3.770  10.471  3.385   1.00 11.14  ? 862  LYS B CG  1 
ATOM   622 C CD  . LYS B 2 6  ? -4.583  11.173  2.315   1.00 15.76  ? 862  LYS B CD  1 
ATOM   623 C CE  . LYS B 2 6  ? -4.213  10.699  0.931   1.00 18.10  ? 862  LYS B CE  1 
ATOM   624 N NZ  . LYS B 2 6  ? -5.052  11.390  -0.087  1.00 24.33  ? 862  LYS B NZ  1 
ATOM   625 N N   . PRO B 2 7  ? -1.069  10.507  5.770   1.00 6.07   ? 863  PRO B N   1 
ATOM   626 C CA  . PRO B 2 7  ? 0.175   11.276  5.731   1.00 5.95   ? 863  PRO B CA  1 
ATOM   627 C C   . PRO B 2 7  ? 0.235   12.150  4.486   1.00 5.29   ? 863  PRO B C   1 
ATOM   628 O O   . PRO B 2 7  ? -0.491  11.909  3.517   1.00 5.59   ? 863  PRO B O   1 
ATOM   629 C CB  . PRO B 2 7  ? 1.258   10.195  5.715   1.00 6.56   ? 863  PRO B CB  1 
ATOM   630 C CG  . PRO B 2 7  ? 0.581   8.999   5.148   1.00 6.58   ? 863  PRO B CG  1 
ATOM   631 C CD  . PRO B 2 7  ? -0.847  9.068   5.578   1.00 6.11   ? 863  PRO B CD  1 
ATOM   632 N N   . PRO B 2 8  ? 1.108   13.164  4.493   1.00 5.32   ? 864  PRO B N   1 
ATOM   633 C CA  . PRO B 2 8  ? 1.342   13.906  3.266   1.00 5.26   ? 864  PRO B CA  1 
ATOM   634 C C   . PRO B 2 8  ? 1.903   12.972  2.197   1.00 4.75   ? 864  PRO B C   1 
ATOM   635 O O   . PRO B 2 8  ? 2.662   12.053  2.514   1.00 4.95   ? 864  PRO B O   1 
ATOM   636 C CB  . PRO B 2 8  ? 2.368   14.964  3.678   1.00 5.84   ? 864  PRO B CB  1 
ATOM   637 C CG  . PRO B 2 8  ? 3.074   14.376  4.845   1.00 6.61   ? 864  PRO B CG  1 
ATOM   638 C CD  . PRO B 2 8  ? 2.057   13.524  5.557   1.00 5.87   ? 864  PRO B CD  1 
ATOM   639 N N   . LEU B 2 9  ? 1.523   13.203  0.947   1.00 4.95   ? 865  LEU B N   1 
ATOM   640 C CA  . LEU B 2 9  ? 2.003   12.382  -0.159  1.00 5.22   ? 865  LEU B CA  1 
ATOM   641 C C   . LEU B 2 9  ? 3.509   12.517  -0.334  1.00 5.00   ? 865  LEU B C   1 
ATOM   642 O O   . LEU B 2 9  ? 4.093   13.517  0.064   1.00 5.04   ? 865  LEU B O   1 
ATOM   643 C CB  . LEU B 2 9  ? 1.318   12.766  -1.470  1.00 6.93   ? 865  LEU B CB  1 
ATOM   644 C CG  . LEU B 2 9  ? -0.128  12.329  -1.646  1.00 9.58   ? 865  LEU B CG  1 
ATOM   645 C CD1 . LEU B 2 9  ? -0.798  13.196  -2.700  1.00 10.73  ? 865  LEU B CD1 1 
ATOM   646 C CD2 . LEU B 2 9  ? -0.199  10.862  -2.017  1.00 10.84  ? 865  LEU B CD2 1 
ATOM   647 N N   . PRO B 2 10 ? 4.137   11.523  -0.978  1.00 5.40   ? 866  PRO B N   1 
ATOM   648 C CA  . PRO B 2 10 ? 5.546   11.649  -1.333  1.00 5.56   ? 866  PRO B CA  1 
ATOM   649 C C   . PRO B 2 10 ? 5.780   12.790  -2.332  1.00 5.37   ? 866  PRO B C   1 
ATOM   650 O O   . PRO B 2 10 ? 4.845   13.356  -2.886  1.00 5.41   ? 866  PRO B O   1 
ATOM   651 C CB  . PRO B 2 10 ? 5.881   10.299  -1.988  1.00 6.30   ? 866  PRO B CB  1 
ATOM   652 C CG  . PRO B 2 10 ? 4.789   9.373   -1.575  1.00 6.79   ? 866  PRO B CG  1 
ATOM   653 C CD  . PRO B 2 10 ? 3.571   10.240  -1.427  1.00 5.57   ? 866  PRO B CD  1 
ATOM   654 N N   . GLU B 2 11 ? 7.046   13.088  -2.582  1.00 5.79   ? 867  GLU B N   1 
ATOM   655 C CA  . GLU B 2 11 ? 7.403   14.058  -3.609  1.00 5.82   ? 867  GLU B CA  1 
ATOM   656 C C   . GLU B 2 11 ? 7.245   13.538  -5.031  1.00 5.96   ? 867  GLU B C   1 
ATOM   657 O O   . GLU B 2 11 ? 7.173   12.321  -5.251  1.00 7.13   ? 867  GLU B O   1 
ATOM   658 C CB  . GLU B 2 11 ? 8.824   14.575  -3.374  1.00 5.62   ? 867  GLU B CB  1 
ATOM   659 C CG  . GLU B 2 11 ? 8.963   15.303  -2.058  1.00 5.81   ? 867  GLU B CG  1 
ATOM   660 C CD  . GLU B 2 11 ? 7.878   16.343  -1.900  1.00 5.78   ? 867  GLU B CD  1 
ATOM   661 O OE1 . GLU B 2 11 ? 7.910   17.353  -2.633  1.00 6.20   ? 867  GLU B OE1 1 
ATOM   662 O OE2 . GLU B 2 11 ? 6.968   16.141  -1.070  1.00 6.59   ? 867  GLU B OE2 1 
ATOM   663 O OXT . GLU B 2 11 ? 7.197   14.387  -5.938  1.00 6.80   ? 867  GLU B OXT 1 
HETATM 664 O O   . HOH C 3 .  ? 1.708   5.171   -7.842  1.00 14.70  ? 1001 HOH A O   1 
HETATM 665 O O   . HOH C 3 .  ? 1.442   -9.951  -6.658  1.00 5.01   ? 1002 HOH A O   1 
HETATM 666 O O   . HOH C 3 .  ? 5.723   -12.981 2.650   1.00 9.68   ? 1003 HOH A O   1 
HETATM 667 O O   . HOH C 3 .  ? 0.684   -10.906 -1.766  1.00 7.40   ? 1004 HOH A O   1 
HETATM 668 O O   . HOH C 3 .  ? -12.156 -6.069  -0.643  1.00 18.45  ? 1005 HOH A O   1 
HETATM 669 O O   . HOH C 3 .  ? 11.904  -8.878  4.059   1.00 13.53  ? 1006 HOH A O   1 
HETATM 670 O O   . HOH C 3 .  ? -10.116 -1.075  10.957  1.00 7.99   ? 1007 HOH A O   1 
HETATM 671 O O   . HOH C 3 .  ? 9.770   -1.487  3.918   1.00 11.55  ? 1008 HOH A O   1 
HETATM 672 O O   . HOH C 3 .  ? -10.912 1.886   8.358   1.00 9.25   ? 1009 HOH A O   1 
HETATM 673 O O   . HOH C 3 .  ? -5.754  -10.859 -4.724  1.00 19.35  ? 1010 HOH A O   1 
HETATM 674 O O   . HOH C 3 .  ? -15.207 -3.243  3.241   1.00 7.79   ? 1011 HOH A O   1 
HETATM 675 O O   . HOH C 3 .  ? 2.038   5.734   7.059   1.00 9.68   ? 1012 HOH A O   1 
HETATM 676 O O   . HOH C 3 .  ? 9.692   -8.277  7.130   1.00 11.34  ? 1013 HOH A O   1 
HETATM 677 O O   . HOH C 3 .  ? -11.770 1.901   -0.068  1.00 9.61   ? 1014 HOH A O   1 
HETATM 678 O O   . HOH C 3 .  ? -14.602 -4.973  -1.106  1.00 9.29   ? 1015 HOH A O   1 
HETATM 679 O O   . HOH C 3 .  ? 9.473   -12.191 -1.478  1.00 9.17   ? 1016 HOH A O   1 
HETATM 680 O O   . HOH C 3 .  ? -11.711 -7.147  1.873   1.00 10.63  ? 1017 HOH A O   1 
HETATM 681 O O   . HOH C 3 .  ? 2.709   -3.396  10.068  1.00 13.34  ? 1018 HOH A O   1 
HETATM 682 O O   . HOH C 3 .  ? 5.250   11.353  3.337   1.00 8.09   ? 1019 HOH A O   1 
HETATM 683 O O   . HOH C 3 .  ? 2.275   -0.726  9.409   1.00 17.07  ? 1020 HOH A O   1 
HETATM 684 O O   . HOH C 3 .  ? -13.529 -5.214  4.397   1.00 6.83   ? 1021 HOH A O   1 
HETATM 685 O O   . HOH C 3 .  ? 11.620  -0.613  -0.776  1.00 16.38  ? 1022 HOH A O   1 
HETATM 686 O O   . HOH C 3 .  ? -5.294  11.927  -10.462 1.00 14.52  ? 1023 HOH A O   1 
HETATM 687 O O   . HOH C 3 .  ? -15.848 -5.140  1.319   1.00 8.71   ? 1024 HOH A O   1 
HETATM 688 O O   . HOH C 3 .  ? 7.620   -7.395  8.608   1.00 16.69  ? 1025 HOH A O   1 
HETATM 689 O O   . HOH C 3 .  ? -9.457  6.772   3.482   1.00 14.68  ? 1026 HOH A O   1 
HETATM 690 O O   . HOH C 3 .  ? -11.592 -2.215  -2.708  1.00 9.27   ? 1027 HOH A O   1 
HETATM 691 O O   . HOH C 3 .  ? -6.074  -9.054  -2.479  1.00 11.13  ? 1028 HOH A O   1 
HETATM 692 O O   . HOH C 3 .  ? 1.478   7.892   -11.700 1.00 20.94  ? 1029 HOH A O   1 
HETATM 693 O O   . HOH C 3 .  ? -7.331  8.423   4.514   1.00 16.42  ? 1030 HOH A O   1 
HETATM 694 O O   . HOH C 3 .  ? -10.989 5.225   5.561   1.00 15.94  ? 1031 HOH A O   1 
HETATM 695 O O   . HOH C 3 .  ? -6.158  -5.388  13.179  1.00 16.84  ? 1032 HOH A O   1 
HETATM 696 O O   . HOH C 3 .  ? 5.547   -3.571  10.511  1.00 23.24  ? 1033 HOH A O   1 
HETATM 697 O O   . HOH C 3 .  ? 0.258   -13.216 -3.098  1.00 13.93  ? 1034 HOH A O   1 
HETATM 698 O O   . HOH C 3 .  ? -8.396  10.554  6.178   1.00 21.33  ? 1035 HOH A O   1 
HETATM 699 O O   . HOH C 3 .  ? 7.811   -12.489 6.998   1.00 12.03  ? 1036 HOH A O   1 
HETATM 700 O O   . HOH C 3 .  ? 7.838   -0.513  -8.377  1.00 21.66  ? 1037 HOH A O   1 
HETATM 701 O O   . HOH C 3 .  ? -7.848  -11.333 4.583   1.00 13.54  ? 1038 HOH A O   1 
HETATM 702 O O   . HOH C 3 .  ? 9.737   -2.130  -6.939  1.00 17.55  ? 1039 HOH A O   1 
HETATM 703 O O   . HOH C 3 .  ? -4.376  -12.599 -2.714  1.00 19.18  ? 1040 HOH A O   1 
HETATM 704 O O   . HOH C 3 .  ? -12.004 4.822   -3.140  1.00 27.25  ? 1041 HOH A O   1 
HETATM 705 O O   . HOH C 3 .  ? 6.770   -2.715  -10.207 1.00 38.85  ? 1042 HOH A O   1 
HETATM 706 O O   . HOH C 3 .  ? -2.437  -9.141  8.853   1.00 14.66  ? 1043 HOH A O   1 
HETATM 707 O O   . HOH C 3 .  ? 1.815   -9.252  10.830  1.00 21.74  ? 1044 HOH A O   1 
HETATM 708 O O   . HOH C 3 .  ? -12.140 0.447   -2.330  1.00 18.83  ? 1045 HOH A O   1 
HETATM 709 O O   . HOH C 3 .  ? 9.031   -2.852  12.024  1.00 18.53  ? 1046 HOH A O   1 
HETATM 710 O O   . HOH C 3 .  ? -7.087  -10.551 -0.278  1.00 18.50  ? 1047 HOH A O   1 
HETATM 711 O O   . HOH C 3 .  ? -4.228  0.673   -10.832 1.00 40.65  ? 1048 HOH A O   1 
HETATM 712 O O   . HOH C 3 .  ? -5.058  -9.290  9.558   1.00 21.90  ? 1049 HOH A O   1 
HETATM 713 O O   . HOH C 3 .  ? -11.412 -1.521  -5.400  1.00 21.26  ? 1050 HOH A O   1 
HETATM 714 O O   . HOH C 3 .  ? 2.510   1.565   10.990  1.00 24.78  ? 1051 HOH A O   1 
HETATM 715 O O   . HOH C 3 .  ? 9.931   9.500   -2.223  1.00 14.96  ? 1052 HOH A O   1 
HETATM 716 O O   . HOH C 3 .  ? -8.198  0.034   -5.912  1.00 21.35  ? 1053 HOH A O   1 
HETATM 717 O O   . HOH C 3 .  ? -1.287  4.099   -9.760  1.00 23.05  ? 1054 HOH A O   1 
HETATM 718 O O   . HOH C 3 .  ? 5.311   -0.908  9.152   1.00 22.15  ? 1055 HOH A O   1 
HETATM 719 O O   . HOH C 3 .  ? 4.560   4.443   -7.438  1.00 18.69  ? 1056 HOH A O   1 
HETATM 720 O O   . HOH C 3 .  ? 12.180  -11.397 4.878   1.00 22.90  ? 1057 HOH A O   1 
HETATM 721 O O   . HOH C 3 .  ? 7.270   9.149   9.567   1.00 18.66  ? 1058 HOH A O   1 
HETATM 722 O O   . HOH C 3 .  ? -6.342  -13.047 -0.864  1.00 23.68  ? 1059 HOH A O   1 
HETATM 723 O O   . HOH C 3 .  ? 15.053  -11.337 5.589   1.00 38.25  ? 1060 HOH A O   1 
HETATM 724 O O   . HOH C 3 .  ? 17.612  -11.074 -1.718  1.00 24.57  ? 1061 HOH A O   1 
HETATM 725 O O   . HOH C 3 .  ? -9.813  -10.177 -0.476  1.00 29.00  ? 1062 HOH A O   1 
HETATM 726 O O   . HOH C 3 .  ? -7.543  9.278   1.935   1.00 22.75  ? 1063 HOH A O   1 
HETATM 727 O O   . HOH C 3 .  ? 3.467   -6.821  11.513  1.00 31.13  ? 1064 HOH A O   1 
HETATM 728 O O   . HOH C 3 .  ? -14.382 -2.562  -2.424  1.00 8.70   ? 1065 HOH A O   1 
HETATM 729 O O   . HOH C 3 .  ? -2.218  -14.164 -3.347  1.00 9.55   ? 1066 HOH A O   1 
HETATM 730 O O   . HOH C 3 .  ? -4.935  14.169  -8.842  1.00 18.47  ? 1067 HOH A O   1 
HETATM 731 O O   . HOH C 3 .  ? -1.384  -11.538 8.972   1.00 9.37   ? 1068 HOH A O   1 
HETATM 732 O O   . HOH C 3 .  ? -8.166  -1.809  -11.266 1.00 22.63  ? 1069 HOH A O   1 
HETATM 733 O O   . HOH C 3 .  ? 18.212  -12.018 -4.280  1.00 26.77  ? 1070 HOH A O   1 
HETATM 734 O O   . HOH C 3 .  ? 2.463   -0.655  -13.590 1.00 63.85  ? 1071 HOH A O   1 
HETATM 735 O O   . HOH C 3 .  ? 1.904   2.566   -8.857  1.00 14.87  ? 1072 HOH A O   1 
HETATM 736 O O   . HOH C 3 .  ? 8.013   -4.892  9.739   1.00 18.47  ? 1073 HOH A O   1 
HETATM 737 O O   . HOH C 3 .  ? 12.808  1.557   5.630   1.00 24.27  ? 1074 HOH A O   1 
HETATM 738 O O   . HOH C 3 .  ? 9.626   -3.831  -9.301  1.00 26.38  ? 1075 HOH A O   1 
HETATM 739 O O   . HOH C 3 .  ? 9.121   5.487   8.684   1.00 25.90  ? 1076 HOH A O   1 
HETATM 740 O O   . HOH C 3 .  ? 11.963  -1.972  1.919   1.00 32.79  ? 1077 HOH A O   1 
HETATM 741 O O   . HOH C 3 .  ? 16.842  -13.070 1.592   1.00 27.87  ? 1078 HOH A O   1 
HETATM 742 O O   . HOH C 3 .  ? 12.246  9.984   1.453   1.00 38.71  ? 1079 HOH A O   1 
HETATM 743 O O   . HOH C 3 .  ? -0.524  -0.781  -13.126 1.00 39.27  ? 1080 HOH A O   1 
HETATM 744 O O   . HOH C 3 .  ? -7.280  -11.071 -7.398  1.00 31.73  ? 1081 HOH A O   1 
HETATM 745 O O   . HOH C 3 .  ? 10.914  6.929   -3.879  1.00 25.49  ? 1082 HOH A O   1 
HETATM 746 O O   . HOH C 3 .  ? -4.802  2.345   -8.371  1.00 30.27  ? 1083 HOH A O   1 
HETATM 747 O O   . HOH C 3 .  ? 13.790  8.377   6.573   1.00 76.05  ? 1084 HOH A O   1 
HETATM 748 O O   . HOH C 3 .  ? -8.809  -5.714  9.630   1.00 11.65  ? 1085 HOH A O   1 
HETATM 749 O O   . HOH C 3 .  ? -8.766  -9.358  -5.500  1.00 15.95  ? 1086 HOH A O   1 
HETATM 750 O O   . HOH C 3 .  ? -7.893  -4.085  11.574  1.00 11.22  ? 1087 HOH A O   1 
HETATM 751 O O   . HOH C 3 .  ? -9.482  -5.090  13.575  1.00 9.10   ? 1088 HOH A O   1 
HETATM 752 O O   . HOH C 3 .  ? -8.486  -7.814  -3.149  1.00 34.56  ? 1089 HOH A O   1 
HETATM 753 O O   . HOH C 3 .  ? -6.575  -6.803  -13.459 1.00 19.03  ? 1090 HOH A O   1 
HETATM 754 O O   . HOH C 3 .  ? -7.792  -9.198  -12.649 1.00 26.82  ? 1091 HOH A O   1 
HETATM 755 O O   . HOH C 3 .  ? -4.730  -8.736  -14.800 1.00 34.62  ? 1092 HOH A O   1 
HETATM 756 O O   . HOH C 3 .  ? -9.161  -6.716  -7.010  1.00 31.54  ? 1093 HOH A O   1 
HETATM 757 O O   . HOH C 3 .  ? -11.055 13.666  -0.328  1.00 40.50  ? 1094 HOH A O   1 
HETATM 758 O O   . HOH C 3 .  ? 8.341   12.350  1.242   1.00 9.73   ? 1095 HOH A O   1 
HETATM 759 O O   . HOH C 3 .  ? 6.896   -7.235  -11.117 1.00 17.41  ? 1096 HOH A O   1 
HETATM 760 O O   . HOH C 3 .  ? 8.409   -9.321  -12.086 1.00 18.02  ? 1097 HOH A O   1 
HETATM 761 O O   . HOH C 3 .  ? -2.877  -2.793  14.356  1.00 28.57  ? 1098 HOH A O   1 
HETATM 762 O O   . HOH C 3 .  ? -5.802  -14.332 1.817   1.00 52.67  ? 1099 HOH A O   1 
HETATM 763 O O   . HOH C 3 .  ? 12.514  -1.122  -7.020  1.00 34.63  ? 1100 HOH A O   1 
HETATM 764 O O   . HOH C 3 .  ? -11.598 8.584   2.762   1.00 24.57  ? 1101 HOH A O   1 
HETATM 765 O O   . HOH C 3 .  ? -7.570  3.285   -6.198  1.00 43.59  ? 1102 HOH A O   1 
HETATM 766 O O   . HOH C 3 .  ? 8.228   1.027   7.311   1.00 28.37  ? 1103 HOH A O   1 
HETATM 767 O O   . HOH C 3 .  ? 4.412   6.117   8.913   1.00 50.98  ? 1104 HOH A O   1 
HETATM 768 O O   . HOH C 3 .  ? 0.712   5.178   -14.334 1.00 31.69  ? 1105 HOH A O   1 
HETATM 769 O O   . HOH C 3 .  ? -7.181  6.270   -6.696  1.00 32.63  ? 1106 HOH A O   1 
HETATM 770 O O   . HOH D 3 .  ? -10.993 1.459   12.333  1.00 7.42   ? 901  HOH B O   1 
HETATM 771 O O   . HOH D 3 .  ? 6.460   14.587  1.155   1.00 7.11   ? 902  HOH B O   1 
HETATM 772 O O   . HOH D 3 .  ? -1.045  7.630   9.504   1.00 7.96   ? 903  HOH B O   1 
HETATM 773 O O   . HOH D 3 .  ? 10.166  18.598  -3.464  1.00 10.45  ? 904  HOH B O   1 
HETATM 774 O O   . HOH D 3 .  ? -10.809 8.588   10.101  1.00 21.03  ? 905  HOH B O   1 
HETATM 775 O O   . HOH D 3 .  ? -12.007 6.413   7.842   1.00 13.05  ? 906  HOH B O   1 
HETATM 776 O O   . HOH D 3 .  ? 1.559   8.164   8.547   1.00 13.03  ? 907  HOH B O   1 
HETATM 777 O O   . HOH D 3 .  ? 6.980   19.323  -0.975  1.00 8.92   ? 908  HOH B O   1 
HETATM 778 O O   . HOH D 3 .  ? 8.436   9.956   -4.439  1.00 14.00  ? 909  HOH B O   1 
HETATM 779 O O   . HOH D 3 .  ? -8.390  9.551   8.920   1.00 18.01  ? 910  HOH B O   1 
HETATM 780 O O   . HOH D 3 .  ? -2.047  13.391  1.177   1.00 19.12  ? 911  HOH B O   1 
HETATM 781 O O   . HOH D 3 .  ? -13.119 9.659   11.509  1.00 26.00  ? 912  HOH B O   1 
HETATM 782 O O   . HOH D 3 .  ? 9.225   13.987  -7.758  1.00 28.25  ? 913  HOH B O   1 
HETATM 783 O O   . HOH D 3 .  ? 9.418   11.997  -1.230  1.00 12.76  ? 914  HOH B O   1 
HETATM 784 O O   . HOH D 3 .  ? -6.434  9.624   -0.688  1.00 18.54  ? 915  HOH B O   1 
# 
loop_
_atom_site_anisotrop.id 
_atom_site_anisotrop.type_symbol 
_atom_site_anisotrop.pdbx_label_atom_id 
_atom_site_anisotrop.pdbx_label_alt_id 
_atom_site_anisotrop.pdbx_label_comp_id 
_atom_site_anisotrop.pdbx_label_asym_id 
_atom_site_anisotrop.pdbx_label_seq_id 
_atom_site_anisotrop.pdbx_PDB_ins_code 
_atom_site_anisotrop.U[1][1] 
_atom_site_anisotrop.U[2][2] 
_atom_site_anisotrop.U[3][3] 
_atom_site_anisotrop.U[1][2] 
_atom_site_anisotrop.U[1][3] 
_atom_site_anisotrop.U[2][3] 
_atom_site_anisotrop.pdbx_auth_seq_id 
_atom_site_anisotrop.pdbx_auth_comp_id 
_atom_site_anisotrop.pdbx_auth_asym_id 
_atom_site_anisotrop.pdbx_auth_atom_id 
1   N N   . MET A 3  ? 0.3577 0.3406 0.3920 -0.0098 -0.0038 0.0210  865  MET A N   
2   C CA  . MET A 3  ? 0.3347 0.2755 0.3686 -0.0271 0.0179  0.0277  865  MET A CA  
3   C C   . MET A 3  ? 0.2355 0.2475 0.3478 -0.0216 0.0098  0.0021  865  MET A C   
4   O O   . MET A 3  ? 0.2232 0.2173 0.3752 -0.0224 0.0309  0.0126  865  MET A O   
5   C CB  . MET A 3  ? 0.3566 0.2508 0.3682 -0.0446 0.0340  0.0484  865  MET A CB  
6   N N   . VAL A 4  ? 0.2240 0.1897 0.3017 0.0029  -0.0102 -0.0021 866  VAL A N   
7   C CA  . VAL A 4  ? 0.1455 0.1674 0.2557 0.0084  -0.0132 -0.0427 866  VAL A CA  
8   C C   . VAL A 4  ? 0.1496 0.1562 0.2285 -0.0070 0.0087  -0.0250 866  VAL A C   
9   O O   . VAL A 4  ? 0.2249 0.1685 0.2364 -0.0063 0.0156  -0.0449 866  VAL A O   
10  C CB  . VAL A 4  ? 0.1440 0.1730 0.2746 0.0101  -0.0149 -0.0337 866  VAL A CB  
11  C CG1 . VAL A 4  ? 0.0755 0.1757 0.2843 0.0214  -0.0307 -0.0342 866  VAL A CG1 
12  C CG2 . VAL A 4  ? 0.1084 0.1760 0.3032 0.0286  -0.0067 -0.0371 866  VAL A CG2 
13  N N   . LEU A 5  ? 0.0972 0.1205 0.2089 0.0016  0.0166  -0.0552 867  LEU A N   
14  C CA  . LEU A 5  ? 0.0933 0.1272 0.1967 0.0100  0.0236  -0.0616 867  LEU A CA  
15  C C   . LEU A 5  ? 0.0731 0.1111 0.1631 0.0170  0.0015  -0.0703 867  LEU A C   
16  O O   . LEU A 5  ? 0.0830 0.1104 0.1599 0.0153  0.0035  -0.0687 867  LEU A O   
17  C CB  . LEU A 5  ? 0.0873 0.1687 0.2308 0.0044  0.0097  -0.0647 867  LEU A CB  
18  C CG  . LEU A 5  ? 0.1065 0.2024 0.2661 -0.0144 0.0313  -0.0726 867  LEU A CG  
19  C CD1 . LEU A 5  ? 0.1179 0.2259 0.2927 -0.0215 0.0184  -0.0516 867  LEU A CD1 
20  C CD2 . LEU A 5  ? 0.1633 0.2732 0.2636 0.0066  0.0250  -0.0658 867  LEU A CD2 
21  N N   . GLU A 6  ? 0.0596 0.1038 0.1483 0.0136  -0.0063 -0.0568 868  GLU A N   
22  C CA  . GLU A 6  ? 0.0652 0.0814 0.1393 0.0164  -0.0063 -0.0575 868  GLU A CA  
23  C C   . GLU A 6  ? 0.0500 0.0740 0.1207 0.0054  -0.0131 -0.0570 868  GLU A C   
24  O O   . GLU A 6  ? 0.0576 0.0919 0.1505 0.0148  -0.0269 -0.0799 868  GLU A O   
25  C CB  . GLU A 6  ? 0.0771 0.0887 0.1510 0.0160  -0.0101 -0.0465 868  GLU A CB  
26  C CG  . GLU A 6  ? 0.0737 0.1129 0.1698 0.0222  -0.0167 -0.0462 868  GLU A CG  
27  C CD  . GLU A 6  ? 0.1031 0.1360 0.2095 0.0301  -0.0258 -0.0196 868  GLU A CD  
28  O OE1 . GLU A 6  ? 0.1196 0.2155 0.2569 0.0403  -0.0100 0.0392  868  GLU A OE1 
29  O OE2 . GLU A 6  ? 0.1128 0.2031 0.2760 0.0557  -0.0233 0.0013  868  GLU A OE2 
30  N N   . TYR A 7  ? 0.0510 0.0593 0.1059 0.0102  -0.0145 -0.0428 869  TYR A N   
31  C CA  . TYR A 7  ? 0.0537 0.0534 0.0974 0.0104  -0.0111 -0.0351 869  TYR A CA  
32  C C   . TYR A 7  ? 0.0492 0.0579 0.0954 0.0197  -0.0125 -0.0326 869  TYR A C   
33  O O   . TYR A 7  ? 0.0885 0.0691 0.1189 0.0286  -0.0057 -0.0185 869  TYR A O   
34  C CB  . TYR A 7  ? 0.0491 0.0565 0.0963 0.0119  -0.0076 -0.0369 869  TYR A CB  
35  C CG  . TYR A 7  ? 0.0629 0.0637 0.0990 0.0122  -0.0052 -0.0359 869  TYR A CG  
36  C CD1 . TYR A 7  ? 0.0724 0.0600 0.1110 0.0169  0.0025  -0.0280 869  TYR A CD1 
37  C CD2 . TYR A 7  ? 0.1019 0.0804 0.1062 0.0098  -0.0142 -0.0453 869  TYR A CD2 
38  C CE1 . TYR A 7  ? 0.0908 0.0859 0.1222 0.0202  0.0125  -0.0143 869  TYR A CE1 
39  C CE2 . TYR A 7  ? 0.1349 0.1427 0.0872 -0.0023 -0.0154 -0.0623 869  TYR A CE2 
40  C CZ  . TYR A 7  ? 0.1316 0.1405 0.1117 0.0157  0.0027  -0.0162 869  TYR A CZ  
41  O OH  . TYR A 7  ? 0.1905 0.2066 0.1189 0.0187  0.0132  0.0054  869  TYR A OH  
42  N N   . GLY A 8  ? 0.0488 0.0531 0.0928 0.0144  -0.0069 -0.0284 870  GLY A N   
43  C CA  . GLY A 8  ? 0.0561 0.0679 0.0889 0.0151  -0.0113 -0.0232 870  GLY A CA  
44  C C   . GLY A 8  ? 0.0557 0.0416 0.0816 0.0144  -0.0111 -0.0275 870  GLY A C   
45  O O   . GLY A 8  ? 0.0533 0.0462 0.0834 0.0160  -0.0115 -0.0316 870  GLY A O   
46  N N   . GLU A 9  ? 0.0522 0.0441 0.0802 0.0089  -0.0136 -0.0293 871  GLU A N   
47  C CA  . GLU A 9  ? 0.0521 0.0415 0.0763 0.0091  -0.0103 -0.0284 871  GLU A CA  
48  C C   . GLU A 9  ? 0.0532 0.0420 0.0768 0.0115  -0.0121 -0.0286 871  GLU A C   
49  O O   . GLU A 9  ? 0.0526 0.0444 0.0833 0.0100  -0.0156 -0.0333 871  GLU A O   
50  C CB  . GLU A 9  ? 0.0594 0.0447 0.0832 0.0052  -0.0048 -0.0334 871  GLU A CB  
51  C CG  . GLU A 9  ? 0.0670 0.0509 0.0882 0.0062  -0.0062 -0.0291 871  GLU A CG  
52  C CD  . GLU A 9  ? 0.0724 0.0500 0.0917 0.0116  -0.0037 -0.0375 871  GLU A CD  
53  O OE1 . GLU A 9  ? 0.0741 0.0438 0.1038 0.0103  -0.0105 -0.0340 871  GLU A OE1 
54  O OE2 . GLU A 9  ? 0.0797 0.0431 0.1057 0.0061  -0.0088 -0.0348 871  GLU A OE2 
55  N N   . ALA A 10 ? 0.0548 0.0515 0.0812 0.0152  -0.0135 -0.0372 872  ALA A N   
56  C CA  . ALA A 10 ? 0.0583 0.0463 0.0784 0.0137  -0.0101 -0.0319 872  ALA A CA  
57  C C   . ALA A 10 ? 0.0568 0.0475 0.0805 0.0170  -0.0117 -0.0321 872  ALA A C   
58  O O   . ALA A 10 ? 0.0551 0.0607 0.0841 0.0108  -0.0111 -0.0368 872  ALA A O   
59  C CB  . ALA A 10 ? 0.0622 0.0467 0.0839 0.0157  -0.0093 -0.0328 872  ALA A CB  
60  N N   . ILE A 11 ? 0.0644 0.0482 0.0803 0.0160  -0.0101 -0.0334 873  ILE A N   
61  C CA  . ILE A 11 ? 0.0648 0.0447 0.0853 0.0143  -0.0021 -0.0282 873  ILE A CA  
62  C C   . ILE A 11 ? 0.0558 0.0417 0.0821 0.0054  -0.0008 -0.0298 873  ILE A C   
63  O O   . ILE A 11 ? 0.0623 0.0506 0.0894 0.0146  -0.0081 -0.0381 873  ILE A O   
64  C CB  . ILE A 11 ? 0.0994 0.0523 0.0910 0.0043  0.0068  -0.0264 873  ILE A CB  
65  C CG1 . ILE A 11 ? 0.1102 0.0541 0.1151 0.0141  0.0049  -0.0295 873  ILE A CG1 
66  C CG2 . ILE A 11 ? 0.1002 0.0577 0.1129 -0.0078 0.0074  -0.0235 873  ILE A CG2 
67  C CD1 . ILE A 11 ? 0.1206 0.0640 0.1290 0.0036  -0.0010 -0.0218 873  ILE A CD1 
68  N N   . ALA A 12 ? 0.0504 0.0423 0.0873 0.0060  -0.0019 -0.0315 874  ALA A N   
69  C CA  . ALA A 12 ? 0.0489 0.0375 0.0863 0.0045  -0.0034 -0.0268 874  ALA A CA  
70  C C   . ALA A 12 ? 0.0427 0.0392 0.0891 0.0047  -0.0018 -0.0288 874  ALA A C   
71  O O   . ALA A 12 ? 0.0512 0.0398 0.0959 0.0006  0.0003  -0.0320 874  ALA A O   
72  C CB  . ALA A 12 ? 0.0530 0.0486 0.0793 0.0050  0.0001  -0.0218 874  ALA A CB  
73  N N   . LYS A 13 ? 0.0511 0.0410 0.0880 0.0048  0.0011  -0.0302 875  LYS A N   
74  C CA  . LYS A 13 ? 0.0581 0.0459 0.0861 0.0076  0.0009  -0.0284 875  LYS A CA  
75  C C   . LYS A 13 ? 0.0541 0.0501 0.0806 0.0091  -0.0034 -0.0299 875  LYS A C   
76  O O   . LYS A 13 ? 0.0665 0.0622 0.0927 0.0229  0.0075  -0.0227 875  LYS A O   
77  C CB  . LYS A 13 ? 0.0717 0.0734 0.0901 0.0239  -0.0045 -0.0284 875  LYS A CB  
78  C CG  . LYS A 13 ? 0.0870 0.0853 0.1009 0.0127  -0.0031 -0.0287 875  LYS A CG  
79  C CD  . LYS A 13 ? 0.0955 0.1194 0.1221 0.0086  -0.0166 -0.0195 875  LYS A CD  
80  C CE  . LYS A 13 ? 0.1202 0.1315 0.1506 -0.0052 -0.0109 -0.0285 875  LYS A CE  
81  N NZ  . LYS A 13 ? 0.1621 0.1932 0.1845 0.0112  -0.0406 -0.0219 875  LYS A NZ  
82  N N   . PHE A 14 ? 0.0487 0.0476 0.0751 0.0082  -0.0025 -0.0312 876  PHE A N   
83  C CA  . PHE A 14 ? 0.0522 0.0454 0.0772 0.0082  -0.0043 -0.0270 876  PHE A CA  
84  C C   . PHE A 14 ? 0.0522 0.0444 0.0797 0.0071  -0.0080 -0.0320 876  PHE A C   
85  O O   . PHE A 14 ? 0.0590 0.0802 0.0825 0.0232  -0.0085 -0.0356 876  PHE A O   
86  C CB  . PHE A 14 ? 0.0572 0.0461 0.0766 0.0081  -0.0050 -0.0291 876  PHE A CB  
87  C CG  . PHE A 14 ? 0.0565 0.0415 0.0767 0.0036  -0.0053 -0.0290 876  PHE A CG  
88  C CD1 . PHE A 14 ? 0.0569 0.0478 0.0819 0.0042  -0.0037 -0.0326 876  PHE A CD1 
89  C CD2 . PHE A 14 ? 0.0549 0.0588 0.0804 0.0096  -0.0004 -0.0296 876  PHE A CD2 
90  C CE1 . PHE A 14 ? 0.0667 0.0526 0.0801 0.0017  -0.0014 -0.0326 876  PHE A CE1 
91  C CE2 . PHE A 14 ? 0.0612 0.0646 0.0848 0.0078  -0.0098 -0.0262 876  PHE A CE2 
92  C CZ  . PHE A 14 ? 0.0697 0.0631 0.0805 0.0015  -0.0058 -0.0275 876  PHE A CZ  
93  N N   . ASN A 15 ? 0.0518 0.0570 0.0782 0.0107  -0.0061 -0.0292 877  ASN A N   
94  C CA  . ASN A 15 ? 0.0581 0.0572 0.0844 0.0033  -0.0138 -0.0229 877  ASN A CA  
95  C C   . ASN A 15 ? 0.0665 0.0522 0.0882 0.0008  -0.0141 -0.0290 877  ASN A C   
96  O O   . ASN A 15 ? 0.1143 0.0649 0.1039 -0.0209 -0.0036 -0.0411 877  ASN A O   
97  C CB  . ASN A 15 ? 0.0594 0.0544 0.0834 0.0101  -0.0175 -0.0189 877  ASN A CB  
98  C CG  . ASN A 15 ? 0.0528 0.0500 0.0842 0.0110  -0.0167 -0.0282 877  ASN A CG  
99  O OD1 . ASN A 15 ? 0.0581 0.0503 0.0896 0.0042  -0.0128 -0.0324 877  ASN A OD1 
100 N ND2 . ASN A 15 ? 0.0588 0.0628 0.0899 0.0040  -0.0100 -0.0224 877  ASN A ND2 
101 N N   . PHE A 16 ? 0.0716 0.0468 0.0932 -0.0009 -0.0093 -0.0211 878  PHE A N   
102 C CA  . PHE A 16 ? 0.0682 0.0476 0.0950 -0.0012 -0.0112 -0.0198 878  PHE A CA  
103 C C   . PHE A 16 ? 0.0685 0.0502 0.1003 0.0018  -0.0161 -0.0240 878  PHE A C   
104 O O   . PHE A 16 ? 0.0831 0.0561 0.0960 -0.0007 -0.0191 -0.0229 878  PHE A O   
105 C CB  . PHE A 16 ? 0.0673 0.0545 0.0871 0.0014  -0.0149 -0.0183 878  PHE A CB  
106 C CG  . PHE A 16 ? 0.0621 0.0497 0.0903 0.0034  -0.0165 -0.0197 878  PHE A CG  
107 C CD1 . PHE A 16 ? 0.0665 0.0541 0.0963 0.0012  -0.0126 -0.0254 878  PHE A CD1 
108 C CD2 . PHE A 16 ? 0.0641 0.0658 0.0916 0.0086  -0.0146 -0.0171 878  PHE A CD2 
109 C CE1 . PHE A 16 ? 0.0666 0.0662 0.1162 -0.0033 -0.0181 -0.0112 878  PHE A CE1 
110 C CE2 . PHE A 16 ? 0.0635 0.0775 0.1036 0.0087  -0.0065 -0.0090 878  PHE A CE2 
111 C CZ  . PHE A 16 ? 0.0586 0.0650 0.1228 0.0036  -0.0102 -0.0020 878  PHE A CZ  
112 N N   . ASN A 17 ? 0.0849 0.0561 0.1280 0.0123  -0.0228 -0.0214 879  ASN A N   
113 C CA  . ASN A 17 ? 0.1043 0.0794 0.1490 0.0003  -0.0430 -0.0036 879  ASN A CA  
114 C C   . ASN A 17 ? 0.1264 0.0927 0.1825 -0.0134 -0.0560 0.0285  879  ASN A C   
115 O O   . ASN A 17 ? 0.2008 0.1243 0.1921 -0.0606 -0.0645 0.0212  879  ASN A O   
116 C CB  . ASN A 17 ? 0.1222 0.0775 0.1753 0.0156  -0.0422 -0.0093 879  ASN A CB  
117 C CG  . ASN A 17 ? 0.1130 0.1014 0.1973 0.0115  -0.0340 -0.0244 879  ASN A CG  
118 O OD1 . ASN A 17 ? 0.1135 0.1050 0.2532 0.0125  -0.0371 -0.0457 879  ASN A OD1 
119 N ND2 . ASN A 17 ? 0.1457 0.1421 0.2070 0.0110  -0.0180 -0.0344 879  ASN A ND2 
120 N N   A GLY A 18 ? 0.1080 0.1102 0.1941 -0.0032 -0.0501 0.0418  880  GLY A N   
121 N N   B GLY A 18 ? 0.1278 0.1228 0.2016 -0.0217 -0.0334 0.0242  880  GLY A N   
122 C CA  A GLY A 18 ? 0.1191 0.1394 0.2141 0.0021  -0.0524 0.0819  880  GLY A CA  
123 C CA  B GLY A 18 ? 0.1503 0.1744 0.2310 -0.0419 -0.0094 0.0229  880  GLY A CA  
124 C C   A GLY A 18 ? 0.1180 0.1689 0.3016 0.0102  -0.0553 0.1233  880  GLY A C   
125 C C   B GLY A 18 ? 0.1708 0.2187 0.2431 -0.0397 -0.0124 0.0537  880  GLY A C   
126 O O   A GLY A 18 ? 0.2109 0.2034 0.2862 -0.0702 -0.1243 0.1309  880  GLY A O   
127 O O   B GLY A 18 ? 0.2694 0.2679 0.2257 -0.0765 -0.0322 0.0610  880  GLY A O   
128 N N   A ASP A 19 ? 0.1381 0.1588 0.3546 0.0175  0.0043  0.1154  881  ASP A N   
129 N N   B ASP A 19 ? 0.1320 0.2047 0.2609 -0.0111 0.0221  0.0537  881  ASP A N   
130 C CA  A ASP A 19 ? 0.1681 0.1857 0.3626 0.0657  0.0327  0.1152  881  ASP A CA  
131 C CA  B ASP A 19 ? 0.1675 0.2359 0.2937 0.0240  0.0342  0.0718  881  ASP A CA  
132 C C   A ASP A 19 ? 0.1173 0.1971 0.3515 0.0466  0.0061  0.1241  881  ASP A C   
133 C C   B ASP A 19 ? 0.1400 0.1996 0.3106 0.0370  0.0391  0.0855  881  ASP A C   
134 O O   A ASP A 19 ? 0.1433 0.2741 0.3666 0.0782  -0.0099 0.1418  881  ASP A O   
135 O O   B ASP A 19 ? 0.1780 0.2601 0.3391 0.0657  0.0260  0.1071  881  ASP A O   
136 C CB  A ASP A 19 ? 0.2484 0.2155 0.4140 0.0520  0.0651  0.0762  881  ASP A CB  
137 C CB  B ASP A 19 ? 0.2159 0.2677 0.3127 0.0050  0.0446  0.0478  881  ASP A CB  
138 C CG  A ASP A 19 ? 0.2603 0.2019 0.4599 0.0710  0.0996  0.0497  881  ASP A CG  
139 C CG  B ASP A 19 ? 0.2376 0.3008 0.3163 0.0189  0.0542  0.0520  881  ASP A CG  
140 O OD1 A ASP A 19 ? 0.2887 0.2410 0.4963 0.0440  0.0779  0.0126  881  ASP A OD1 
141 O OD1 B ASP A 19 ? 0.2310 0.3255 0.3497 0.0110  0.0626  0.0629  881  ASP A OD1 
142 O OD2 A ASP A 19 ? 0.2835 0.2189 0.4647 0.0392  0.0818  -0.0254 881  ASP A OD2 
143 O OD2 B ASP A 19 ? 0.2952 0.3302 0.3467 0.0265  0.0444  0.0226  881  ASP A OD2 
144 N N   . THR A 20 ? 0.0951 0.1492 0.2880 0.0380  -0.0145 0.1557  882  THR A N   
145 C CA  . THR A 20 ? 0.1039 0.1141 0.2366 0.0203  -0.0411 0.0902  882  THR A CA  
146 C C   . THR A 20 ? 0.1050 0.1062 0.2480 -0.0066 -0.0387 0.0704  882  THR A C   
147 O O   . THR A 20 ? 0.1235 0.1056 0.2551 -0.0142 -0.0406 0.0699  882  THR A O   
148 C CB  . THR A 20 ? 0.1221 0.0825 0.2351 0.0104  -0.0006 0.0547  882  THR A CB  
149 O OG1 . THR A 20 ? 0.1018 0.0831 0.2612 0.0200  0.0065  0.0429  882  THR A OG1 
150 C CG2 . THR A 20 ? 0.1390 0.1053 0.2357 0.0030  0.0232  0.0378  882  THR A CG2 
151 N N   . GLN A 21 ? 0.1334 0.0832 0.2376 -0.0229 -0.0458 0.0788  883  GLN A N   
152 C CA  . GLN A 21 ? 0.1124 0.0978 0.2289 -0.0684 -0.0653 0.0420  883  GLN A CA  
153 C C   . GLN A 21 ? 0.1394 0.0977 0.1644 -0.0303 -0.0447 0.0203  883  GLN A C   
154 O O   . GLN A 21 ? 0.1868 0.1014 0.1666 -0.0355 -0.0606 0.0059  883  GLN A O   
155 C CB  . GLN A 21 ? 0.1495 0.1389 0.2195 -0.0476 -0.0462 0.0319  883  GLN A CB  
156 C CG  . GLN A 21 ? 0.1854 0.1087 0.2401 -0.1090 0.0064  0.0367  883  GLN A CG  
157 C CD  . GLN A 21 ? 0.2136 0.1476 0.2016 -0.0607 -0.0252 0.0159  883  GLN A CD  
158 O OE1 . GLN A 21 ? 0.2223 0.1881 0.2164 -0.0617 -0.0655 0.0358  883  GLN A OE1 
159 N NE2 . GLN A 21 ? 0.2925 0.1796 0.2563 -0.0439 -0.0252 -0.0163 883  GLN A NE2 
160 N N   . VAL A 22 ? 0.1238 0.0818 0.1448 -0.0065 -0.0369 0.0079  884  VAL A N   
161 C CA  . VAL A 22 ? 0.1172 0.0638 0.1183 -0.0076 -0.0267 -0.0021 884  VAL A CA  
162 C C   . VAL A 22 ? 0.1049 0.0523 0.1093 -0.0041 -0.0313 -0.0112 884  VAL A C   
163 O O   . VAL A 22 ? 0.1234 0.0399 0.1134 0.0002  -0.0295 -0.0136 884  VAL A O   
164 C CB  . VAL A 22 ? 0.1035 0.0678 0.1269 -0.0044 -0.0164 0.0014  884  VAL A CB  
165 C CG1 . VAL A 22 ? 0.1258 0.1038 0.1338 -0.0071 -0.0115 0.0167  884  VAL A CG1 
166 C CG2 . VAL A 22 ? 0.0989 0.0608 0.1292 0.0011  -0.0137 0.0018  884  VAL A CG2 
167 N N   . GLU A 23 ? 0.0926 0.0505 0.1275 0.0039  -0.0393 0.0058  885  GLU A N   
168 C CA  . GLU A 23 ? 0.0884 0.0611 0.1222 -0.0094 -0.0315 -0.0026 885  GLU A CA  
169 C C   . GLU A 23 ? 0.0968 0.0627 0.1210 -0.0120 -0.0386 -0.0023 885  GLU A C   
170 O O   . GLU A 23 ? 0.1756 0.0954 0.1763 -0.0448 -0.1037 0.0289  885  GLU A O   
171 C CB  . GLU A 23 ? 0.0828 0.0732 0.1245 -0.0048 -0.0167 0.0071  885  GLU A CB  
172 C CG  . GLU A 23 ? 0.0874 0.0720 0.1363 -0.0026 -0.0090 -0.0022 885  GLU A CG  
173 C CD  . GLU A 23 ? 0.0955 0.0693 0.1731 -0.0066 0.0075  -0.0069 885  GLU A CD  
174 O OE1 . GLU A 23 ? 0.1713 0.1102 0.1825 0.0164  0.0341  -0.0207 885  GLU A OE1 
175 O OE2 . GLU A 23 ? 0.1476 0.1244 0.2227 0.0515  0.0326  0.0296  885  GLU A OE2 
176 N N   . MET A 24 ? 0.0749 0.0538 0.0985 -0.0066 -0.0206 -0.0140 886  MET A N   
177 C CA  . MET A 24 ? 0.0741 0.0498 0.0914 -0.0039 -0.0114 -0.0182 886  MET A CA  
178 C C   . MET A 24 ? 0.0712 0.0497 0.0918 -0.0017 -0.0116 -0.0192 886  MET A C   
179 O O   . MET A 24 ? 0.0819 0.0701 0.0911 0.0006  -0.0125 -0.0194 886  MET A O   
180 C CB  . MET A 24 ? 0.0871 0.0508 0.0896 -0.0005 -0.0035 -0.0231 886  MET A CB  
181 C CG  . MET A 24 ? 0.0970 0.0511 0.0976 -0.0025 -0.0073 -0.0227 886  MET A CG  
182 S SD  . MET A 24 ? 0.1175 0.0571 0.1271 0.0038  0.0006  -0.0434 886  MET A SD  
183 C CE  . MET A 24 ? 0.1416 0.0724 0.1554 0.0534  -0.0150 -0.0225 886  MET A CE  
184 N N   . SER A 25 ? 0.0735 0.0655 0.0904 -0.0023 -0.0167 -0.0097 887  SER A N   
185 C CA  . SER A 25 ? 0.0807 0.0582 0.0945 0.0031  -0.0097 -0.0144 887  SER A CA  
186 C C   . SER A 25 ? 0.0680 0.0554 0.0943 -0.0018 -0.0168 -0.0217 887  SER A C   
187 O O   . SER A 25 ? 0.0919 0.0622 0.0962 -0.0025 -0.0058 -0.0239 887  SER A O   
188 C CB  . SER A 25 ? 0.0822 0.0931 0.1098 0.0091  -0.0094 -0.0011 887  SER A CB  
189 O OG  . SER A 25 ? 0.1098 0.1001 0.1447 0.0289  -0.0038 0.0171  887  SER A OG  
190 N N   . PHE A 26 ? 0.0642 0.0493 0.0918 -0.0040 -0.0205 -0.0233 888  PHE A N   
191 C CA  . PHE A 26 ? 0.0604 0.0502 0.0828 -0.0058 -0.0164 -0.0258 888  PHE A CA  
192 C C   . PHE A 26 ? 0.0565 0.0474 0.0829 -0.0049 -0.0171 -0.0293 888  PHE A C   
193 O O   . PHE A 26 ? 0.0633 0.0433 0.0932 -0.0052 -0.0146 -0.0308 888  PHE A O   
194 C CB  . PHE A 26 ? 0.0652 0.0422 0.0787 -0.0041 -0.0092 -0.0216 888  PHE A CB  
195 C CG  . PHE A 26 ? 0.0596 0.0386 0.0877 0.0007  -0.0123 -0.0215 888  PHE A CG  
196 C CD1 . PHE A 26 ? 0.0629 0.0491 0.0877 -0.0039 -0.0136 -0.0165 888  PHE A CD1 
197 C CD2 . PHE A 26 ? 0.0670 0.0479 0.0943 -0.0015 -0.0047 -0.0194 888  PHE A CD2 
198 C CE1 . PHE A 26 ? 0.0601 0.0503 0.0905 -0.0005 -0.0142 -0.0206 888  PHE A CE1 
199 C CE2 . PHE A 26 ? 0.0599 0.0436 0.1145 -0.0062 -0.0052 -0.0198 888  PHE A CE2 
200 C CZ  . PHE A 26 ? 0.0575 0.0442 0.1102 -0.0074 -0.0202 -0.0226 888  PHE A CZ  
201 N N   . ARG A 27 ? 0.0563 0.0522 0.0861 -0.0087 -0.0179 -0.0255 889  ARG A N   
202 C CA  . ARG A 27 ? 0.0587 0.0550 0.0889 -0.0073 -0.0146 -0.0235 889  ARG A CA  
203 C C   . ARG A 27 ? 0.0546 0.0464 0.0838 -0.0020 -0.0074 -0.0303 889  ARG A C   
204 O O   . ARG A 27 ? 0.0588 0.0530 0.0909 0.0029  -0.0050 -0.0295 889  ARG A O   
205 C CB  . ARG A 27 ? 0.0569 0.0605 0.0894 -0.0076 -0.0145 -0.0216 889  ARG A CB  
206 C CG  . ARG A 27 ? 0.0535 0.0787 0.1010 -0.0109 -0.0195 -0.0134 889  ARG A CG  
207 C CD  . ARG A 27 ? 0.0646 0.0770 0.1096 -0.0107 -0.0265 -0.0120 889  ARG A CD  
208 N NE  . ARG A 27 ? 0.0732 0.0810 0.1083 -0.0035 -0.0282 -0.0197 889  ARG A NE  
209 C CZ  . ARG A 27 ? 0.0894 0.0905 0.1145 0.0156  -0.0343 -0.0242 889  ARG A CZ  
210 N NH1 . ARG A 27 ? 0.0961 0.0979 0.1281 0.0155  -0.0287 -0.0190 889  ARG A NH1 
211 N NH2 . ARG A 27 ? 0.1141 0.1109 0.1264 0.0234  -0.0192 -0.0177 889  ARG A NH2 
212 N N   . LYS A 28 ? 0.0559 0.0518 0.0817 0.0000  -0.0090 -0.0280 890  LYS A N   
213 C CA  . LYS A 28 ? 0.0516 0.0511 0.0782 0.0040  -0.0071 -0.0312 890  LYS A CA  
214 C C   . LYS A 28 ? 0.0514 0.0499 0.0793 0.0013  -0.0055 -0.0297 890  LYS A C   
215 O O   . LYS A 28 ? 0.0566 0.0560 0.0919 -0.0018 -0.0097 -0.0351 890  LYS A O   
216 C CB  . LYS A 28 ? 0.0588 0.0554 0.0760 0.0039  -0.0065 -0.0235 890  LYS A CB  
217 C CG  . LYS A 28 ? 0.0612 0.0538 0.0787 0.0046  -0.0083 -0.0230 890  LYS A CG  
218 C CD  . LYS A 28 ? 0.0640 0.0566 0.0868 0.0111  -0.0069 -0.0236 890  LYS A CD  
219 C CE  . LYS A 28 ? 0.0727 0.0583 0.0833 0.0145  -0.0067 -0.0253 890  LYS A CE  
220 N NZ  . LYS A 28 ? 0.0801 0.0619 0.0865 0.0173  0.0009  -0.0204 890  LYS A NZ  
221 N N   . GLY A 29 ? 0.0523 0.0419 0.0885 0.0017  0.0008  -0.0323 891  GLY A N   
222 C CA  . GLY A 29 ? 0.0629 0.0393 0.0902 0.0075  0.0040  -0.0264 891  GLY A CA  
223 C C   . GLY A 29 ? 0.0603 0.0449 0.0956 0.0062  0.0061  -0.0342 891  GLY A C   
224 O O   . GLY A 29 ? 0.0865 0.0422 0.1163 0.0041  0.0090  -0.0380 891  GLY A O   
225 N N   . GLU A 30 ? 0.0590 0.0550 0.0881 0.0035  0.0055  -0.0347 892  GLU A N   
226 C CA  . GLU A 30 ? 0.0515 0.0537 0.0865 0.0064  -0.0003 -0.0373 892  GLU A CA  
227 C C   . GLU A 30 ? 0.0499 0.0489 0.0848 0.0006  -0.0037 -0.0374 892  GLU A C   
228 O O   . GLU A 30 ? 0.0517 0.0557 0.0986 0.0022  -0.0073 -0.0471 892  GLU A O   
229 C CB  . GLU A 30 ? 0.0553 0.0751 0.0854 0.0030  -0.0068 -0.0268 892  GLU A CB  
230 C CG  . GLU A 30 ? 0.0554 0.0935 0.1038 0.0003  -0.0108 -0.0364 892  GLU A CG  
231 C CD  . GLU A 30 ? 0.0690 0.1313 0.0932 0.0200  -0.0339 -0.0437 892  GLU A CD  
232 O OE1 . GLU A 30 ? 0.3045 3.2712 0.3084 0.8057  0.0001  -0.5105 892  GLU A OE1 
233 O OE2 . GLU A 30 ? 0.1382 0.0703 0.1036 0.0058  -0.0307 -0.0499 892  GLU A OE2 
234 N N   . ARG A 31 ? 0.0536 0.0482 0.0905 0.0044  -0.0074 -0.0387 893  ARG A N   
235 C CA  . ARG A 31 ? 0.0546 0.0471 0.0852 0.0067  -0.0065 -0.0359 893  ARG A CA  
236 C C   . ARG A 31 ? 0.0484 0.0466 0.0836 0.0117  -0.0100 -0.0340 893  ARG A C   
237 O O   . ARG A 31 ? 0.0625 0.0657 0.0886 0.0042  -0.0153 -0.0305 893  ARG A O   
238 C CB  . ARG A 31 ? 0.0716 0.0427 0.0816 0.0041  -0.0022 -0.0271 893  ARG A CB  
239 C CG  . ARG A 31 ? 0.0730 0.0524 0.0828 0.0068  -0.0055 -0.0236 893  ARG A CG  
240 C CD  . ARG A 31 ? 0.0831 0.0568 0.0972 0.0149  -0.0093 -0.0330 893  ARG A CD  
241 N NE  . ARG A 31 ? 0.0909 0.0542 0.1099 0.0032  -0.0112 -0.0314 893  ARG A NE  
242 C CZ  . ARG A 31 ? 0.0843 0.0495 0.1033 0.0168  -0.0032 -0.0352 893  ARG A CZ  
243 N NH1 . ARG A 31 ? 0.0838 0.0629 0.0922 0.0148  -0.0016 -0.0215 893  ARG A NH1 
244 N NH2 . ARG A 31 ? 0.0882 0.0717 0.1159 0.0140  -0.0003 -0.0236 893  ARG A NH2 
245 N N   . ILE A 32 ? 0.0521 0.0437 0.0762 0.0089  -0.0126 -0.0306 894  ILE A N   
246 C CA  . ILE A 32 ? 0.0524 0.0421 0.0786 0.0102  -0.0112 -0.0293 894  ILE A CA  
247 C C   . ILE A 32 ? 0.0501 0.0400 0.0852 0.0061  -0.0110 -0.0297 894  ILE A C   
248 O O   . ILE A 32 ? 0.0568 0.0628 0.0869 0.0102  -0.0129 -0.0306 894  ILE A O   
249 C CB  . ILE A 32 ? 0.0634 0.0420 0.0897 0.0110  -0.0027 -0.0302 894  ILE A CB  
250 C CG1 . ILE A 32 ? 0.0670 0.0427 0.0987 0.0171  -0.0015 -0.0238 894  ILE A CG1 
251 C CG2 . ILE A 32 ? 0.0728 0.0540 0.1059 0.0094  0.0014  -0.0196 894  ILE A CG2 
252 C CD1 . ILE A 32 ? 0.0904 0.0477 0.1127 0.0171  0.0051  -0.0320 894  ILE A CD1 
253 N N   . THR A 33 ? 0.0483 0.0409 0.0814 0.0043  -0.0163 -0.0287 895  THR A N   
254 C CA  . THR A 33 ? 0.0492 0.0397 0.0805 0.0064  -0.0152 -0.0282 895  THR A CA  
255 C C   . THR A 33 ? 0.0464 0.0401 0.0832 0.0065  -0.0148 -0.0292 895  THR A C   
256 O O   . THR A 33 ? 0.0549 0.0375 0.0975 0.0084  -0.0187 -0.0292 895  THR A O   
257 C CB  . THR A 33 ? 0.0558 0.0418 0.0798 0.0056  -0.0159 -0.0296 895  THR A CB  
258 O OG1 . THR A 33 ? 0.0681 0.0466 0.1108 -0.0022 -0.0034 -0.0423 895  THR A OG1 
259 C CG2 . THR A 33 ? 0.0597 0.0546 0.0839 0.0014  -0.0106 -0.0273 895  THR A CG2 
260 N N   . LEU A 34 ? 0.0476 0.0386 0.0877 0.0072  -0.0177 -0.0288 896  LEU A N   
261 C CA  . LEU A 34 ? 0.0470 0.0380 0.0943 0.0080  -0.0190 -0.0296 896  LEU A CA  
262 C C   . LEU A 34 ? 0.0465 0.0423 0.1019 0.0065  -0.0164 -0.0361 896  LEU A C   
263 O O   . LEU A 34 ? 0.0581 0.0422 0.1116 0.0125  -0.0145 -0.0367 896  LEU A O   
264 C CB  . LEU A 34 ? 0.0498 0.0397 0.0931 0.0089  -0.0178 -0.0312 896  LEU A CB  
265 C CG  . LEU A 34 ? 0.0594 0.0371 0.0899 0.0023  -0.0130 -0.0272 896  LEU A CG  
266 C CD1 . LEU A 34 ? 0.0667 0.0479 0.0894 0.0005  -0.0115 -0.0303 896  LEU A CD1 
267 C CD2 . LEU A 34 ? 0.0675 0.0383 0.0860 0.0076  -0.0044 -0.0273 896  LEU A CD2 
268 N N   . LEU A 35 ? 0.0542 0.0442 0.1056 0.0103  -0.0077 -0.0340 897  LEU A N   
269 C CA  . LEU A 35 ? 0.0599 0.0566 0.1080 0.0075  -0.0034 -0.0375 897  LEU A CA  
270 C C   . LEU A 35 ? 0.0602 0.0510 0.1161 0.0101  -0.0049 -0.0422 897  LEU A C   
271 O O   . LEU A 35 ? 0.0652 0.0648 0.1418 0.0118  0.0024  -0.0534 897  LEU A O   
272 C CB  . LEU A 35 ? 0.0747 0.0666 0.0983 0.0044  0.0002  -0.0375 897  LEU A CB  
273 C CG  . LEU A 35 ? 0.0777 0.0721 0.1030 0.0041  -0.0048 -0.0399 897  LEU A CG  
274 C CD1 . LEU A 35 ? 0.1000 0.0887 0.1172 0.0057  -0.0147 -0.0315 897  LEU A CD1 
275 C CD2 . LEU A 35 ? 0.0835 0.0700 0.1052 0.0038  -0.0114 -0.0396 897  LEU A CD2 
276 N N   . ARG A 36 ? 0.0588 0.0477 0.1179 0.0053  -0.0050 -0.0421 898  ARG A N   
277 C CA  . ARG A 36 ? 0.0609 0.0553 0.1185 0.0030  -0.0079 -0.0427 898  ARG A CA  
278 C C   . ARG A 36 ? 0.0544 0.0442 0.1179 0.0030  -0.0102 -0.0388 898  ARG A C   
279 O O   . ARG A 36 ? 0.0574 0.0609 0.1198 0.0101  -0.0193 -0.0454 898  ARG A O   
280 C CB  . ARG A 36 ? 0.0770 0.0794 0.1293 -0.0142 -0.0063 -0.0362 898  ARG A CB  
281 C CG  . ARG A 36 ? 0.1093 0.0917 0.1481 -0.0016 -0.0033 -0.0178 898  ARG A CG  
282 C CD  . ARG A 36 ? 0.1487 0.1381 0.1608 -0.0184 -0.0041 0.0039  898  ARG A CD  
283 N NE  . ARG A 36 ? 0.1729 0.1323 0.1940 -0.0168 -0.0194 0.0078  898  ARG A NE  
284 C CZ  . ARG A 36 ? 0.2009 0.1371 0.2349 -0.0396 -0.0182 0.0170  898  ARG A CZ  
285 N NH1 . ARG A 36 ? 0.2105 0.1660 0.2677 -0.0368 -0.0304 -0.0168 898  ARG A NH1 
286 N NH2 . ARG A 36 ? 0.2592 0.0695 0.3217 -0.0291 -0.0434 0.0149  898  ARG A NH2 
287 N N   . GLN A 37 ? 0.0572 0.0542 0.1217 0.0102  -0.0168 -0.0402 899  GLN A N   
288 C CA  . GLN A 37 ? 0.0605 0.0497 0.1243 0.0100  -0.0166 -0.0385 899  GLN A CA  
289 C C   . GLN A 37 ? 0.0610 0.0538 0.1265 0.0067  -0.0091 -0.0369 899  GLN A C   
290 O O   . GLN A 37 ? 0.0666 0.0774 0.1892 0.0123  0.0079  -0.0164 899  GLN A O   
291 C CB  . GLN A 37 ? 0.0782 0.0518 0.1211 0.0065  -0.0190 -0.0375 899  GLN A CB  
292 C CG  . GLN A 37 ? 0.1007 0.0580 0.1252 0.0206  -0.0196 -0.0389 899  GLN A CG  
293 C CD  . GLN A 37 ? 0.0967 0.0724 0.1288 0.0179  -0.0262 -0.0472 899  GLN A CD  
294 O OE1 . GLN A 37 ? 0.1920 0.0801 0.1518 0.0360  -0.0596 -0.0472 899  GLN A OE1 
295 N NE2 . GLN A 37 ? 0.1185 0.0747 0.1281 0.0058  -0.0254 -0.0482 899  GLN A NE2 
296 N N   . VAL A 38 ? 0.0606 0.0463 0.1177 0.0042  -0.0052 -0.0406 900  VAL A N   
297 C CA  . VAL A 38 ? 0.0717 0.0519 0.1131 0.0007  -0.0013 -0.0377 900  VAL A CA  
298 C C   . VAL A 38 ? 0.0673 0.0498 0.1199 0.0019  -0.0003 -0.0397 900  VAL A C   
299 O O   . VAL A 38 ? 0.0930 0.0821 0.1237 -0.0234 0.0058  -0.0410 900  VAL A O   
300 C CB  . VAL A 38 ? 0.0803 0.0623 0.1184 0.0057  -0.0067 -0.0318 900  VAL A CB  
301 C CG1 . VAL A 38 ? 0.0960 0.0704 0.1296 0.0095  -0.0040 -0.0228 900  VAL A CG1 
302 C CG2 . VAL A 38 ? 0.0987 0.0647 0.1233 -0.0017 -0.0171 -0.0268 900  VAL A CG2 
303 N N   . ASP A 39 ? 0.0675 0.0501 0.1185 -0.0021 -0.0028 -0.0424 901  ASP A N   
304 C CA  . ASP A 39 ? 0.0652 0.0488 0.1228 0.0015  -0.0079 -0.0424 901  ASP A CA  
305 C C   . ASP A 39 ? 0.0635 0.0457 0.1232 0.0016  -0.0129 -0.0442 901  ASP A C   
306 O O   . ASP A 39 ? 0.0948 0.0453 0.1289 -0.0009 -0.0115 -0.0450 901  ASP A O   
307 C CB  . ASP A 39 ? 0.0691 0.0484 0.1087 -0.0053 -0.0073 -0.0340 901  ASP A CB  
308 C CG  . ASP A 39 ? 0.0649 0.0446 0.1183 -0.0029 -0.0140 -0.0369 901  ASP A CG  
309 O OD1 . ASP A 39 ? 0.0655 0.0462 0.1218 -0.0060 -0.0159 -0.0400 901  ASP A OD1 
310 O OD2 . ASP A 39 ? 0.0734 0.0477 0.1562 -0.0020 -0.0202 -0.0266 901  ASP A OD2 
311 N N   . GLU A 40 ? 0.0682 0.0448 0.1259 0.0065  -0.0185 -0.0443 902  GLU A N   
312 C CA  . GLU A 40 ? 0.0781 0.0608 0.1246 0.0086  -0.0245 -0.0403 902  GLU A CA  
313 C C   . GLU A 40 ? 0.0825 0.0539 0.1121 0.0034  -0.0247 -0.0430 902  GLU A C   
314 O O   . GLU A 40 ? 0.1081 0.0901 0.1259 -0.0050 -0.0295 -0.0279 902  GLU A O   
315 C CB  . GLU A 40 ? 0.0910 0.0671 0.1195 0.0057  -0.0187 -0.0437 902  GLU A CB  
316 C CG  . GLU A 40 ? 0.0919 0.0853 0.1279 0.0036  -0.0367 -0.0586 902  GLU A CG  
317 C CD  . GLU A 40 ? 0.1122 0.1063 0.1574 -0.0178 -0.0315 -0.0467 902  GLU A CD  
318 O OE1 . GLU A 40 ? 0.1334 0.2137 0.2257 -0.0637 -0.0442 -0.0234 902  GLU A OE1 
319 O OE2 . GLU A 40 ? 0.1425 0.0799 0.1813 -0.0237 -0.0531 -0.0417 902  GLU A OE2 
320 N N   . ASN A 41 ? 0.0716 0.0475 0.0902 -0.0003 -0.0087 -0.0363 903  ASN A N   
321 C CA  . ASN A 41 ? 0.0751 0.0435 0.0885 -0.0016 -0.0034 -0.0337 903  ASN A CA  
322 C C   . ASN A 41 ? 0.0657 0.0414 0.0957 0.0022  -0.0047 -0.0337 903  ASN A C   
323 O O   . ASN A 41 ? 0.0711 0.0498 0.0903 -0.0047 -0.0006 -0.0395 903  ASN A O   
324 C CB  . ASN A 41 ? 0.0772 0.0430 0.1005 -0.0011 -0.0014 -0.0364 903  ASN A CB  
325 C CG  . ASN A 41 ? 0.0998 0.0527 0.1211 -0.0138 -0.0067 -0.0473 903  ASN A CG  
326 O OD1 . ASN A 41 ? 0.1681 0.0699 0.1191 -0.0249 -0.0025 -0.0553 903  ASN A OD1 
327 N ND2 . ASN A 41 ? 0.0960 0.0508 0.1219 -0.0090 -0.0084 -0.0438 903  ASN A ND2 
328 N N   . TRP A 42 ? 0.0538 0.0397 0.0947 0.0002  -0.0078 -0.0311 904  TRP A N   
329 C CA  . TRP A 42 ? 0.0537 0.0378 0.0886 0.0016  -0.0080 -0.0280 904  TRP A CA  
330 C C   . TRP A 42 ? 0.0524 0.0389 0.0868 0.0032  -0.0120 -0.0287 904  TRP A C   
331 O O   . TRP A 42 ? 0.0527 0.0400 0.1107 0.0023  -0.0087 -0.0353 904  TRP A O   
332 C CB  . TRP A 42 ? 0.0602 0.0371 0.0881 0.0016  -0.0066 -0.0273 904  TRP A CB  
333 C CG  . TRP A 42 ? 0.0580 0.0358 0.0891 0.0011  -0.0075 -0.0257 904  TRP A CG  
334 C CD1 . TRP A 42 ? 0.0586 0.0364 0.0927 0.0021  -0.0111 -0.0271 904  TRP A CD1 
335 C CD2 . TRP A 42 ? 0.0585 0.0358 0.0922 0.0013  -0.0063 -0.0265 904  TRP A CD2 
336 N NE1 . TRP A 42 ? 0.0589 0.0420 0.0997 0.0043  -0.0080 -0.0255 904  TRP A NE1 
337 C CE2 . TRP A 42 ? 0.0600 0.0320 0.0957 0.0047  -0.0088 -0.0215 904  TRP A CE2 
338 C CE3 . TRP A 42 ? 0.0627 0.0375 0.0960 -0.0021 -0.0111 -0.0217 904  TRP A CE3 
339 C CZ2 . TRP A 42 ? 0.0614 0.0455 0.1039 0.0079  -0.0079 -0.0205 904  TRP A CZ2 
340 C CZ3 . TRP A 42 ? 0.0660 0.0339 0.0957 0.0021  -0.0073 -0.0246 904  TRP A CZ3 
341 C CH2 . TRP A 42 ? 0.0641 0.0381 0.1026 0.0105  -0.0061 -0.0267 904  TRP A CH2 
342 N N   . TYR A 43 ? 0.0494 0.0383 0.0887 0.0048  -0.0103 -0.0286 905  TYR A N   
343 C CA  . TYR A 43 ? 0.0501 0.0370 0.0887 0.0071  -0.0110 -0.0269 905  TYR A CA  
344 C C   . TYR A 43 ? 0.0483 0.0400 0.0881 0.0059  -0.0110 -0.0304 905  TYR A C   
345 O O   . TYR A 43 ? 0.0568 0.0485 0.0924 0.0157  -0.0175 -0.0383 905  TYR A O   
346 C CB  . TYR A 43 ? 0.0655 0.0345 0.0970 0.0040  -0.0126 -0.0258 905  TYR A CB  
347 C CG  . TYR A 43 ? 0.0753 0.0334 0.1057 -0.0018 -0.0239 -0.0227 905  TYR A CG  
348 C CD1 . TYR A 43 ? 0.0815 0.0433 0.1000 0.0060  -0.0189 -0.0257 905  TYR A CD1 
349 C CD2 . TYR A 43 ? 0.0980 0.0369 0.1081 0.0060  -0.0162 -0.0310 905  TYR A CD2 
350 C CE1 . TYR A 43 ? 0.0836 0.0482 0.1260 0.0068  -0.0336 -0.0232 905  TYR A CE1 
351 C CE2 . TYR A 43 ? 0.1251 0.0507 0.0994 0.0109  -0.0190 -0.0250 905  TYR A CE2 
352 C CZ  . TYR A 43 ? 0.1131 0.0525 0.1191 0.0097  -0.0389 -0.0221 905  TYR A CZ  
353 O OH  . TYR A 43 ? 0.1494 0.0832 0.1503 0.0112  -0.0676 -0.0072 905  TYR A OH  
354 N N   . GLU A 44 ? 0.0549 0.0424 0.0886 0.0085  -0.0127 -0.0328 906  GLU A N   
355 C CA  . GLU A 44 ? 0.0606 0.0414 0.0906 0.0078  -0.0167 -0.0324 906  GLU A CA  
356 C C   . GLU A 44 ? 0.0613 0.0415 0.0865 0.0093  -0.0154 -0.0315 906  GLU A C   
357 O O   . GLU A 44 ? 0.0639 0.0413 0.1080 0.0122  -0.0191 -0.0359 906  GLU A O   
358 C CB  . GLU A 44 ? 0.0812 0.0492 0.0966 0.0043  -0.0078 -0.0282 906  GLU A CB  
359 C CG  . GLU A 44 ? 0.1026 0.0699 0.0965 -0.0010 -0.0115 -0.0301 906  GLU A CG  
360 C CD  . GLU A 44 ? 0.1290 0.0990 0.1170 -0.0002 0.0100  -0.0291 906  GLU A CD  
361 O OE1 . GLU A 44 ? 0.1316 0.1562 0.1328 -0.0035 0.0124  -0.0357 906  GLU A OE1 
362 O OE2 . GLU A 44 ? 0.1732 0.1879 0.1230 0.0005  -0.0035 -0.0372 906  GLU A OE2 
363 N N   . GLY A 45 ? 0.0609 0.0382 0.0867 0.0084  -0.0157 -0.0281 907  GLY A N   
364 C CA  . GLY A 45 ? 0.0626 0.0399 0.0778 0.0040  -0.0115 -0.0276 907  GLY A CA  
365 C C   . GLY A 45 ? 0.0565 0.0412 0.0854 0.0056  -0.0139 -0.0309 907  GLY A C   
366 O O   . GLY A 45 ? 0.0795 0.0460 0.0927 0.0118  -0.0268 -0.0329 907  GLY A O   
367 N N   . ARG A 46 ? 0.0603 0.0431 0.0851 0.0009  -0.0200 -0.0294 908  ARG A N   
368 C CA  . ARG A 46 ? 0.0597 0.0552 0.0818 0.0063  -0.0237 -0.0218 908  ARG A CA  
369 C C   . ARG A 46 ? 0.0625 0.0529 0.1015 0.0005  -0.0226 -0.0287 908  ARG A C   
370 O O   . ARG A 46 ? 0.0737 0.0597 0.1231 -0.0114 -0.0355 -0.0160 908  ARG A O   
371 C CB  . ARG A 46 ? 0.0728 0.0736 0.0812 -0.0125 -0.0126 -0.0222 908  ARG A CB  
372 C CG  . ARG A 46 ? 0.0829 0.0936 0.0965 -0.0019 -0.0187 -0.0181 908  ARG A CG  
373 C CD  . ARG A 46 ? 0.1024 0.1099 0.1044 0.0018  -0.0132 -0.0289 908  ARG A CD  
374 N NE  . ARG A 46 ? 0.1268 0.1173 0.1363 0.0143  0.0013  -0.0369 908  ARG A NE  
375 C CZ  . ARG A 46 ? 0.1299 0.1519 0.1535 0.0224  0.0033  -0.0595 908  ARG A CZ  
376 N NH1 . ARG A 46 ? 0.0812 0.1651 0.1879 0.0255  0.0383  -0.0836 908  ARG A NH1 
377 N NH2 . ARG A 46 ? 0.0960 0.1803 0.1744 0.0484  0.0349  -0.0471 908  ARG A NH2 
378 N N   . ILE A 47 ? 0.0674 0.0511 0.1090 0.0031  -0.0302 -0.0247 909  ILE A N   
379 C CA  . ILE A 47 ? 0.0694 0.0605 0.1232 -0.0001 -0.0233 -0.0210 909  ILE A CA  
380 C C   . ILE A 47 ? 0.0791 0.0586 0.1243 -0.0076 -0.0365 -0.0294 909  ILE A C   
381 O O   . ILE A 47 ? 0.1229 0.0730 0.1262 -0.0071 -0.0472 -0.0314 909  ILE A O   
382 C CB  . ILE A 47 ? 0.0669 0.0847 0.1567 0.0009  -0.0195 -0.0109 909  ILE A CB  
383 C CG1 . ILE A 47 ? 0.0894 0.0833 0.1915 0.0117  -0.0009 -0.0122 909  ILE A CG1 
384 C CG2 . ILE A 47 ? 0.0897 0.0856 0.1783 -0.0081 -0.0217 -0.0076 909  ILE A CG2 
385 C CD1 . ILE A 47 ? 0.1350 0.1101 0.1940 0.0113  -0.0231 -0.0210 909  ILE A CD1 
386 N N   . PRO A 48 ? 0.0819 0.0583 0.1209 -0.0005 -0.0306 -0.0309 910  PRO A N   
387 C CA  . PRO A 48 ? 0.1054 0.0622 0.1280 0.0026  -0.0227 -0.0348 910  PRO A CA  
388 C C   . PRO A 48 ? 0.1400 0.0693 0.1396 0.0042  -0.0400 -0.0436 910  PRO A C   
389 O O   . PRO A 48 ? 0.1349 0.0804 0.1816 -0.0168 -0.0615 -0.0387 910  PRO A O   
390 C CB  . PRO A 48 ? 0.1137 0.0684 0.1323 0.0033  -0.0203 -0.0292 910  PRO A CB  
391 C CG  . PRO A 48 ? 0.1045 0.0621 0.1225 0.0054  -0.0159 -0.0220 910  PRO A CG  
392 C CD  . PRO A 48 ? 0.0887 0.0563 0.1182 -0.0028 -0.0219 -0.0312 910  PRO A CD  
393 N N   . GLY A 49 ? 0.1787 0.1070 0.1389 0.0011  -0.0336 -0.0498 911  GLY A N   
394 C CA  . GLY A 49 ? 0.2264 0.1088 0.1549 -0.0032 -0.0620 -0.0457 911  GLY A CA  
395 C C   . GLY A 49 ? 0.2622 0.1221 0.1783 -0.0132 -0.1119 -0.0411 911  GLY A C   
396 O O   . GLY A 49 ? 0.3738 0.1402 0.2247 -0.0112 -0.1857 -0.0554 911  GLY A O   
397 N N   . THR A 50 ? 0.2060 0.1224 0.2047 -0.0243 -0.1470 -0.0196 912  THR A N   
398 C CA  . THR A 50 ? 0.2478 0.1020 0.2186 0.0074  -0.1714 -0.0586 912  THR A CA  
399 C C   . THR A 50 ? 0.3249 0.1412 0.2315 -0.0405 -0.1508 -0.0393 912  THR A C   
400 O O   . THR A 50 ? 0.3354 0.1648 0.2855 -0.0435 -0.1551 -0.0223 912  THR A O   
401 C CB  . THR A 50 ? 0.2421 0.1000 0.2014 0.0170  -0.1782 -0.0052 912  THR A CB  
402 O OG1 . THR A 50 ? 0.2457 0.0931 0.2336 -0.0084 -0.1563 -0.0199 912  THR A OG1 
403 C CG2 . THR A 50 ? 0.1947 0.0872 0.1820 0.0464  -0.1327 -0.0386 912  THR A CG2 
404 N N   A SER A 51 ? 0.4809 0.1114 0.8442 -0.1152 -0.3141 0.1335  913  SER A N   
405 N N   B SER A 51 ? 0.3366 0.1180 0.2077 -0.0654 -0.1475 -0.0396 913  SER A N   
406 C CA  A SER A 51 ? 0.2393 0.0990 0.1144 -0.0352 -0.0241 -0.0599 913  SER A CA  
407 C CA  B SER A 51 ? 0.3161 0.1494 0.2173 -0.0454 -0.0649 -0.0420 913  SER A CA  
408 C C   A SER A 51 ? 0.1781 0.1181 0.0812 -0.0186 -0.0082 -0.0456 913  SER A C   
409 C C   B SER A 51 ? 0.2072 0.1217 0.1432 -0.0496 -0.0551 0.0018  913  SER A C   
410 O O   A SER A 51 ? 0.2219 0.1239 0.0895 -0.0315 0.0179  -0.0485 913  SER A O   
411 O O   B SER A 51 ? 0.2576 0.1181 0.1438 -0.0499 -0.0117 -0.0137 913  SER A O   
412 C CB  A SER A 51 ? 0.3315 0.1545 0.1375 -0.0129 -0.0346 -0.0217 913  SER A CB  
413 C CB  B SER A 51 ? 0.3733 0.0536 0.2479 -0.0983 -0.0569 0.0265  913  SER A CB  
414 O OG  A SER A 51 ? 0.3350 0.1597 0.1299 -0.0198 -0.0460 -0.0321 913  SER A OG  
415 O OG  B SER A 51 ? 0.3940 0.1646 0.2839 -0.0516 -0.0211 -0.0063 913  SER A OG  
416 N N   A ARG A 52 ? 0.1246 0.1399 0.0889 -0.0144 -0.0227 -0.0251 914  ARG A N   
417 N N   B ARG A 52 ? 0.1459 0.0444 0.1440 -0.0428 -0.0599 0.0135  914  ARG A N   
418 C CA  A ARG A 52 ? 0.0980 0.1092 0.0924 -0.0001 -0.0226 -0.0103 914  ARG A CA  
419 C CA  B ARG A 52 ? 0.0935 0.0780 0.1412 -0.0102 -0.0638 0.0007  914  ARG A CA  
420 C C   A ARG A 52 ? 0.1106 0.0737 0.1082 -0.0028 -0.0386 -0.0254 914  ARG A C   
421 C C   B ARG A 52 ? 0.0915 0.0586 0.1355 0.0118  -0.0600 -0.0247 914  ARG A C   
422 O O   A ARG A 52 ? 0.0989 0.0700 0.1179 -0.0027 -0.0444 -0.0346 914  ARG A O   
423 O O   B ARG A 52 ? 0.0958 0.0562 0.1342 0.0116  -0.0587 -0.0255 914  ARG A O   
424 C CB  A ARG A 52 ? 0.0909 0.1071 0.0859 0.0039  -0.0258 -0.0092 914  ARG A CB  
425 C CB  B ARG A 52 ? 0.0777 0.0993 0.1451 -0.0008 -0.0636 -0.0095 914  ARG A CB  
426 C CG  A ARG A 52 ? 0.0861 0.0981 0.0831 0.0031  -0.0185 -0.0244 914  ARG A CG  
427 C CG  B ARG A 52 ? 0.0722 0.1148 0.1353 -0.0054 -0.0578 -0.0129 914  ARG A CG  
428 C CD  A ARG A 52 ? 0.0942 0.1002 0.0870 0.0019  -0.0159 -0.0198 914  ARG A CD  
429 C CD  B ARG A 52 ? 0.1018 0.1095 0.1452 -0.0028 -0.0308 -0.0106 914  ARG A CD  
430 N NE  A ARG A 52 ? 0.0827 0.0952 0.0833 -0.0036 -0.0164 -0.0161 914  ARG A NE  
431 N NE  B ARG A 52 ? 0.1020 0.1168 0.1286 -0.0090 -0.0243 -0.0072 914  ARG A NE  
432 C CZ  A ARG A 52 ? 0.0693 0.0818 0.0692 -0.0015 -0.0169 -0.0296 914  ARG A CZ  
433 C CZ  B ARG A 52 ? 0.1054 0.1276 0.1448 -0.0235 -0.0208 -0.0109 914  ARG A CZ  
434 N NH1 A ARG A 52 ? 0.0803 0.0922 0.0767 -0.0129 -0.0123 -0.0165 914  ARG A NH1 
435 N NH1 B ARG A 52 ? 0.1039 0.1539 0.1488 -0.0326 -0.0121 -0.0100 914  ARG A NH1 
436 N NH2 A ARG A 52 ? 0.0497 0.0484 0.0564 0.0011  -0.0140 -0.0110 914  ARG A NH2 
437 N NH2 B ARG A 52 ? 0.0977 0.1385 0.1568 -0.0388 -0.0241 -0.0090 914  ARG A NH2 
438 N N   . GLN A 53 ? 0.1029 0.0526 0.1350 0.0196  -0.0574 -0.0179 915  GLN A N   
439 C CA  . GLN A 53 ? 0.1006 0.0527 0.1008 0.0077  -0.0357 -0.0316 915  GLN A CA  
440 C C   . GLN A 53 ? 0.1000 0.0541 0.0974 0.0067  -0.0313 -0.0337 915  GLN A C   
441 O O   . GLN A 53 ? 0.1639 0.0581 0.1238 0.0088  -0.0605 -0.0273 915  GLN A O   
442 C CB  . GLN A 53 ? 0.1288 0.0889 0.1071 0.0157  -0.0196 -0.0297 915  GLN A CB  
443 C CG  . GLN A 53 ? 0.1355 0.1024 0.1110 0.0091  -0.0188 -0.0312 915  GLN A CG  
444 C CD  . GLN A 53 ? 0.1629 0.1297 0.1261 0.0207  -0.0028 -0.0348 915  GLN A CD  
445 O OE1 . GLN A 53 ? 0.2085 0.1614 0.1790 0.0321  0.0136  -0.0858 915  GLN A OE1 
446 N NE2 . GLN A 53 ? 0.1564 0.1739 0.1402 0.0162  0.0107  -0.0328 915  GLN A NE2 
447 N N   . GLY A 54 ? 0.0740 0.0460 0.0890 0.0064  -0.0184 -0.0299 916  GLY A N   
448 C CA  . GLY A 54 ? 0.0727 0.0442 0.0845 0.0021  -0.0091 -0.0245 916  GLY A CA  
449 C C   . GLY A 54 ? 0.0630 0.0380 0.0861 0.0087  -0.0129 -0.0267 916  GLY A C   
450 O O   . GLY A 54 ? 0.0835 0.0406 0.0918 0.0145  -0.0260 -0.0284 916  GLY A O   
451 N N   . ILE A 55 ? 0.0614 0.0360 0.0829 0.0050  -0.0141 -0.0233 917  ILE A N   
452 C CA  . ILE A 55 ? 0.0592 0.0376 0.0823 0.0051  -0.0138 -0.0265 917  ILE A CA  
453 C C   . ILE A 55 ? 0.0546 0.0346 0.0882 0.0054  -0.0131 -0.0241 917  ILE A C   
454 O O   . ILE A 55 ? 0.0591 0.0403 0.0983 0.0106  -0.0174 -0.0284 917  ILE A O   
455 C CB  . ILE A 55 ? 0.0688 0.0369 0.0853 0.0024  -0.0117 -0.0223 917  ILE A CB  
456 C CG1 . ILE A 55 ? 0.0755 0.0358 0.0894 0.0037  -0.0079 -0.0213 917  ILE A CG1 
457 C CG2 . ILE A 55 ? 0.0719 0.0511 0.0942 -0.0024 -0.0062 -0.0194 917  ILE A CG2 
458 C CD1 . ILE A 55 ? 0.0857 0.0475 0.0890 -0.0051 -0.0064 -0.0284 917  ILE A CD1 
459 N N   . PHE A 56 ? 0.0507 0.0357 0.0870 0.0041  -0.0115 -0.0252 918  PHE A N   
460 C CA  . PHE A 56 ? 0.0519 0.0357 0.0878 0.0013  -0.0085 -0.0253 918  PHE A CA  
461 C C   . PHE A 56 ? 0.0478 0.0344 0.0865 0.0026  -0.0062 -0.0235 918  PHE A C   
462 O O   . PHE A 56 ? 0.0466 0.0416 0.0826 0.0022  -0.0071 -0.0304 918  PHE A O   
463 C CB  . PHE A 56 ? 0.0522 0.0367 0.0825 0.0009  -0.0059 -0.0254 918  PHE A CB  
464 C CG  . PHE A 56 ? 0.0540 0.0333 0.1015 -0.0019 -0.0009 -0.0245 918  PHE A CG  
465 C CD1 . PHE A 56 ? 0.0616 0.0454 0.1177 -0.0066 -0.0122 -0.0175 918  PHE A CD1 
466 C CD2 . PHE A 56 ? 0.0797 0.0338 0.1058 -0.0002 0.0063  -0.0260 918  PHE A CD2 
467 C CE1 . PHE A 56 ? 0.0704 0.0478 0.1548 -0.0005 -0.0148 0.0003  918  PHE A CE1 
468 C CE2 . PHE A 56 ? 0.0962 0.0365 0.1512 0.0065  0.0247  -0.0328 918  PHE A CE2 
469 C CZ  . PHE A 56 ? 0.0676 0.0422 0.1849 0.0112  0.0138  -0.0154 918  PHE A CZ  
470 N N   . PRO A 57 ? 0.0485 0.0349 0.0855 0.0054  -0.0064 -0.0235 919  PRO A N   
471 C CA  . PRO A 57 ? 0.0549 0.0385 0.0815 0.0029  -0.0038 -0.0272 919  PRO A CA  
472 C C   . PRO A 57 ? 0.0514 0.0398 0.0787 0.0046  -0.0041 -0.0276 919  PRO A C   
473 O O   . PRO A 57 ? 0.0579 0.0400 0.0841 0.0006  -0.0066 -0.0292 919  PRO A O   
474 C CB  . PRO A 57 ? 0.0644 0.0439 0.0827 0.0062  0.0042  -0.0223 919  PRO A CB  
475 C CG  . PRO A 57 ? 0.0641 0.0415 0.0908 0.0110  0.0032  -0.0227 919  PRO A CG  
476 C CD  . PRO A 57 ? 0.0523 0.0420 0.0882 0.0103  -0.0033 -0.0202 919  PRO A CD  
477 N N   . ILE A 58 ? 0.0538 0.0385 0.0881 -0.0007 -0.0086 -0.0279 920  ILE A N   
478 C CA  . ILE A 58 ? 0.0582 0.0472 0.0964 0.0069  -0.0115 -0.0242 920  ILE A CA  
479 C C   . ILE A 58 ? 0.0701 0.0420 0.0870 0.0028  -0.0142 -0.0298 920  ILE A C   
480 O O   . ILE A 58 ? 0.0827 0.0407 0.0992 0.0064  -0.0121 -0.0297 920  ILE A O   
481 C CB  . ILE A 58 ? 0.0612 0.0664 0.1111 0.0040  -0.0167 -0.0193 920  ILE A CB  
482 C CG1 . ILE A 58 ? 0.0714 0.0651 0.1122 0.0074  -0.0125 -0.0165 920  ILE A CG1 
483 C CG2 . ILE A 58 ? 0.0818 0.0911 0.1178 0.0134  -0.0132 -0.0060 920  ILE A CG2 
484 C CD1 . ILE A 58 ? 0.0692 0.0931 0.1243 0.0053  -0.0105 -0.0130 920  ILE A CD1 
485 N N   . THR A 59 ? 0.0658 0.0427 0.0847 -0.0012 -0.0125 -0.0307 921  THR A N   
486 C CA  . THR A 59 ? 0.0756 0.0499 0.0819 -0.0045 -0.0103 -0.0336 921  THR A CA  
487 C C   . THR A 59 ? 0.0743 0.0470 0.0828 -0.0032 -0.0081 -0.0342 921  THR A C   
488 O O   . THR A 59 ? 0.0884 0.0654 0.0870 -0.0094 -0.0008 -0.0411 921  THR A O   
489 C CB  . THR A 59 ? 0.0817 0.0552 0.0811 -0.0051 -0.0041 -0.0374 921  THR A CB  
490 O OG1 . THR A 59 ? 0.0885 0.0531 0.0974 0.0035  -0.0128 -0.0431 921  THR A OG1 
491 C CG2 . THR A 59 ? 0.0836 0.0723 0.0829 -0.0073 -0.0114 -0.0281 921  THR A CG2 
492 N N   . TYR A 60 ? 0.0560 0.0423 0.0777 -0.0021 -0.0014 -0.0296 922  TYR A N   
493 C CA  . TYR A 60 ? 0.0525 0.0426 0.0802 0.0010  -0.0003 -0.0309 922  TYR A CA  
494 C C   . TYR A 60 ? 0.0500 0.0428 0.0863 0.0009  -0.0010 -0.0327 922  TYR A C   
495 O O   . TYR A 60 ? 0.0528 0.0413 0.1092 -0.0012 -0.0012 -0.0365 922  TYR A O   
496 C CB  . TYR A 60 ? 0.0556 0.0398 0.0801 -0.0015 0.0002  -0.0282 922  TYR A CB  
497 C CG  . TYR A 60 ? 0.0584 0.0439 0.0761 0.0022  0.0004  -0.0307 922  TYR A CG  
498 C CD1 . TYR A 60 ? 0.0630 0.0408 0.0866 0.0014  -0.0014 -0.0309 922  TYR A CD1 
499 C CD2 . TYR A 60 ? 0.0646 0.0565 0.0783 0.0054  -0.0091 -0.0366 922  TYR A CD2 
500 C CE1 . TYR A 60 ? 0.0795 0.0451 0.0827 0.0099  -0.0041 -0.0328 922  TYR A CE1 
501 C CE2 . TYR A 60 ? 0.0745 0.0646 0.0855 0.0155  -0.0083 -0.0387 922  TYR A CE2 
502 C CZ  . TYR A 60 ? 0.0840 0.0482 0.0843 0.0207  -0.0097 -0.0333 922  TYR A CZ  
503 O OH  . TYR A 60 ? 0.1098 0.0623 0.1089 0.0401  -0.0123 -0.0406 922  TYR A OH  
504 N N   . VAL A 61 ? 0.0500 0.0424 0.0962 0.0008  -0.0009 -0.0348 923  VAL A N   
505 C CA  . VAL A 61 ? 0.0583 0.0438 0.0943 0.0060  -0.0004 -0.0347 923  VAL A CA  
506 C C   . VAL A 61 ? 0.0695 0.0454 0.0921 0.0047  -0.0042 -0.0365 923  VAL A C   
507 O O   . VAL A 61 ? 0.0895 0.0503 0.1045 0.0015  -0.0178 -0.0394 923  VAL A O   
508 C CB  . VAL A 61 ? 0.0642 0.0528 0.0911 0.0092  -0.0002 -0.0344 923  VAL A CB  
509 C CG1 . VAL A 61 ? 0.0695 0.0615 0.0867 0.0045  -0.0011 -0.0311 923  VAL A CG1 
510 C CG2 . VAL A 61 ? 0.0636 0.0757 0.0925 0.0069  -0.0030 -0.0272 923  VAL A CG2 
511 N N   A ASP A 62 ? 0.0863 0.0464 0.0887 0.0017  -0.0059 -0.0365 924  ASP A N   
512 N N   B ASP A 62 ? 0.0846 0.0453 0.0972 0.0051  -0.0028 -0.0377 924  ASP A N   
513 C CA  A ASP A 62 ? 0.1046 0.0605 0.0786 0.0003  -0.0157 -0.0355 924  ASP A CA  
514 C CA  B ASP A 62 ? 0.1125 0.0613 0.1039 0.0188  -0.0054 -0.0303 924  ASP A CA  
515 C C   A ASP A 62 ? 0.1053 0.0480 0.0850 0.0148  -0.0247 -0.0368 924  ASP A C   
516 C C   B ASP A 62 ? 0.1025 0.0455 0.0975 0.0204  -0.0204 -0.0364 924  ASP A C   
517 O O   A ASP A 62 ? 0.0926 0.0601 0.0957 0.0194  -0.0239 -0.0494 924  ASP A O   
518 O O   B ASP A 62 ? 0.0877 0.0579 0.1058 0.0291  -0.0226 -0.0476 924  ASP A O   
519 C CB  A ASP A 62 ? 0.1277 0.0777 0.0984 -0.0074 -0.0119 -0.0188 924  ASP A CB  
520 C CB  B ASP A 62 ? 0.1458 0.0859 0.1299 -0.0004 0.0011  -0.0202 924  ASP A CB  
521 C CG  A ASP A 62 ? 0.1638 0.0789 0.0864 -0.0316 -0.0364 -0.0205 924  ASP A CG  
522 C CG  B ASP A 62 ? 0.1886 0.1420 0.1380 0.0195  0.0219  -0.0120 924  ASP A CG  
523 O OD1 A ASP A 62 ? 0.2341 0.1389 0.1343 -0.0914 -0.0790 0.0004  924  ASP A OD1 
524 O OD1 B ASP A 62 ? 0.1986 0.1799 0.1370 0.0301  0.0104  -0.0181 924  ASP A OD1 
525 O OD2 A ASP A 62 ? 0.1254 0.0672 0.1228 -0.0050 -0.0389 -0.0139 924  ASP A OD2 
526 O OD2 B ASP A 62 ? 0.2068 0.1840 0.1832 -0.0038 0.0434  -0.0135 924  ASP A OD2 
527 N N   . VAL A 63 ? 0.1024 0.0466 0.0964 0.0199  -0.0210 -0.0380 925  VAL A N   
528 C CA  . VAL A 63 ? 0.1022 0.0513 0.0865 0.0203  -0.0272 -0.0395 925  VAL A CA  
529 C C   . VAL A 63 ? 0.0999 0.0512 0.0973 0.0219  -0.0323 -0.0395 925  VAL A C   
530 O O   . VAL A 63 ? 0.1946 0.0776 0.1090 0.0411  -0.0656 -0.0431 925  VAL A O   
531 C CB  . VAL A 63 ? 0.1043 0.0745 0.0968 0.0091  -0.0297 -0.0292 925  VAL A CB  
532 C CG1 . VAL A 63 ? 0.0976 0.0800 0.1152 0.0019  -0.0266 -0.0281 925  VAL A CG1 
533 C CG2 . VAL A 63 ? 0.1005 0.0685 0.1167 0.0037  -0.0141 -0.0271 925  VAL A CG2 
534 N N   . ILE A 64 ? 0.0772 0.0432 0.0852 0.0149  -0.0169 -0.0300 926  ILE A N   
535 C CA  . ILE A 64 ? 0.0758 0.0442 0.0828 0.0142  -0.0081 -0.0221 926  ILE A CA  
536 C C   . ILE A 64 ? 0.0718 0.0435 0.0923 0.0132  -0.0133 -0.0258 926  ILE A C   
537 O O   . ILE A 64 ? 0.0717 0.0814 0.1122 0.0221  -0.0104 -0.0037 926  ILE A O   
538 C CB  . ILE A 64 ? 0.0757 0.0522 0.0879 0.0102  -0.0091 -0.0227 926  ILE A CB  
539 C CG1 . ILE A 64 ? 0.0798 0.0705 0.1072 0.0056  -0.0011 -0.0196 926  ILE A CG1 
540 C CG2 . ILE A 64 ? 0.0812 0.0519 0.0848 0.0085  -0.0075 -0.0199 926  ILE A CG2 
541 C CD1 . ILE A 64 ? 0.0949 0.0862 0.1207 -0.0024 -0.0147 -0.0093 926  ILE A CD1 
542 N N   . LYS A 65 ? 0.0624 0.0512 0.0904 0.0120  -0.0174 -0.0240 927  LYS A N   
543 C CA  . LYS A 65 ? 0.0612 0.0570 0.0860 0.0047  -0.0179 -0.0251 927  LYS A CA  
544 C C   . LYS A 65 ? 0.0596 0.0519 0.0866 0.0027  -0.0191 -0.0319 927  LYS A C   
545 O O   . LYS A 65 ? 0.0650 0.0529 0.0899 0.0041  -0.0219 -0.0304 927  LYS A O   
546 C CB  . LYS A 65 ? 0.0693 0.0486 0.0894 0.0029  -0.0128 -0.0223 927  LYS A CB  
547 C CG  . LYS A 65 ? 0.0702 0.0617 0.0979 0.0051  -0.0098 -0.0208 927  LYS A CG  
548 C CD  . LYS A 65 ? 0.0821 0.0671 0.1104 0.0060  -0.0089 -0.0280 927  LYS A CD  
549 C CE  . LYS A 65 ? 0.0850 0.0931 0.1165 0.0095  -0.0061 -0.0299 927  LYS A CE  
550 N NZ  . LYS A 65 ? 0.1243 0.1098 0.1286 0.0263  -0.0078 -0.0406 927  LYS A NZ  
551 N N   A ARG A 66 ? 0.0632 0.0567 0.0897 0.0004  -0.0264 -0.0272 928  ARG A N   
552 N N   B ARG A 66 ? 0.0667 0.0613 0.0914 -0.0030 -0.0271 -0.0280 928  ARG A N   
553 C CA  A ARG A 66 ? 0.0679 0.0562 0.0968 -0.0003 -0.0231 -0.0268 928  ARG A CA  
554 C CA  B ARG A 66 ? 0.0743 0.0628 0.1017 -0.0025 -0.0201 -0.0259 928  ARG A CA  
555 C C   A ARG A 66 ? 0.0688 0.0584 0.1020 0.0005  -0.0225 -0.0344 928  ARG A C   
556 C C   B ARG A 66 ? 0.0717 0.0603 0.1041 -0.0008 -0.0227 -0.0335 928  ARG A C   
557 O O   A ARG A 66 ? 0.0749 0.0608 0.1194 0.0055  -0.0224 -0.0303 928  ARG A O   
558 O O   B ARG A 66 ? 0.0788 0.0637 0.1213 0.0052  -0.0213 -0.0305 928  ARG A O   
559 C CB  A ARG A 66 ? 0.0689 0.0505 0.0925 -0.0004 -0.0236 -0.0207 928  ARG A CB  
560 C CB  B ARG A 66 ? 0.0784 0.0728 0.1095 -0.0117 -0.0247 -0.0170 928  ARG A CB  
561 C CG  A ARG A 66 ? 0.0800 0.0541 0.0883 -0.0021 -0.0232 -0.0209 928  ARG A CG  
562 C CG  B ARG A 66 ? 0.1075 0.0748 0.1183 -0.0085 -0.0164 -0.0195 928  ARG A CG  
563 C CD  A ARG A 66 ? 0.0819 0.0549 0.0899 0.0022  -0.0227 -0.0318 928  ARG A CD  
564 C CD  B ARG A 66 ? 0.1252 0.1153 0.1438 -0.0170 -0.0354 -0.0209 928  ARG A CD  
565 N NE  A ARG A 66 ? 0.0843 0.0594 0.0932 0.0047  -0.0251 -0.0379 928  ARG A NE  
566 N NE  B ARG A 66 ? 0.1248 0.1380 0.1694 -0.0165 -0.0316 -0.0060 928  ARG A NE  
567 C CZ  A ARG A 66 ? 0.0876 0.0579 0.0981 0.0143  -0.0226 -0.0388 928  ARG A CZ  
568 C CZ  B ARG A 66 ? 0.1440 0.1354 0.2501 -0.0172 -0.0644 0.0346  928  ARG A CZ  
569 N NH1 A ARG A 66 ? 0.0918 0.0753 0.0948 0.0290  -0.0150 -0.0339 928  ARG A NH1 
570 N NH1 B ARG A 66 ? 0.1493 0.1940 0.2712 -0.0045 -0.0569 0.0262  928  ARG A NH1 
571 N NH2 A ARG A 66 ? 0.0909 0.0736 0.0918 0.0128  -0.0164 -0.0341 928  ARG A NH2 
572 N NH2 B ARG A 66 ? 0.1383 0.1464 0.2303 -0.0085 -0.0577 0.0238  928  ARG A NH2 
573 N N   . PRO A 67 ? 0.0779 0.0637 0.1048 -0.0026 -0.0228 -0.0329 929  PRO A N   
574 C CA  . PRO A 67 ? 0.0782 0.0825 0.1087 -0.0056 -0.0226 -0.0336 929  PRO A CA  
575 C C   . PRO A 67 ? 0.0845 0.0903 0.1240 -0.0159 -0.0334 -0.0429 929  PRO A C   
576 O O   . PRO A 67 ? 0.0990 0.1133 0.1226 -0.0274 -0.0365 -0.0461 929  PRO A O   
577 C CB  . PRO A 67 ? 0.1081 0.0943 0.1188 0.0011  -0.0169 -0.0228 929  PRO A CB  
578 C CG  . PRO A 67 ? 0.1110 0.1178 0.1288 0.0095  -0.0072 -0.0053 929  PRO A CG  
579 C CD  . PRO A 67 ? 0.0805 0.0622 0.1137 -0.0035 -0.0199 -0.0276 929  PRO A CD  
580 N N   . LEU A 68 ? 0.0860 0.1226 0.1404 -0.0147 -0.0346 -0.0688 930  LEU A N   
581 C CA  . LEU A 68 ? 0.0896 0.1665 0.1834 0.0012  -0.0355 -0.0664 930  LEU A CA  
582 C C   . LEU A 68 ? 0.0979 0.2299 0.2086 -0.0639 -0.0220 -0.0830 930  LEU A C   
583 O O   . LEU A 68 ? 0.0859 0.2041 0.2058 0.0029  -0.0080 -0.0942 930  LEU A O   
584 C CB  . LEU A 68 ? 0.1376 0.1512 0.1605 -0.0051 -0.0229 -0.0977 930  LEU A CB  
585 C CG  . LEU A 68 ? 0.1561 0.2107 0.1945 0.0210  -0.0359 -0.0582 930  LEU A CG  
586 C CD1 . LEU A 68 ? 0.2230 0.2325 0.1967 0.0213  -0.0367 -0.0652 930  LEU A CD1 
587 C CD2 . LEU A 68 ? 0.2280 0.2089 0.2430 0.0203  -0.0327 -0.0433 930  LEU A CD2 
588 O OXT . LEU A 68 ? 1.0378 1.0138 1.3788 -0.9250 0.4509  -0.0834 930  LEU A OXT 
589 N N   . LEU B 2  ? 0.0798 0.0740 0.1258 0.0109  -0.0128 -0.0265 858  LEU B N   
590 C CA  . LEU B 2  ? 0.0810 0.0636 0.1168 0.0154  -0.0066 -0.0356 858  LEU B CA  
591 C C   . LEU B 2  ? 0.0825 0.0555 0.1104 0.0144  -0.0056 -0.0363 858  LEU B C   
592 O O   . LEU B 2  ? 0.0795 0.0568 0.1359 0.0154  -0.0031 -0.0447 858  LEU B O   
593 C CB  . LEU B 2  ? 0.0965 0.0806 0.1221 0.0204  0.0042  -0.0313 858  LEU B CB  
594 C CG  . LEU B 2  ? 0.1200 0.1031 0.1239 0.0084  -0.0043 -0.0237 858  LEU B CG  
595 C CD1 . LEU B 2  ? 0.1339 0.1061 0.1220 0.0060  -0.0026 -0.0300 858  LEU B CD1 
596 C CD2 . LEU B 2  ? 0.1373 0.1314 0.1382 -0.0056 0.0035  -0.0130 858  LEU B CD2 
597 N N   . ALA B 3  ? 0.0804 0.0661 0.1096 0.0122  -0.0043 -0.0314 859  ALA B N   
598 C CA  . ALA B 3  ? 0.0835 0.0551 0.0973 0.0104  0.0003  -0.0281 859  ALA B CA  
599 C C   . ALA B 3  ? 0.0914 0.0544 0.0972 0.0073  0.0047  -0.0341 859  ALA B C   
600 O O   . ALA B 3  ? 0.0987 0.0555 0.1090 0.0034  0.0065  -0.0433 859  ALA B O   
601 C CB  . ALA B 3  ? 0.0980 0.0768 0.0967 0.0041  -0.0018 -0.0265 859  ALA B CB  
602 N N   . PRO B 4  ? 0.0854 0.0589 0.0996 -0.0038 0.0090  -0.0308 860  PRO B N   
603 C CA  . PRO B 4  ? 0.0883 0.0691 0.0976 -0.0095 0.0106  -0.0334 860  PRO B CA  
604 C C   . PRO B 4  ? 0.0925 0.0539 0.1008 -0.0141 0.0133  -0.0432 860  PRO B C   
605 O O   . PRO B 4  ? 0.1078 0.0532 0.1063 -0.0149 0.0040  -0.0432 860  PRO B O   
606 C CB  . PRO B 4  ? 0.0873 0.0787 0.0984 -0.0048 0.0098  -0.0218 860  PRO B CB  
607 C CG  . PRO B 4  ? 0.0913 0.0805 0.1003 -0.0052 0.0066  -0.0137 860  PRO B CG  
608 C CD  . PRO B 4  ? 0.0849 0.0591 0.1021 -0.0013 0.0132  -0.0185 860  PRO B CD  
609 N N   . PRO B 5  ? 0.0989 0.0584 0.1175 -0.0196 0.0150  -0.0489 861  PRO B N   
610 C CA  . PRO B 5  ? 0.0963 0.0618 0.1313 -0.0131 0.0210  -0.0405 861  PRO B CA  
611 C C   . PRO B 5  ? 0.0825 0.0442 0.1313 -0.0080 0.0183  -0.0361 861  PRO B C   
612 O O   . PRO B 5  ? 0.1003 0.0725 0.1415 0.0136  0.0179  -0.0303 861  PRO B O   
613 C CB  . PRO B 5  ? 0.1235 0.0735 0.1455 -0.0308 0.0203  -0.0450 861  PRO B CB  
614 C CG  . PRO B 5  ? 0.1314 0.0970 0.1410 -0.0317 0.0093  -0.0447 861  PRO B CG  
615 C CD  . PRO B 5  ? 0.1040 0.0971 0.1204 -0.0280 0.0035  -0.0426 861  PRO B CD  
616 N N   . LYS B 6  ? 0.0671 0.0511 0.1324 -0.0018 0.0148  -0.0358 862  LYS B N   
617 C CA  . LYS B 6  ? 0.0799 0.0605 0.1239 -0.0104 0.0129  -0.0415 862  LYS B CA  
618 C C   . LYS B 6  ? 0.0806 0.0441 0.1113 -0.0064 0.0137  -0.0403 862  LYS B C   
619 O O   . LYS B 6  ? 0.0781 0.0454 0.1226 -0.0065 0.0130  -0.0442 862  LYS B O   
620 C CB  . LYS B 6  ? 0.1004 0.0983 0.1370 -0.0192 -0.0062 -0.0363 862  LYS B CB  
621 C CG  . LYS B 6  ? 0.1296 0.1582 0.1351 -0.0209 -0.0056 -0.0456 862  LYS B CG  
622 C CD  . LYS B 6  ? 0.1886 0.2168 0.1933 0.0073  -0.0410 -0.0280 862  LYS B CD  
623 C CE  . LYS B 6  ? 0.2358 0.2344 0.2176 0.0219  -0.0219 -0.0401 862  LYS B CE  
624 N NZ  . LYS B 6  ? 0.3368 0.3219 0.2655 0.0366  -0.0666 0.0060  862  LYS B NZ  
625 N N   . PRO B 7  ? 0.0778 0.0416 0.1115 -0.0077 0.0089  -0.0371 863  PRO B N   
626 C CA  . PRO B 7  ? 0.0822 0.0485 0.0954 -0.0138 0.0028  -0.0368 863  PRO B CA  
627 C C   . PRO B 7  ? 0.0613 0.0466 0.0928 -0.0060 0.0018  -0.0374 863  PRO B C   
628 O O   . PRO B 7  ? 0.0626 0.0494 0.1001 -0.0051 -0.0014 -0.0416 863  PRO B O   
629 C CB  . PRO B 7  ? 0.0865 0.0589 0.1039 -0.0057 0.0018  -0.0177 863  PRO B CB  
630 C CG  . PRO B 7  ? 0.0897 0.0534 0.1068 0.0043  0.0038  -0.0275 863  PRO B CG  
631 C CD  . PRO B 7  ? 0.0910 0.0399 0.1010 -0.0071 0.0067  -0.0299 863  PRO B CD  
632 N N   . PRO B 8  ? 0.0615 0.0458 0.0947 -0.0065 -0.0018 -0.0363 864  PRO B N   
633 C CA  . PRO B 8  ? 0.0640 0.0395 0.0961 0.0011  -0.0052 -0.0316 864  PRO B CA  
634 C C   . PRO B 8  ? 0.0490 0.0375 0.0939 0.0007  -0.0062 -0.0287 864  PRO B C   
635 O O   . PRO B 8  ? 0.0510 0.0372 0.0996 0.0027  -0.0074 -0.0298 864  PRO B O   
636 C CB  . PRO B 8  ? 0.0804 0.0462 0.0952 -0.0106 0.0014  -0.0365 864  PRO B CB  
637 C CG  . PRO B 8  ? 0.0753 0.0660 0.1099 -0.0116 -0.0047 -0.0258 864  PRO B CG  
638 C CD  . PRO B 8  ? 0.0769 0.0527 0.0934 -0.0114 -0.0065 -0.0362 864  PRO B CD  
639 N N   . LEU B 9  ? 0.0539 0.0386 0.0955 0.0112  -0.0078 -0.0258 865  LEU B N   
640 C CA  . LEU B 9  ? 0.0597 0.0441 0.0944 0.0031  -0.0081 -0.0321 865  LEU B CA  
641 C C   . LEU B 9  ? 0.0587 0.0388 0.0923 0.0039  -0.0101 -0.0300 865  LEU B C   
642 O O   . LEU B 9  ? 0.0531 0.0408 0.0975 0.0050  -0.0092 -0.0334 865  LEU B O   
643 C CB  . LEU B 9  ? 0.0737 0.0936 0.0959 0.0069  -0.0079 -0.0225 865  LEU B CB  
644 C CG  . LEU B 9  ? 0.0789 0.1669 0.1179 -0.0072 -0.0109 -0.0234 865  LEU B CG  
645 C CD1 . LEU B 9  ? 0.1109 0.1640 0.1327 0.0025  -0.0211 -0.0246 865  LEU B CD1 
646 C CD2 . LEU B 9  ? 0.1016 0.1619 0.1484 -0.0039 -0.0080 -0.0124 865  LEU B CD2 
647 N N   . PRO B 10 ? 0.0637 0.0371 0.1042 0.0070  -0.0073 -0.0298 866  PRO B N   
648 C CA  . PRO B 10 ? 0.0638 0.0469 0.1002 0.0062  -0.0075 -0.0290 866  PRO B CA  
649 C C   . PRO B 10 ? 0.0573 0.0469 0.0995 0.0066  -0.0082 -0.0310 866  PRO B C   
650 O O   . PRO B 10 ? 0.0577 0.0477 0.1002 0.0090  -0.0078 -0.0346 866  PRO B O   
651 C CB  . PRO B 10 ? 0.0798 0.0491 0.1103 0.0093  0.0038  -0.0297 866  PRO B CB  
652 C CG  . PRO B 10 ? 0.0911 0.0470 0.1197 0.0052  0.0077  -0.0301 866  PRO B CG  
653 C CD  . PRO B 10 ? 0.0807 0.0407 0.0902 -0.0033 0.0011  -0.0280 866  PRO B CD  
654 N N   . GLU B 11 ? 0.0567 0.0563 0.1068 0.0074  -0.0081 -0.0268 867  GLU B N   
655 C CA  . GLU B 11 ? 0.0621 0.0537 0.1053 0.0078  -0.0082 -0.0262 867  GLU B CA  
656 C C   . GLU B 11 ? 0.0581 0.0591 0.1090 0.0124  -0.0139 -0.0309 867  GLU B C   
657 O O   . GLU B 11 ? 0.0885 0.0612 0.1212 0.0161  -0.0189 -0.0399 867  GLU B O   
658 C CB  . GLU B 11 ? 0.0608 0.0530 0.0995 0.0076  -0.0057 -0.0199 867  GLU B CB  
659 C CG  . GLU B 11 ? 0.0654 0.0589 0.0963 0.0000  -0.0084 -0.0178 867  GLU B CG  
660 C CD  . GLU B 11 ? 0.0677 0.0544 0.0974 -0.0025 -0.0148 -0.0271 867  GLU B CD  
661 O OE1 . GLU B 11 ? 0.0715 0.0638 0.1002 0.0016  -0.0155 -0.0210 867  GLU B OE1 
662 O OE2 . GLU B 11 ? 0.0775 0.0663 0.1062 -0.0029 -0.0067 -0.0296 867  GLU B OE2 
663 O OXT . GLU B 11 ? 0.0790 0.0735 0.1056 0.0111  -0.0131 -0.0296 867  GLU B OXT 
664 O O   . HOH C .  ? 0.1885 0.1179 0.2521 -0.0138 0.0426  -0.0296 1001 HOH A O   
665 O O   . HOH C .  ? 0.0438 0.0608 0.0858 0.0236  -0.0309 -0.0463 1002 HOH A O   
666 O O   . HOH C .  ? 0.1145 0.1032 0.1501 -0.0023 -0.0203 -0.0458 1003 HOH A O   
667 O O   . HOH C .  ? 0.0994 0.0711 0.1106 0.0246  -0.0192 -0.0457 1004 HOH A O   
668 O O   . HOH C .  ? 0.0966 0.4303 0.1740 0.0487  -0.0351 -0.0202 1005 HOH A O   
669 O O   . HOH C .  ? 0.1556 0.0958 0.2627 0.0051  -0.1181 -0.0482 1006 HOH A O   
670 O O   . HOH C .  ? 0.0782 0.0866 0.1385 0.0037  0.0031  -0.0633 1007 HOH A O   
671 O O   . HOH C .  ? 0.1624 0.0695 0.2068 0.0217  -0.1056 -0.0373 1008 HOH A O   
672 O O   . HOH C .  ? 0.0703 0.1554 0.1254 0.0105  -0.0046 -0.0845 1009 HOH A O   
673 O O   . HOH C .  ? 0.2315 0.1399 0.3634 -0.0203 -0.0355 -0.1104 1010 HOH A O   
674 O O   . HOH C .  ? 0.0775 0.0942 0.1239 0.0029  -0.0165 -0.0231 1011 HOH A O   
675 O O   . HOH C .  ? 0.1810 0.0525 0.1342 -0.0011 0.0483  -0.0370 1012 HOH A O   
676 O O   . HOH C .  ? 0.1230 0.1474 0.1604 -0.0376 -0.0814 0.0159  1013 HOH A O   
677 O O   . HOH C .  ? 0.0839 0.0869 0.1944 0.0023  -0.0391 -0.0265 1014 HOH A O   
678 O O   . HOH C .  ? 0.0993 0.1077 0.1458 -0.0290 -0.0375 -0.0444 1015 HOH A O   
679 O O   . HOH C .  ? 0.1005 0.1099 0.1378 0.0046  -0.0326 -0.0536 1016 HOH A O   
680 O O   . HOH C .  ? 0.1097 0.1387 0.1554 -0.0304 -0.0080 -0.0852 1017 HOH A O   
681 O O   . HOH C .  ? 0.2110 0.1405 0.1554 -0.0136 -0.0466 -0.0846 1018 HOH A O   
682 O O   . HOH C .  ? 0.0731 0.0619 0.1723 0.0136  -0.0340 -0.0619 1019 HOH A O   
683 O O   . HOH C .  ? 0.2617 0.1466 0.2403 -0.0430 -0.1401 -0.0093 1020 HOH A O   
684 O O   . HOH C .  ? 0.0697 0.0759 0.1136 0.0019  -0.0074 -0.0247 1021 HOH A O   
685 O O   . HOH C .  ? 0.1086 0.1981 0.3156 0.0636  -0.0463 -0.1041 1022 HOH A O   
686 O O   . HOH C .  ? 0.2602 0.0905 0.2008 -0.0160 -0.0183 0.0185  1023 HOH A O   
687 O O   . HOH C .  ? 0.0928 0.0939 0.1441 -0.0073 -0.0392 -0.0380 1024 HOH A O   
688 O O   . HOH C .  ? 0.1781 0.1837 0.2721 0.0243  -0.0618 -0.0143 1025 HOH A O   
689 O O   . HOH C .  ? 0.2160 0.1282 0.2132 0.0442  -0.0572 -0.0963 1026 HOH A O   
690 O O   . HOH C .  ? 0.1054 0.1019 0.1448 -0.0163 -0.0310 -0.0224 1027 HOH A O   
691 O O   . HOH C .  ? 0.0964 0.1319 0.1944 -0.0267 -0.0298 -0.0687 1028 HOH A O   
692 O O   . HOH C .  ? 0.4369 0.1094 0.2493 0.0133  -0.0499 -0.0563 1029 HOH A O   
693 O O   . HOH C .  ? 0.2872 0.1192 0.2174 0.0009  -0.0998 -0.0288 1030 HOH A O   
694 O O   . HOH C .  ? 0.2415 0.1384 0.2256 0.0591  -0.0230 -0.0622 1031 HOH A O   
695 O O   . HOH C .  ? 0.1933 0.1510 0.2954 -0.0074 -0.0231 -0.0077 1032 HOH A O   
696 O O   . HOH C .  ? 0.3335 0.2153 0.3341 0.0693  -0.1533 -0.1165 1033 HOH A O   
697 O O   . HOH C .  ? 0.0895 0.1329 0.3066 0.0302  -0.0338 -0.1469 1034 HOH A O   
698 O O   . HOH C .  ? 0.1735 0.1431 0.4938 0.0250  -0.0802 -0.1677 1035 HOH A O   
699 O O   . HOH C .  ? 0.1378 0.1594 0.1598 0.0627  -0.0447 -0.0664 1036 HOH A O   
700 O O   . HOH C .  ? 0.2804 0.2854 0.2571 0.0902  0.0509  -0.0667 1037 HOH A O   
701 O O   . HOH C .  ? 0.1292 0.1553 0.2300 0.0031  0.0083  -0.0068 1038 HOH A O   
702 O O   . HOH C .  ? 0.2292 0.1951 0.2424 -0.0264 0.0707  -0.0570 1039 HOH A O   
703 O O   . HOH C .  ? 0.1852 0.2856 0.2578 0.0828  -0.0270 -0.1367 1040 HOH A O   
704 O O   . HOH C .  ? 0.2154 0.3217 0.4979 0.0770  -0.0905 -0.0827 1041 HOH A O   
705 O O   . HOH C .  ? 0.5928 0.4020 0.4811 -0.0753 0.1591  -0.0951 1042 HOH A O   
706 O O   . HOH C .  ? 0.1753 0.1153 0.2662 0.0089  -0.0926 0.0123  1043 HOH A O   
707 O O   . HOH C .  ? 0.2273 0.1763 0.4223 0.0486  -0.1594 -0.1009 1044 HOH A O   
708 O O   . HOH C .  ? 0.3671 0.1321 0.2160 -0.0089 -0.0736 -0.0450 1045 HOH A O   
709 O O   . HOH C .  ? 0.2084 0.2300 0.2656 0.0929  -0.0430 -0.0748 1046 HOH A O   
710 O O   . HOH C .  ? 0.0959 0.1844 0.4226 -0.0396 0.0150  -0.1746 1047 HOH A O   
711 O O   . HOH C .  ? 0.4527 0.3046 0.7869 0.0900  -0.2433 -0.0736 1048 HOH A O   
712 O O   . HOH C .  ? 0.1695 0.2934 0.3691 0.0779  -0.0720 -0.1989 1049 HOH A O   
713 O O   . HOH C .  ? 0.2134 0.3818 0.2124 -0.0342 -0.0504 0.0175  1050 HOH A O   
714 O O   . HOH C .  ? 0.3374 0.2969 0.3070 0.1320  -0.0787 -0.0956 1051 HOH A O   
715 O O   . HOH C .  ? 0.2017 0.1375 0.2291 0.0059  0.0031  -0.0160 1052 HOH A O   
716 O O   . HOH C .  ? 0.4292 0.2448 0.1372 -0.0328 -0.0581 -0.0307 1053 HOH A O   
717 O O   . HOH C .  ? 0.4450 0.1595 0.2709 0.0479  -0.0245 0.0311  1054 HOH A O   
718 O O   . HOH C .  ? 0.1810 0.2704 0.3902 0.0145  -0.0636 -0.0835 1055 HOH A O   
719 O O   . HOH C .  ? 0.2382 0.1335 0.3385 0.0131  -0.0066 -0.0265 1056 HOH A O   
720 O O   . HOH C .  ? 0.3310 0.1976 0.3415 -0.0261 -0.1322 -0.0105 1057 HOH A O   
721 O O   . HOH C .  ? 0.2092 0.2572 0.2427 -0.0011 -0.0392 -0.0038 1058 HOH A O   
722 O O   . HOH C .  ? 0.2127 0.2419 0.4451 0.0403  -0.0137 -0.1246 1059 HOH A O   
723 O O   . HOH C .  ? 0.5037 0.5053 0.4440 0.3172  -0.1138 -0.1164 1060 HOH A O   
724 O O   . HOH C .  ? 0.2028 0.2737 0.4570 -0.0147 -0.0538 0.0414  1061 HOH A O   
725 O O   . HOH C .  ? 0.2012 0.2983 0.6023 -0.0283 0.1045  -0.0646 1062 HOH A O   
726 O O   . HOH C .  ? 0.2994 0.2050 0.3600 -0.0580 0.0136  -0.1176 1063 HOH A O   
727 O O   . HOH C .  ? 0.4151 0.4212 0.3463 0.0288  -0.0512 0.0055  1064 HOH A O   
728 O O   . HOH C .  ? 0.0905 0.1123 0.1277 -0.0180 -0.0371 -0.0461 1065 HOH A O   
729 O O   . HOH C .  ? 0.1035 0.0815 0.1776 0.0250  -0.0328 -0.0541 1066 HOH A O   
730 O O   . HOH C .  ? 0.2153 0.2445 0.2419 -0.1186 -0.0356 0.0748  1067 HOH A O   
731 O O   . HOH C .  ? 0.0899 0.1108 0.1553 0.0139  -0.0073 -0.0317 1068 HOH A O   
732 O O   . HOH C .  ? 0.2264 0.3399 0.2933 -0.0147 -0.0309 0.0391  1069 HOH A O   
733 O O   . HOH C .  ? 0.2182 0.3815 0.4171 0.0763  -0.0537 -0.0395 1070 HOH A O   
734 O O   . HOH C .  ? 0.8335 0.9775 0.6148 -0.4242 -0.1280 0.4808  1071 HOH A O   
735 O O   . HOH C .  ? 0.2005 0.1698 0.1944 -0.0034 0.0021  -0.0181 1072 HOH A O   
736 O O   . HOH C .  ? 0.3100 0.1477 0.2439 -0.0197 -0.0363 -0.0428 1073 HOH A O   
737 O O   . HOH C .  ? 0.1754 0.4595 0.2872 0.0349  -0.0441 0.0135  1074 HOH A O   
738 O O   . HOH C .  ? 0.5131 0.1863 0.3027 0.0609  0.1998  0.0120  1075 HOH A O   
739 O O   . HOH C .  ? 0.2864 0.3660 0.3316 0.0728  -0.0589 -0.0089 1076 HOH A O   
740 O O   . HOH C .  ? 0.2521 0.2396 0.7541 0.0778  -0.2162 -0.2672 1077 HOH A O   
741 O O   . HOH C .  ? 0.3229 0.3349 0.4008 0.0027  -0.1676 0.0623  1078 HOH A O   
742 O O   . HOH C .  ? 0.2596 0.6284 0.5826 -0.0712 -0.1259 -0.0106 1079 HOH A O   
743 O O   . HOH C .  ? 0.7161 0.4989 0.2770 0.1362  0.0122  0.0309  1080 HOH A O   
744 O O   . HOH C .  ? 0.3344 0.3428 0.5281 0.0046  -0.0175 0.0241  1081 HOH A O   
745 O O   . HOH C .  ? 0.3165 0.3524 0.2993 0.0087  0.0578  -0.0638 1082 HOH A O   
746 O O   . HOH C .  ? 0.4072 0.5078 0.2348 0.1816  -0.0365 -0.0116 1083 HOH A O   
747 O O   . HOH C .  ? 0.2773 1.7623 0.8497 -0.0803 -0.0203 0.5275  1084 HOH A O   
748 O O   . HOH C .  ? 0.1234 0.1231 0.1960 0.0230  0.0124  -0.0084 1085 HOH A O   
749 O O   . HOH C .  ? 0.1943 0.1451 0.2664 -0.0110 -0.0593 -0.0538 1086 HOH A O   
750 O O   . HOH C .  ? 0.1236 0.1201 0.1823 0.0095  0.0138  -0.0244 1087 HOH A O   
751 O O   . HOH C .  ? 0.0956 0.0896 0.1603 0.0245  0.0149  -0.0517 1088 HOH A O   
752 O O   . HOH C .  ? 0.3302 0.3935 0.5892 0.1382  0.0184  -0.0461 1089 HOH A O   
753 O O   . HOH C .  ? 0.2457 0.2671 0.2102 0.0522  -0.0853 -0.0544 1090 HOH A O   
754 O O   . HOH C .  ? 0.4583 0.2351 0.3253 -0.0343 -0.1581 -0.0625 1091 HOH A O   
755 O O   . HOH C .  ? 0.4149 0.5206 0.3797 -0.0787 -0.0409 -0.0857 1092 HOH A O   
756 O O   . HOH C .  ? 0.5698 0.3550 0.2735 -0.0700 0.0987  -0.0825 1093 HOH A O   
757 O O   . HOH C .  ? 0.5204 0.5352 0.4830 0.1184  -0.1997 -0.2227 1094 HOH A O   
758 O O   . HOH C .  ? 0.1083 0.0817 0.1794 -0.0033 -0.0241 -0.0310 1095 HOH A O   
759 O O   . HOH C .  ? 0.2390 0.2164 0.2057 0.0173  0.0240  -0.0384 1096 HOH A O   
760 O O   . HOH C .  ? 0.1469 0.1405 0.3970 0.0086  0.0128  0.0487  1097 HOH A O   
761 O O   . HOH C .  ? 0.3729 0.2279 0.4848 0.0422  0.0106  -0.0593 1098 HOH A O   
762 O O   . HOH C .  ? 0.3738 0.7149 0.9123 0.0223  -0.2490 -0.3017 1099 HOH A O   
763 O O   . HOH C .  ? 0.3135 0.4267 0.5754 -0.0548 0.1155  -0.0680 1100 HOH A O   
764 O O   . HOH C .  ? 0.3128 0.3090 0.3117 0.1320  -0.0509 -0.0949 1101 HOH A O   
765 O O   . HOH C .  ? 0.2086 0.8587 0.5887 -0.0270 0.0493  0.5068  1102 HOH A O   
766 O O   . HOH C .  ? 0.2393 0.4251 0.4137 0.0977  -0.0600 0.1355  1103 HOH A O   
767 O O   . HOH C .  ? 1.3441 0.3719 0.2208 -0.3333 0.2335  -0.0318 1104 HOH A O   
768 O O   . HOH C .  ? 0.4740 0.3257 0.4041 -0.0007 0.1534  -0.1367 1105 HOH A O   
769 O O   . HOH C .  ? 0.2501 0.4408 0.5489 -0.1157 -0.1426 0.2342  1106 HOH A O   
770 O O   . HOH D .  ? 0.0749 0.0768 0.1300 0.0048  -0.0129 -0.0352 901  HOH B O   
771 O O   . HOH D .  ? 0.0820 0.0634 0.1246 0.0036  -0.0067 -0.0418 902  HOH B O   
772 O O   . HOH D .  ? 0.0926 0.0582 0.1515 0.0069  0.0034  -0.0503 903  HOH B O   
773 O O   . HOH D .  ? 0.0990 0.1039 0.1941 0.0041  0.0079  -0.0026 904  HOH B O   
774 O O   . HOH D .  ? 0.1413 0.1508 0.5069 0.0627  0.0625  0.1614  905  HOH B O   
775 O O   . HOH D .  ? 0.1786 0.1489 0.1683 0.0283  -0.0175 -0.0451 906  HOH B O   
776 O O   . HOH D .  ? 0.1796 0.1191 0.1963 0.0453  0.0572  -0.0013 907  HOH B O   
777 O O   . HOH D .  ? 0.1384 0.0953 0.1052 0.0255  -0.0142 -0.0259 908  HOH B O   
778 O O   . HOH D .  ? 0.1945 0.1293 0.2080 0.0771  -0.0009 -0.0174 909  HOH B O   
779 O O   . HOH D .  ? 0.1945 0.1237 0.3660 0.0343  -0.0416 0.0016  910  HOH B O   
780 O O   . HOH D .  ? 0.1827 0.2542 0.2893 0.0269  0.0382  0.0014  911  HOH B O   
781 O O   . HOH D .  ? 0.3165 0.2051 0.4660 0.0697  -0.1168 0.0436  912  HOH B O   
782 O O   . HOH D .  ? 0.4390 0.3610 0.2733 -0.0977 0.1724  -0.0858 913  HOH B O   
783 O O   . HOH D .  ? 0.1346 0.1487 0.2013 0.0155  -0.0456 -0.0048 914  HOH B O   
784 O O   . HOH D .  ? 0.1794 0.2318 0.2932 -0.0137 -0.0115 -0.0302 915  HOH B O   
# 
loop_
_pdbx_poly_seq_scheme.asym_id 
_pdbx_poly_seq_scheme.entity_id 
_pdbx_poly_seq_scheme.seq_id 
_pdbx_poly_seq_scheme.mon_id 
_pdbx_poly_seq_scheme.ndb_seq_num 
_pdbx_poly_seq_scheme.pdb_seq_num 
_pdbx_poly_seq_scheme.auth_seq_num 
_pdbx_poly_seq_scheme.pdb_mon_id 
_pdbx_poly_seq_scheme.auth_mon_id 
_pdbx_poly_seq_scheme.pdb_strand_id 
_pdbx_poly_seq_scheme.pdb_ins_code 
_pdbx_poly_seq_scheme.hetero 
A 1 1  GLN 1  863 ?   ?   ?   A . n 
A 1 2  HIS 2  864 ?   ?   ?   A . n 
A 1 3  MET 3  865 865 MET MET A . n 
A 1 4  VAL 4  866 866 VAL VAL A . n 
A 1 5  LEU 5  867 867 LEU LEU A . n 
A 1 6  GLU 6  868 868 GLU GLU A . n 
A 1 7  TYR 7  869 869 TYR TYR A . n 
A 1 8  GLY 8  870 870 GLY GLY A . n 
A 1 9  GLU 9  871 871 GLU GLU A . n 
A 1 10 ALA 10 872 872 ALA ALA A . n 
A 1 11 ILE 11 873 873 ILE ILE A . n 
A 1 12 ALA 12 874 874 ALA ALA A . n 
A 1 13 LYS 13 875 875 LYS LYS A . n 
A 1 14 PHE 14 876 876 PHE PHE A . n 
A 1 15 ASN 15 877 877 ASN ASN A . n 
A 1 16 PHE 16 878 878 PHE PHE A . n 
A 1 17 ASN 17 879 879 ASN ASN A . n 
A 1 18 GLY 18 880 880 GLY GLY A . n 
A 1 19 ASP 19 881 881 ASP ASP A . n 
A 1 20 THR 20 882 882 THR THR A . n 
A 1 21 GLN 21 883 883 GLN GLN A . n 
A 1 22 VAL 22 884 884 VAL VAL A . n 
A 1 23 GLU 23 885 885 GLU GLU A . n 
A 1 24 MET 24 886 886 MET MET A . n 
A 1 25 SER 25 887 887 SER SER A . n 
A 1 26 PHE 26 888 888 PHE PHE A . n 
A 1 27 ARG 27 889 889 ARG ARG A . n 
A 1 28 LYS 28 890 890 LYS LYS A . n 
A 1 29 GLY 29 891 891 GLY GLY A . n 
A 1 30 GLU 30 892 892 GLU GLU A . n 
A 1 31 ARG 31 893 893 ARG ARG A . n 
A 1 32 ILE 32 894 894 ILE ILE A . n 
A 1 33 THR 33 895 895 THR THR A . n 
A 1 34 LEU 34 896 896 LEU LEU A . n 
A 1 35 LEU 35 897 897 LEU LEU A . n 
A 1 36 ARG 36 898 898 ARG ARG A . n 
A 1 37 GLN 37 899 899 GLN GLN A . n 
A 1 38 VAL 38 900 900 VAL VAL A . n 
A 1 39 ASP 39 901 901 ASP ASP A . n 
A 1 40 GLU 40 902 902 GLU GLU A . n 
A 1 41 ASN 41 903 903 ASN ASN A . n 
A 1 42 TRP 42 904 904 TRP TRP A . n 
A 1 43 TYR 43 905 905 TYR TYR A . n 
A 1 44 GLU 44 906 906 GLU GLU A . n 
A 1 45 GLY 45 907 907 GLY GLY A . n 
A 1 46 ARG 46 908 908 ARG ARG A . n 
A 1 47 ILE 47 909 909 ILE ILE A . n 
A 1 48 PRO 48 910 910 PRO PRO A . n 
A 1 49 GLY 49 911 911 GLY GLY A . n 
A 1 50 THR 50 912 912 THR THR A . n 
A 1 51 SER 51 913 913 SER SER A . n 
A 1 52 ARG 52 914 914 ARG ARG A . n 
A 1 53 GLN 53 915 915 GLN GLN A . n 
A 1 54 GLY 54 916 916 GLY GLY A . n 
A 1 55 ILE 55 917 917 ILE ILE A . n 
A 1 56 PHE 56 918 918 PHE PHE A . n 
A 1 57 PRO 57 919 919 PRO PRO A . n 
A 1 58 ILE 58 920 920 ILE ILE A . n 
A 1 59 THR 59 921 921 THR THR A . n 
A 1 60 TYR 60 922 922 TYR TYR A . n 
A 1 61 VAL 61 923 923 VAL VAL A . n 
A 1 62 ASP 62 924 924 ASP ASP A . n 
A 1 63 VAL 63 925 925 VAL VAL A . n 
A 1 64 ILE 64 926 926 ILE ILE A . n 
A 1 65 LYS 65 927 927 LYS LYS A . n 
A 1 66 ARG 66 928 928 ARG ARG A . n 
A 1 67 PRO 67 929 929 PRO PRO A . n 
A 1 68 LEU 68 930 930 LEU LEU A . n 
B 2 1  GLU 1  857 ?   ?   ?   B . n 
B 2 2  LEU 2  858 858 LEU LEU B . n 
B 2 3  ALA 3  859 859 ALA ALA B . n 
B 2 4  PRO 4  860 860 PRO PRO B . n 
B 2 5  PRO 5  861 861 PRO PRO B . n 
B 2 6  LYS 6  862 862 LYS LYS B . n 
B 2 7  PRO 7  863 863 PRO PRO B . n 
B 2 8  PRO 8  864 864 PRO PRO B . n 
B 2 9  LEU 9  865 865 LEU LEU B . n 
B 2 10 PRO 10 866 866 PRO PRO B . n 
B 2 11 GLU 11 867 867 GLU GLU B . n 
# 
loop_
_pdbx_nonpoly_scheme.asym_id 
_pdbx_nonpoly_scheme.entity_id 
_pdbx_nonpoly_scheme.mon_id 
_pdbx_nonpoly_scheme.ndb_seq_num 
_pdbx_nonpoly_scheme.pdb_seq_num 
_pdbx_nonpoly_scheme.auth_seq_num 
_pdbx_nonpoly_scheme.pdb_mon_id 
_pdbx_nonpoly_scheme.auth_mon_id 
_pdbx_nonpoly_scheme.pdb_strand_id 
_pdbx_nonpoly_scheme.pdb_ins_code 
C 3 HOH 1   1001 1   HOH HOH A . 
C 3 HOH 2   1002 2   HOH HOH A . 
C 3 HOH 3   1003 3   HOH HOH A . 
C 3 HOH 4   1004 4   HOH HOH A . 
C 3 HOH 5   1005 5   HOH HOH A . 
C 3 HOH 6   1006 6   HOH HOH A . 
C 3 HOH 7   1007 7   HOH HOH A . 
C 3 HOH 8   1008 8   HOH HOH A . 
C 3 HOH 9   1009 10  HOH HOH A . 
C 3 HOH 10  1010 11  HOH HOH A . 
C 3 HOH 11  1011 13  HOH HOH A . 
C 3 HOH 12  1012 14  HOH HOH A . 
C 3 HOH 13  1013 15  HOH HOH A . 
C 3 HOH 14  1014 16  HOH HOH A . 
C 3 HOH 15  1015 17  HOH HOH A . 
C 3 HOH 16  1016 18  HOH HOH A . 
C 3 HOH 17  1017 20  HOH HOH A . 
C 3 HOH 18  1018 21  HOH HOH A . 
C 3 HOH 19  1019 23  HOH HOH A . 
C 3 HOH 20  1020 24  HOH HOH A . 
C 3 HOH 21  1021 25  HOH HOH A . 
C 3 HOH 22  1022 26  HOH HOH A . 
C 3 HOH 23  1023 28  HOH HOH A . 
C 3 HOH 24  1024 29  HOH HOH A . 
C 3 HOH 25  1025 31  HOH HOH A . 
C 3 HOH 26  1026 32  HOH HOH A . 
C 3 HOH 27  1027 34  HOH HOH A . 
C 3 HOH 28  1028 36  HOH HOH A . 
C 3 HOH 29  1029 37  HOH HOH A . 
C 3 HOH 30  1030 38  HOH HOH A . 
C 3 HOH 31  1031 39  HOH HOH A . 
C 3 HOH 32  1032 40  HOH HOH A . 
C 3 HOH 33  1033 41  HOH HOH A . 
C 3 HOH 34  1034 43  HOH HOH A . 
C 3 HOH 35  1035 44  HOH HOH A . 
C 3 HOH 36  1036 45  HOH HOH A . 
C 3 HOH 37  1037 46  HOH HOH A . 
C 3 HOH 38  1038 47  HOH HOH A . 
C 3 HOH 39  1039 48  HOH HOH A . 
C 3 HOH 40  1040 49  HOH HOH A . 
C 3 HOH 41  1041 50  HOH HOH A . 
C 3 HOH 42  1042 51  HOH HOH A . 
C 3 HOH 43  1043 52  HOH HOH A . 
C 3 HOH 44  1044 53  HOH HOH A . 
C 3 HOH 45  1045 54  HOH HOH A . 
C 3 HOH 46  1046 55  HOH HOH A . 
C 3 HOH 47  1047 56  HOH HOH A . 
C 3 HOH 48  1048 57  HOH HOH A . 
C 3 HOH 49  1049 58  HOH HOH A . 
C 3 HOH 50  1050 60  HOH HOH A . 
C 3 HOH 51  1051 61  HOH HOH A . 
C 3 HOH 52  1052 62  HOH HOH A . 
C 3 HOH 53  1053 64  HOH HOH A . 
C 3 HOH 54  1054 65  HOH HOH A . 
C 3 HOH 55  1055 66  HOH HOH A . 
C 3 HOH 56  1056 67  HOH HOH A . 
C 3 HOH 57  1057 68  HOH HOH A . 
C 3 HOH 58  1058 70  HOH HOH A . 
C 3 HOH 59  1059 71  HOH HOH A . 
C 3 HOH 60  1060 72  HOH HOH A . 
C 3 HOH 61  1061 73  HOH HOH A . 
C 3 HOH 62  1062 74  HOH HOH A . 
C 3 HOH 63  1063 75  HOH HOH A . 
C 3 HOH 64  1064 76  HOH HOH A . 
C 3 HOH 65  1065 77  HOH HOH A . 
C 3 HOH 66  1066 78  HOH HOH A . 
C 3 HOH 67  1067 79  HOH HOH A . 
C 3 HOH 68  1068 80  HOH HOH A . 
C 3 HOH 69  1069 81  HOH HOH A . 
C 3 HOH 70  1070 82  HOH HOH A . 
C 3 HOH 71  1071 84  HOH HOH A . 
C 3 HOH 72  1072 85  HOH HOH A . 
C 3 HOH 73  1073 86  HOH HOH A . 
C 3 HOH 74  1074 87  HOH HOH A . 
C 3 HOH 75  1075 88  HOH HOH A . 
C 3 HOH 76  1076 89  HOH HOH A . 
C 3 HOH 77  1077 90  HOH HOH A . 
C 3 HOH 78  1078 91  HOH HOH A . 
C 3 HOH 79  1079 92  HOH HOH A . 
C 3 HOH 80  1080 93  HOH HOH A . 
C 3 HOH 81  1081 94  HOH HOH A . 
C 3 HOH 82  1082 95  HOH HOH A . 
C 3 HOH 83  1083 96  HOH HOH A . 
C 3 HOH 84  1084 97  HOH HOH A . 
C 3 HOH 85  1085 98  HOH HOH A . 
C 3 HOH 86  1086 99  HOH HOH A . 
C 3 HOH 87  1087 100 HOH HOH A . 
C 3 HOH 88  1088 101 HOH HOH A . 
C 3 HOH 89  1089 102 HOH HOH A . 
C 3 HOH 90  1090 103 HOH HOH A . 
C 3 HOH 91  1091 104 HOH HOH A . 
C 3 HOH 92  1092 105 HOH HOH A . 
C 3 HOH 93  1093 106 HOH HOH A . 
C 3 HOH 94  1094 108 HOH HOH A . 
C 3 HOH 95  1095 109 HOH HOH A . 
C 3 HOH 96  1096 111 HOH HOH A . 
C 3 HOH 97  1097 112 HOH HOH A . 
C 3 HOH 98  1098 114 HOH HOH A . 
C 3 HOH 99  1099 116 HOH HOH A . 
C 3 HOH 100 1100 117 HOH HOH A . 
C 3 HOH 101 1101 118 HOH HOH A . 
C 3 HOH 102 1102 119 HOH HOH A . 
C 3 HOH 103 1103 120 HOH HOH A . 
C 3 HOH 104 1104 121 HOH HOH A . 
C 3 HOH 105 1105 122 HOH HOH A . 
C 3 HOH 106 1106 123 HOH HOH A . 
D 3 HOH 1   901  9   HOH HOH B . 
D 3 HOH 2   902  12  HOH HOH B . 
D 3 HOH 3   903  19  HOH HOH B . 
D 3 HOH 4   904  22  HOH HOH B . 
D 3 HOH 5   905  27  HOH HOH B . 
D 3 HOH 6   906  30  HOH HOH B . 
D 3 HOH 7   907  33  HOH HOH B . 
D 3 HOH 8   908  35  HOH HOH B . 
D 3 HOH 9   909  42  HOH HOH B . 
D 3 HOH 10  910  59  HOH HOH B . 
D 3 HOH 11  911  63  HOH HOH B . 
D 3 HOH 12  912  69  HOH HOH B . 
D 3 HOH 13  913  83  HOH HOH B . 
D 3 HOH 14  914  110 HOH HOH B . 
D 3 HOH 15  915  115 HOH HOH B . 
# 
_pdbx_struct_assembly.id                   1 
_pdbx_struct_assembly.details              author_and_software_defined_assembly 
_pdbx_struct_assembly.method_details       PISA 
_pdbx_struct_assembly.oligomeric_details   dimeric 
_pdbx_struct_assembly.oligomeric_count     2 
# 
_pdbx_struct_assembly_gen.assembly_id       1 
_pdbx_struct_assembly_gen.oper_expression   1 
_pdbx_struct_assembly_gen.asym_id_list      A,B,C,D 
# 
loop_
_pdbx_struct_assembly_prop.biol_id 
_pdbx_struct_assembly_prop.type 
_pdbx_struct_assembly_prop.value 
_pdbx_struct_assembly_prop.details 
1 'ABSA (A^2)' 840  ? 
1 MORE         -7   ? 
1 'SSA (A^2)'  4940 ? 
# 
_pdbx_struct_oper_list.id                   1 
_pdbx_struct_oper_list.type                 'identity operation' 
_pdbx_struct_oper_list.name                 1_555 
_pdbx_struct_oper_list.symmetry_operation   x,y,z 
_pdbx_struct_oper_list.matrix[1][1]         1.0000000000 
_pdbx_struct_oper_list.matrix[1][2]         0.0000000000 
_pdbx_struct_oper_list.matrix[1][3]         0.0000000000 
_pdbx_struct_oper_list.vector[1]            0.0000000000 
_pdbx_struct_oper_list.matrix[2][1]         0.0000000000 
_pdbx_struct_oper_list.matrix[2][2]         1.0000000000 
_pdbx_struct_oper_list.matrix[2][3]         0.0000000000 
_pdbx_struct_oper_list.vector[2]            0.0000000000 
_pdbx_struct_oper_list.matrix[3][1]         0.0000000000 
_pdbx_struct_oper_list.matrix[3][2]         0.0000000000 
_pdbx_struct_oper_list.matrix[3][3]         1.0000000000 
_pdbx_struct_oper_list.vector[3]            0.0000000000 
# 
loop_
_pdbx_audit_revision_history.ordinal 
_pdbx_audit_revision_history.data_content_type 
_pdbx_audit_revision_history.major_revision 
_pdbx_audit_revision_history.minor_revision 
_pdbx_audit_revision_history.revision_date 
1 'Structure model' 1 0 2014-05-28 
2 'Structure model' 1 1 2014-06-04 
3 'Structure model' 1 2 2014-12-10 
4 'Structure model' 1 3 2023-11-08 
# 
_pdbx_audit_revision_details.ordinal             1 
_pdbx_audit_revision_details.revision_ordinal    1 
_pdbx_audit_revision_details.data_content_type   'Structure model' 
_pdbx_audit_revision_details.provider            repository 
_pdbx_audit_revision_details.type                'Initial release' 
_pdbx_audit_revision_details.description         ? 
_pdbx_audit_revision_details.details             ? 
# 
loop_
_pdbx_audit_revision_group.ordinal 
_pdbx_audit_revision_group.revision_ordinal 
_pdbx_audit_revision_group.data_content_type 
_pdbx_audit_revision_group.group 
1 2 'Structure model' 'Derived calculations'   
2 3 'Structure model' 'Database references'    
3 4 'Structure model' 'Data collection'        
4 4 'Structure model' 'Database references'    
5 4 'Structure model' 'Refinement description' 
# 
loop_
_pdbx_audit_revision_category.ordinal 
_pdbx_audit_revision_category.revision_ordinal 
_pdbx_audit_revision_category.data_content_type 
_pdbx_audit_revision_category.category 
1 4 'Structure model' chem_comp_atom                
2 4 'Structure model' chem_comp_bond                
3 4 'Structure model' database_2                    
4 4 'Structure model' pdbx_initial_refinement_model 
5 4 'Structure model' struct_ref_seq_dif            
# 
loop_
_pdbx_audit_revision_item.ordinal 
_pdbx_audit_revision_item.revision_ordinal 
_pdbx_audit_revision_item.data_content_type 
_pdbx_audit_revision_item.item 
1 4 'Structure model' '_database_2.pdbx_DOI'                
2 4 'Structure model' '_database_2.pdbx_database_accession' 
3 4 'Structure model' '_struct_ref_seq_dif.details'         
# 
loop_
_software.name 
_software.classification 
_software.version 
_software.citation_id 
_software.pdbx_ordinal 
PHASES phasing          .        ? 1 
REFMAC refinement       5.7.0032 ? 2 
MOSFLM 'data reduction' .        ? 3 
SCALA  'data scaling'   .        ? 4 
# 
loop_
_pdbx_unobs_or_zero_occ_atoms.id 
_pdbx_unobs_or_zero_occ_atoms.PDB_model_num 
_pdbx_unobs_or_zero_occ_atoms.polymer_flag 
_pdbx_unobs_or_zero_occ_atoms.occupancy_flag 
_pdbx_unobs_or_zero_occ_atoms.auth_asym_id 
_pdbx_unobs_or_zero_occ_atoms.auth_comp_id 
_pdbx_unobs_or_zero_occ_atoms.auth_seq_id 
_pdbx_unobs_or_zero_occ_atoms.PDB_ins_code 
_pdbx_unobs_or_zero_occ_atoms.auth_atom_id 
_pdbx_unobs_or_zero_occ_atoms.label_alt_id 
_pdbx_unobs_or_zero_occ_atoms.label_asym_id 
_pdbx_unobs_or_zero_occ_atoms.label_comp_id 
_pdbx_unobs_or_zero_occ_atoms.label_seq_id 
_pdbx_unobs_or_zero_occ_atoms.label_atom_id 
1 1 Y 1 A MET 865 ? CG ? A MET 3 CG 
2 1 Y 1 A MET 865 ? SD ? A MET 3 SD 
3 1 Y 1 A MET 865 ? CE ? A MET 3 CE 
# 
loop_
_pdbx_unobs_or_zero_occ_residues.id 
_pdbx_unobs_or_zero_occ_residues.PDB_model_num 
_pdbx_unobs_or_zero_occ_residues.polymer_flag 
_pdbx_unobs_or_zero_occ_residues.occupancy_flag 
_pdbx_unobs_or_zero_occ_residues.auth_asym_id 
_pdbx_unobs_or_zero_occ_residues.auth_comp_id 
_pdbx_unobs_or_zero_occ_residues.auth_seq_id 
_pdbx_unobs_or_zero_occ_residues.PDB_ins_code 
_pdbx_unobs_or_zero_occ_residues.label_asym_id 
_pdbx_unobs_or_zero_occ_residues.label_comp_id 
_pdbx_unobs_or_zero_occ_residues.label_seq_id 
1 1 Y 1 A GLN 863 ? A GLN 1 
2 1 Y 1 A HIS 864 ? A HIS 2 
3 1 Y 1 B GLU 857 ? B GLU 1 
# 
loop_
_chem_comp_atom.comp_id 
_chem_comp_atom.atom_id 
_chem_comp_atom.type_symbol 
_chem_comp_atom.pdbx_aromatic_flag 
_chem_comp_atom.pdbx_stereo_config 
_chem_comp_atom.pdbx_ordinal 
ALA N    N N N 1   
ALA CA   C N S 2   
ALA C    C N N 3   
ALA O    O N N 4   
ALA CB   C N N 5   
ALA OXT  O N N 6   
ALA H    H N N 7   
ALA H2   H N N 8   
ALA HA   H N N 9   
ALA HB1  H N N 10  
ALA HB2  H N N 11  
ALA HB3  H N N 12  
ALA HXT  H N N 13  
ARG N    N N N 14  
ARG CA   C N S 15  
ARG C    C N N 16  
ARG O    O N N 17  
ARG CB   C N N 18  
ARG CG   C N N 19  
ARG CD   C N N 20  
ARG NE   N N N 21  
ARG CZ   C N N 22  
ARG NH1  N N N 23  
ARG NH2  N N N 24  
ARG OXT  O N N 25  
ARG H    H N N 26  
ARG H2   H N N 27  
ARG HA   H N N 28  
ARG HB2  H N N 29  
ARG HB3  H N N 30  
ARG HG2  H N N 31  
ARG HG3  H N N 32  
ARG HD2  H N N 33  
ARG HD3  H N N 34  
ARG HE   H N N 35  
ARG HH11 H N N 36  
ARG HH12 H N N 37  
ARG HH21 H N N 38  
ARG HH22 H N N 39  
ARG HXT  H N N 40  
ASN N    N N N 41  
ASN CA   C N S 42  
ASN C    C N N 43  
ASN O    O N N 44  
ASN CB   C N N 45  
ASN CG   C N N 46  
ASN OD1  O N N 47  
ASN ND2  N N N 48  
ASN OXT  O N N 49  
ASN H    H N N 50  
ASN H2   H N N 51  
ASN HA   H N N 52  
ASN HB2  H N N 53  
ASN HB3  H N N 54  
ASN HD21 H N N 55  
ASN HD22 H N N 56  
ASN HXT  H N N 57  
ASP N    N N N 58  
ASP CA   C N S 59  
ASP C    C N N 60  
ASP O    O N N 61  
ASP CB   C N N 62  
ASP CG   C N N 63  
ASP OD1  O N N 64  
ASP OD2  O N N 65  
ASP OXT  O N N 66  
ASP H    H N N 67  
ASP H2   H N N 68  
ASP HA   H N N 69  
ASP HB2  H N N 70  
ASP HB3  H N N 71  
ASP HD2  H N N 72  
ASP HXT  H N N 73  
GLN N    N N N 74  
GLN CA   C N S 75  
GLN C    C N N 76  
GLN O    O N N 77  
GLN CB   C N N 78  
GLN CG   C N N 79  
GLN CD   C N N 80  
GLN OE1  O N N 81  
GLN NE2  N N N 82  
GLN OXT  O N N 83  
GLN H    H N N 84  
GLN H2   H N N 85  
GLN HA   H N N 86  
GLN HB2  H N N 87  
GLN HB3  H N N 88  
GLN HG2  H N N 89  
GLN HG3  H N N 90  
GLN HE21 H N N 91  
GLN HE22 H N N 92  
GLN HXT  H N N 93  
GLU N    N N N 94  
GLU CA   C N S 95  
GLU C    C N N 96  
GLU O    O N N 97  
GLU CB   C N N 98  
GLU CG   C N N 99  
GLU CD   C N N 100 
GLU OE1  O N N 101 
GLU OE2  O N N 102 
GLU OXT  O N N 103 
GLU H    H N N 104 
GLU H2   H N N 105 
GLU HA   H N N 106 
GLU HB2  H N N 107 
GLU HB3  H N N 108 
GLU HG2  H N N 109 
GLU HG3  H N N 110 
GLU HE2  H N N 111 
GLU HXT  H N N 112 
GLY N    N N N 113 
GLY CA   C N N 114 
GLY C    C N N 115 
GLY O    O N N 116 
GLY OXT  O N N 117 
GLY H    H N N 118 
GLY H2   H N N 119 
GLY HA2  H N N 120 
GLY HA3  H N N 121 
GLY HXT  H N N 122 
HIS N    N N N 123 
HIS CA   C N S 124 
HIS C    C N N 125 
HIS O    O N N 126 
HIS CB   C N N 127 
HIS CG   C Y N 128 
HIS ND1  N Y N 129 
HIS CD2  C Y N 130 
HIS CE1  C Y N 131 
HIS NE2  N Y N 132 
HIS OXT  O N N 133 
HIS H    H N N 134 
HIS H2   H N N 135 
HIS HA   H N N 136 
HIS HB2  H N N 137 
HIS HB3  H N N 138 
HIS HD1  H N N 139 
HIS HD2  H N N 140 
HIS HE1  H N N 141 
HIS HE2  H N N 142 
HIS HXT  H N N 143 
HOH O    O N N 144 
HOH H1   H N N 145 
HOH H2   H N N 146 
ILE N    N N N 147 
ILE CA   C N S 148 
ILE C    C N N 149 
ILE O    O N N 150 
ILE CB   C N S 151 
ILE CG1  C N N 152 
ILE CG2  C N N 153 
ILE CD1  C N N 154 
ILE OXT  O N N 155 
ILE H    H N N 156 
ILE H2   H N N 157 
ILE HA   H N N 158 
ILE HB   H N N 159 
ILE HG12 H N N 160 
ILE HG13 H N N 161 
ILE HG21 H N N 162 
ILE HG22 H N N 163 
ILE HG23 H N N 164 
ILE HD11 H N N 165 
ILE HD12 H N N 166 
ILE HD13 H N N 167 
ILE HXT  H N N 168 
LEU N    N N N 169 
LEU CA   C N S 170 
LEU C    C N N 171 
LEU O    O N N 172 
LEU CB   C N N 173 
LEU CG   C N N 174 
LEU CD1  C N N 175 
LEU CD2  C N N 176 
LEU OXT  O N N 177 
LEU H    H N N 178 
LEU H2   H N N 179 
LEU HA   H N N 180 
LEU HB2  H N N 181 
LEU HB3  H N N 182 
LEU HG   H N N 183 
LEU HD11 H N N 184 
LEU HD12 H N N 185 
LEU HD13 H N N 186 
LEU HD21 H N N 187 
LEU HD22 H N N 188 
LEU HD23 H N N 189 
LEU HXT  H N N 190 
LYS N    N N N 191 
LYS CA   C N S 192 
LYS C    C N N 193 
LYS O    O N N 194 
LYS CB   C N N 195 
LYS CG   C N N 196 
LYS CD   C N N 197 
LYS CE   C N N 198 
LYS NZ   N N N 199 
LYS OXT  O N N 200 
LYS H    H N N 201 
LYS H2   H N N 202 
LYS HA   H N N 203 
LYS HB2  H N N 204 
LYS HB3  H N N 205 
LYS HG2  H N N 206 
LYS HG3  H N N 207 
LYS HD2  H N N 208 
LYS HD3  H N N 209 
LYS HE2  H N N 210 
LYS HE3  H N N 211 
LYS HZ1  H N N 212 
LYS HZ2  H N N 213 
LYS HZ3  H N N 214 
LYS HXT  H N N 215 
MET N    N N N 216 
MET CA   C N S 217 
MET C    C N N 218 
MET O    O N N 219 
MET CB   C N N 220 
MET CG   C N N 221 
MET SD   S N N 222 
MET CE   C N N 223 
MET OXT  O N N 224 
MET H    H N N 225 
MET H2   H N N 226 
MET HA   H N N 227 
MET HB2  H N N 228 
MET HB3  H N N 229 
MET HG2  H N N 230 
MET HG3  H N N 231 
MET HE1  H N N 232 
MET HE2  H N N 233 
MET HE3  H N N 234 
MET HXT  H N N 235 
PHE N    N N N 236 
PHE CA   C N S 237 
PHE C    C N N 238 
PHE O    O N N 239 
PHE CB   C N N 240 
PHE CG   C Y N 241 
PHE CD1  C Y N 242 
PHE CD2  C Y N 243 
PHE CE1  C Y N 244 
PHE CE2  C Y N 245 
PHE CZ   C Y N 246 
PHE OXT  O N N 247 
PHE H    H N N 248 
PHE H2   H N N 249 
PHE HA   H N N 250 
PHE HB2  H N N 251 
PHE HB3  H N N 252 
PHE HD1  H N N 253 
PHE HD2  H N N 254 
PHE HE1  H N N 255 
PHE HE2  H N N 256 
PHE HZ   H N N 257 
PHE HXT  H N N 258 
PRO N    N N N 259 
PRO CA   C N S 260 
PRO C    C N N 261 
PRO O    O N N 262 
PRO CB   C N N 263 
PRO CG   C N N 264 
PRO CD   C N N 265 
PRO OXT  O N N 266 
PRO H    H N N 267 
PRO HA   H N N 268 
PRO HB2  H N N 269 
PRO HB3  H N N 270 
PRO HG2  H N N 271 
PRO HG3  H N N 272 
PRO HD2  H N N 273 
PRO HD3  H N N 274 
PRO HXT  H N N 275 
SER N    N N N 276 
SER CA   C N S 277 
SER C    C N N 278 
SER O    O N N 279 
SER CB   C N N 280 
SER OG   O N N 281 
SER OXT  O N N 282 
SER H    H N N 283 
SER H2   H N N 284 
SER HA   H N N 285 
SER HB2  H N N 286 
SER HB3  H N N 287 
SER HG   H N N 288 
SER HXT  H N N 289 
THR N    N N N 290 
THR CA   C N S 291 
THR C    C N N 292 
THR O    O N N 293 
THR CB   C N R 294 
THR OG1  O N N 295 
THR CG2  C N N 296 
THR OXT  O N N 297 
THR H    H N N 298 
THR H2   H N N 299 
THR HA   H N N 300 
THR HB   H N N 301 
THR HG1  H N N 302 
THR HG21 H N N 303 
THR HG22 H N N 304 
THR HG23 H N N 305 
THR HXT  H N N 306 
TRP N    N N N 307 
TRP CA   C N S 308 
TRP C    C N N 309 
TRP O    O N N 310 
TRP CB   C N N 311 
TRP CG   C Y N 312 
TRP CD1  C Y N 313 
TRP CD2  C Y N 314 
TRP NE1  N Y N 315 
TRP CE2  C Y N 316 
TRP CE3  C Y N 317 
TRP CZ2  C Y N 318 
TRP CZ3  C Y N 319 
TRP CH2  C Y N 320 
TRP OXT  O N N 321 
TRP H    H N N 322 
TRP H2   H N N 323 
TRP HA   H N N 324 
TRP HB2  H N N 325 
TRP HB3  H N N 326 
TRP HD1  H N N 327 
TRP HE1  H N N 328 
TRP HE3  H N N 329 
TRP HZ2  H N N 330 
TRP HZ3  H N N 331 
TRP HH2  H N N 332 
TRP HXT  H N N 333 
TYR N    N N N 334 
TYR CA   C N S 335 
TYR C    C N N 336 
TYR O    O N N 337 
TYR CB   C N N 338 
TYR CG   C Y N 339 
TYR CD1  C Y N 340 
TYR CD2  C Y N 341 
TYR CE1  C Y N 342 
TYR CE2  C Y N 343 
TYR CZ   C Y N 344 
TYR OH   O N N 345 
TYR OXT  O N N 346 
TYR H    H N N 347 
TYR H2   H N N 348 
TYR HA   H N N 349 
TYR HB2  H N N 350 
TYR HB3  H N N 351 
TYR HD1  H N N 352 
TYR HD2  H N N 353 
TYR HE1  H N N 354 
TYR HE2  H N N 355 
TYR HH   H N N 356 
TYR HXT  H N N 357 
VAL N    N N N 358 
VAL CA   C N S 359 
VAL C    C N N 360 
VAL O    O N N 361 
VAL CB   C N N 362 
VAL CG1  C N N 363 
VAL CG2  C N N 364 
VAL OXT  O N N 365 
VAL H    H N N 366 
VAL H2   H N N 367 
VAL HA   H N N 368 
VAL HB   H N N 369 
VAL HG11 H N N 370 
VAL HG12 H N N 371 
VAL HG13 H N N 372 
VAL HG21 H N N 373 
VAL HG22 H N N 374 
VAL HG23 H N N 375 
VAL HXT  H N N 376 
# 
loop_
_chem_comp_bond.comp_id 
_chem_comp_bond.atom_id_1 
_chem_comp_bond.atom_id_2 
_chem_comp_bond.value_order 
_chem_comp_bond.pdbx_aromatic_flag 
_chem_comp_bond.pdbx_stereo_config 
_chem_comp_bond.pdbx_ordinal 
ALA N   CA   sing N N 1   
ALA N   H    sing N N 2   
ALA N   H2   sing N N 3   
ALA CA  C    sing N N 4   
ALA CA  CB   sing N N 5   
ALA CA  HA   sing N N 6   
ALA C   O    doub N N 7   
ALA C   OXT  sing N N 8   
ALA CB  HB1  sing N N 9   
ALA CB  HB2  sing N N 10  
ALA CB  HB3  sing N N 11  
ALA OXT HXT  sing N N 12  
ARG N   CA   sing N N 13  
ARG N   H    sing N N 14  
ARG N   H2   sing N N 15  
ARG CA  C    sing N N 16  
ARG CA  CB   sing N N 17  
ARG CA  HA   sing N N 18  
ARG C   O    doub N N 19  
ARG C   OXT  sing N N 20  
ARG CB  CG   sing N N 21  
ARG CB  HB2  sing N N 22  
ARG CB  HB3  sing N N 23  
ARG CG  CD   sing N N 24  
ARG CG  HG2  sing N N 25  
ARG CG  HG3  sing N N 26  
ARG CD  NE   sing N N 27  
ARG CD  HD2  sing N N 28  
ARG CD  HD3  sing N N 29  
ARG NE  CZ   sing N N 30  
ARG NE  HE   sing N N 31  
ARG CZ  NH1  sing N N 32  
ARG CZ  NH2  doub N N 33  
ARG NH1 HH11 sing N N 34  
ARG NH1 HH12 sing N N 35  
ARG NH2 HH21 sing N N 36  
ARG NH2 HH22 sing N N 37  
ARG OXT HXT  sing N N 38  
ASN N   CA   sing N N 39  
ASN N   H    sing N N 40  
ASN N   H2   sing N N 41  
ASN CA  C    sing N N 42  
ASN CA  CB   sing N N 43  
ASN CA  HA   sing N N 44  
ASN C   O    doub N N 45  
ASN C   OXT  sing N N 46  
ASN CB  CG   sing N N 47  
ASN CB  HB2  sing N N 48  
ASN CB  HB3  sing N N 49  
ASN CG  OD1  doub N N 50  
ASN CG  ND2  sing N N 51  
ASN ND2 HD21 sing N N 52  
ASN ND2 HD22 sing N N 53  
ASN OXT HXT  sing N N 54  
ASP N   CA   sing N N 55  
ASP N   H    sing N N 56  
ASP N   H2   sing N N 57  
ASP CA  C    sing N N 58  
ASP CA  CB   sing N N 59  
ASP CA  HA   sing N N 60  
ASP C   O    doub N N 61  
ASP C   OXT  sing N N 62  
ASP CB  CG   sing N N 63  
ASP CB  HB2  sing N N 64  
ASP CB  HB3  sing N N 65  
ASP CG  OD1  doub N N 66  
ASP CG  OD2  sing N N 67  
ASP OD2 HD2  sing N N 68  
ASP OXT HXT  sing N N 69  
GLN N   CA   sing N N 70  
GLN N   H    sing N N 71  
GLN N   H2   sing N N 72  
GLN CA  C    sing N N 73  
GLN CA  CB   sing N N 74  
GLN CA  HA   sing N N 75  
GLN C   O    doub N N 76  
GLN C   OXT  sing N N 77  
GLN CB  CG   sing N N 78  
GLN CB  HB2  sing N N 79  
GLN CB  HB3  sing N N 80  
GLN CG  CD   sing N N 81  
GLN CG  HG2  sing N N 82  
GLN CG  HG3  sing N N 83  
GLN CD  OE1  doub N N 84  
GLN CD  NE2  sing N N 85  
GLN NE2 HE21 sing N N 86  
GLN NE2 HE22 sing N N 87  
GLN OXT HXT  sing N N 88  
GLU N   CA   sing N N 89  
GLU N   H    sing N N 90  
GLU N   H2   sing N N 91  
GLU CA  C    sing N N 92  
GLU CA  CB   sing N N 93  
GLU CA  HA   sing N N 94  
GLU C   O    doub N N 95  
GLU C   OXT  sing N N 96  
GLU CB  CG   sing N N 97  
GLU CB  HB2  sing N N 98  
GLU CB  HB3  sing N N 99  
GLU CG  CD   sing N N 100 
GLU CG  HG2  sing N N 101 
GLU CG  HG3  sing N N 102 
GLU CD  OE1  doub N N 103 
GLU CD  OE2  sing N N 104 
GLU OE2 HE2  sing N N 105 
GLU OXT HXT  sing N N 106 
GLY N   CA   sing N N 107 
GLY N   H    sing N N 108 
GLY N   H2   sing N N 109 
GLY CA  C    sing N N 110 
GLY CA  HA2  sing N N 111 
GLY CA  HA3  sing N N 112 
GLY C   O    doub N N 113 
GLY C   OXT  sing N N 114 
GLY OXT HXT  sing N N 115 
HIS N   CA   sing N N 116 
HIS N   H    sing N N 117 
HIS N   H2   sing N N 118 
HIS CA  C    sing N N 119 
HIS CA  CB   sing N N 120 
HIS CA  HA   sing N N 121 
HIS C   O    doub N N 122 
HIS C   OXT  sing N N 123 
HIS CB  CG   sing N N 124 
HIS CB  HB2  sing N N 125 
HIS CB  HB3  sing N N 126 
HIS CG  ND1  sing Y N 127 
HIS CG  CD2  doub Y N 128 
HIS ND1 CE1  doub Y N 129 
HIS ND1 HD1  sing N N 130 
HIS CD2 NE2  sing Y N 131 
HIS CD2 HD2  sing N N 132 
HIS CE1 NE2  sing Y N 133 
HIS CE1 HE1  sing N N 134 
HIS NE2 HE2  sing N N 135 
HIS OXT HXT  sing N N 136 
HOH O   H1   sing N N 137 
HOH O   H2   sing N N 138 
ILE N   CA   sing N N 139 
ILE N   H    sing N N 140 
ILE N   H2   sing N N 141 
ILE CA  C    sing N N 142 
ILE CA  CB   sing N N 143 
ILE CA  HA   sing N N 144 
ILE C   O    doub N N 145 
ILE C   OXT  sing N N 146 
ILE CB  CG1  sing N N 147 
ILE CB  CG2  sing N N 148 
ILE CB  HB   sing N N 149 
ILE CG1 CD1  sing N N 150 
ILE CG1 HG12 sing N N 151 
ILE CG1 HG13 sing N N 152 
ILE CG2 HG21 sing N N 153 
ILE CG2 HG22 sing N N 154 
ILE CG2 HG23 sing N N 155 
ILE CD1 HD11 sing N N 156 
ILE CD1 HD12 sing N N 157 
ILE CD1 HD13 sing N N 158 
ILE OXT HXT  sing N N 159 
LEU N   CA   sing N N 160 
LEU N   H    sing N N 161 
LEU N   H2   sing N N 162 
LEU CA  C    sing N N 163 
LEU CA  CB   sing N N 164 
LEU CA  HA   sing N N 165 
LEU C   O    doub N N 166 
LEU C   OXT  sing N N 167 
LEU CB  CG   sing N N 168 
LEU CB  HB2  sing N N 169 
LEU CB  HB3  sing N N 170 
LEU CG  CD1  sing N N 171 
LEU CG  CD2  sing N N 172 
LEU CG  HG   sing N N 173 
LEU CD1 HD11 sing N N 174 
LEU CD1 HD12 sing N N 175 
LEU CD1 HD13 sing N N 176 
LEU CD2 HD21 sing N N 177 
LEU CD2 HD22 sing N N 178 
LEU CD2 HD23 sing N N 179 
LEU OXT HXT  sing N N 180 
LYS N   CA   sing N N 181 
LYS N   H    sing N N 182 
LYS N   H2   sing N N 183 
LYS CA  C    sing N N 184 
LYS CA  CB   sing N N 185 
LYS CA  HA   sing N N 186 
LYS C   O    doub N N 187 
LYS C   OXT  sing N N 188 
LYS CB  CG   sing N N 189 
LYS CB  HB2  sing N N 190 
LYS CB  HB3  sing N N 191 
LYS CG  CD   sing N N 192 
LYS CG  HG2  sing N N 193 
LYS CG  HG3  sing N N 194 
LYS CD  CE   sing N N 195 
LYS CD  HD2  sing N N 196 
LYS CD  HD3  sing N N 197 
LYS CE  NZ   sing N N 198 
LYS CE  HE2  sing N N 199 
LYS CE  HE3  sing N N 200 
LYS NZ  HZ1  sing N N 201 
LYS NZ  HZ2  sing N N 202 
LYS NZ  HZ3  sing N N 203 
LYS OXT HXT  sing N N 204 
MET N   CA   sing N N 205 
MET N   H    sing N N 206 
MET N   H2   sing N N 207 
MET CA  C    sing N N 208 
MET CA  CB   sing N N 209 
MET CA  HA   sing N N 210 
MET C   O    doub N N 211 
MET C   OXT  sing N N 212 
MET CB  CG   sing N N 213 
MET CB  HB2  sing N N 214 
MET CB  HB3  sing N N 215 
MET CG  SD   sing N N 216 
MET CG  HG2  sing N N 217 
MET CG  HG3  sing N N 218 
MET SD  CE   sing N N 219 
MET CE  HE1  sing N N 220 
MET CE  HE2  sing N N 221 
MET CE  HE3  sing N N 222 
MET OXT HXT  sing N N 223 
PHE N   CA   sing N N 224 
PHE N   H    sing N N 225 
PHE N   H2   sing N N 226 
PHE CA  C    sing N N 227 
PHE CA  CB   sing N N 228 
PHE CA  HA   sing N N 229 
PHE C   O    doub N N 230 
PHE C   OXT  sing N N 231 
PHE CB  CG   sing N N 232 
PHE CB  HB2  sing N N 233 
PHE CB  HB3  sing N N 234 
PHE CG  CD1  doub Y N 235 
PHE CG  CD2  sing Y N 236 
PHE CD1 CE1  sing Y N 237 
PHE CD1 HD1  sing N N 238 
PHE CD2 CE2  doub Y N 239 
PHE CD2 HD2  sing N N 240 
PHE CE1 CZ   doub Y N 241 
PHE CE1 HE1  sing N N 242 
PHE CE2 CZ   sing Y N 243 
PHE CE2 HE2  sing N N 244 
PHE CZ  HZ   sing N N 245 
PHE OXT HXT  sing N N 246 
PRO N   CA   sing N N 247 
PRO N   CD   sing N N 248 
PRO N   H    sing N N 249 
PRO CA  C    sing N N 250 
PRO CA  CB   sing N N 251 
PRO CA  HA   sing N N 252 
PRO C   O    doub N N 253 
PRO C   OXT  sing N N 254 
PRO CB  CG   sing N N 255 
PRO CB  HB2  sing N N 256 
PRO CB  HB3  sing N N 257 
PRO CG  CD   sing N N 258 
PRO CG  HG2  sing N N 259 
PRO CG  HG3  sing N N 260 
PRO CD  HD2  sing N N 261 
PRO CD  HD3  sing N N 262 
PRO OXT HXT  sing N N 263 
SER N   CA   sing N N 264 
SER N   H    sing N N 265 
SER N   H2   sing N N 266 
SER CA  C    sing N N 267 
SER CA  CB   sing N N 268 
SER CA  HA   sing N N 269 
SER C   O    doub N N 270 
SER C   OXT  sing N N 271 
SER CB  OG   sing N N 272 
SER CB  HB2  sing N N 273 
SER CB  HB3  sing N N 274 
SER OG  HG   sing N N 275 
SER OXT HXT  sing N N 276 
THR N   CA   sing N N 277 
THR N   H    sing N N 278 
THR N   H2   sing N N 279 
THR CA  C    sing N N 280 
THR CA  CB   sing N N 281 
THR CA  HA   sing N N 282 
THR C   O    doub N N 283 
THR C   OXT  sing N N 284 
THR CB  OG1  sing N N 285 
THR CB  CG2  sing N N 286 
THR CB  HB   sing N N 287 
THR OG1 HG1  sing N N 288 
THR CG2 HG21 sing N N 289 
THR CG2 HG22 sing N N 290 
THR CG2 HG23 sing N N 291 
THR OXT HXT  sing N N 292 
TRP N   CA   sing N N 293 
TRP N   H    sing N N 294 
TRP N   H2   sing N N 295 
TRP CA  C    sing N N 296 
TRP CA  CB   sing N N 297 
TRP CA  HA   sing N N 298 
TRP C   O    doub N N 299 
TRP C   OXT  sing N N 300 
TRP CB  CG   sing N N 301 
TRP CB  HB2  sing N N 302 
TRP CB  HB3  sing N N 303 
TRP CG  CD1  doub Y N 304 
TRP CG  CD2  sing Y N 305 
TRP CD1 NE1  sing Y N 306 
TRP CD1 HD1  sing N N 307 
TRP CD2 CE2  doub Y N 308 
TRP CD2 CE3  sing Y N 309 
TRP NE1 CE2  sing Y N 310 
TRP NE1 HE1  sing N N 311 
TRP CE2 CZ2  sing Y N 312 
TRP CE3 CZ3  doub Y N 313 
TRP CE3 HE3  sing N N 314 
TRP CZ2 CH2  doub Y N 315 
TRP CZ2 HZ2  sing N N 316 
TRP CZ3 CH2  sing Y N 317 
TRP CZ3 HZ3  sing N N 318 
TRP CH2 HH2  sing N N 319 
TRP OXT HXT  sing N N 320 
TYR N   CA   sing N N 321 
TYR N   H    sing N N 322 
TYR N   H2   sing N N 323 
TYR CA  C    sing N N 324 
TYR CA  CB   sing N N 325 
TYR CA  HA   sing N N 326 
TYR C   O    doub N N 327 
TYR C   OXT  sing N N 328 
TYR CB  CG   sing N N 329 
TYR CB  HB2  sing N N 330 
TYR CB  HB3  sing N N 331 
TYR CG  CD1  doub Y N 332 
TYR CG  CD2  sing Y N 333 
TYR CD1 CE1  sing Y N 334 
TYR CD1 HD1  sing N N 335 
TYR CD2 CE2  doub Y N 336 
TYR CD2 HD2  sing N N 337 
TYR CE1 CZ   doub Y N 338 
TYR CE1 HE1  sing N N 339 
TYR CE2 CZ   sing Y N 340 
TYR CE2 HE2  sing N N 341 
TYR CZ  OH   sing N N 342 
TYR OH  HH   sing N N 343 
TYR OXT HXT  sing N N 344 
VAL N   CA   sing N N 345 
VAL N   H    sing N N 346 
VAL N   H2   sing N N 347 
VAL CA  C    sing N N 348 
VAL CA  CB   sing N N 349 
VAL CA  HA   sing N N 350 
VAL C   O    doub N N 351 
VAL C   OXT  sing N N 352 
VAL CB  CG1  sing N N 353 
VAL CB  CG2  sing N N 354 
VAL CB  HB   sing N N 355 
VAL CG1 HG11 sing N N 356 
VAL CG1 HG12 sing N N 357 
VAL CG1 HG13 sing N N 358 
VAL CG2 HG21 sing N N 359 
VAL CG2 HG22 sing N N 360 
VAL CG2 HG23 sing N N 361 
VAL OXT HXT  sing N N 362 
# 
_pdbx_entity_nonpoly.entity_id   3 
_pdbx_entity_nonpoly.name        water 
_pdbx_entity_nonpoly.comp_id     HOH 
# 
_pdbx_initial_refinement_model.id               1 
_pdbx_initial_refinement_model.entity_id_list   ? 
_pdbx_initial_refinement_model.type             'experimental model' 
_pdbx_initial_refinement_model.source_name      PDB 
_pdbx_initial_refinement_model.accession_code   2O9S 
_pdbx_initial_refinement_model.details          ? 
# 
